data_8GIX
#
_entry.id   8GIX
#
_cell.length_a   1.00
_cell.length_b   1.00
_cell.length_c   1.00
_cell.angle_alpha   90.00
_cell.angle_beta   90.00
_cell.angle_gamma   90.00
#
_symmetry.space_group_name_H-M   'P 1'
#
loop_
_entity.id
_entity.type
_entity.pdbx_description
1 polymer 'Histone transcription regulator 3 homolog'
2 non-polymer "3,3',3''-phosphanetriyltripropanoic acid"
#
_entity_poly.entity_id   1
_entity_poly.type   'polypeptide(L)'
_entity_poly.pdbx_seq_one_letter_code
;MAAFSAINVEPEDNVDEEYDTTKEVQVEEALKLFQTALKLHAQGPQFFDQASRAYAALFQSEIFKYPESKTDYERAEAGQ
DVAAAAFIPGVEILGADIDGASTLPQTFYLSYKNHGQFILDRIKHRTRTENIGKEELLNDADVRKDAYQALYNFCVALDR
DPSDADLWRKAARLAAFLRSPRITRYSLEAAIEMDDDPAVDEVNPPSLAEGFAGEQLKQQLQVLDDKIALTHPIMKPFLE
KDIPPYLAEYLDPMPFLPDPSKQLAVPGQQSPSVENARLTIGLSNISWTELGTALVNLAKEEGLSSKGISIQLPATSSDE
DVQMEVDAQLQLPKSQPPPAQLDVGQVDGDNTEHPAEVGVKVEEPEPAELEPASANDESSKDQGSSRKRSQSAAGIPDTQ
EDEAADLKRSKRTRRRDTTADEAMDSATFFATQLQPLQAADQNLFQATKNLLENLGVTDRVTLDRIAEVLDSCASDDRTS
KFQNPATVDLRNALMNFDEDVAAILLNQRELPQLNLSTFLEHAKSGSQRALEAPAFDDARGLRGFVERLGDAWNTIHDVA
YGYVKALADFYTDFKWSEPLRATVIQLINSLDSSIYDGIVHDLEACQSITKDSSFSKLASLAQMLLELHLDVLDRVNESN
GSAEEITKVEAKGRLRRWMELVTKVLRMRDLEQAGTLPLRYLWAAVTSTTLAKEAPREHILNCWYSLRDYLTGSVSAEIS
LPNNSVMPEISLSAADREISKLTTMDFFLGIFQEEMSDPVSVIENLEPVLSPESVQICVPVSETDSLENSNDTSKSKVKK
LPITECASQELLDLWKFLNSSSTELRLLLWSRLAEAYGRIKYTTKQFSCFLRSIEVIVADFEGEEYASTPPEARKTLFMG
MLKALDDLIIQSLHLALNDNSSFDIIDEDHLRSSMSAIAKVSCMLHVAAMYEDEGRIGILPSPANGSPQKSFLNKLQEMQ
VRTWSLQYTMLKVGINQHPDIFPKPENDLAEFLAAVHQVLGLRKCCKSSNRIFLKMMRVELLKQKNIENWEDYLGQVLYD
LHGLKLGVGVWDVQDHGCEPENLEKRQALQLVEKVAMLANRMSMKDLLKSDLKTTIERMQQAIGSAKSSPQMSHNLRNYT
EYLKSPIHPLHMYQALTGGVHLDAVSINTPESAPAKQGWFFLLGMIALTKFKGVDLNRRQTPGATDDLRIAATFLRLQLQ
YTPDRWDAWFRLAECFDYELEEAVLWTADKMNKERAELVKFQRHAIHSYIMALSHSYAWASNPAALTSLEDDEEALYDMY
HEFGMRLYSSSREPFAMEPFEHGDHKRFFIEPEGAGTYKKIVHNQMTDYQVWKFAAHLFRKAMVGKPKDWKNPYMVAKCL
WKMYQKPTEELDEKNRRHRPTVQMVLDALEKTIEVVSALPKPRHGQEPILEPHYKIVSVIWKLVKRGDLSPQEATKVLQR
QPYSPDHGKEVSVETAEDFKAYIIRCLRYLRDKDKSNWQHRLIIRHARVLFDENTDMNRPDAVEAAKAAFGVLRENMFTK
TMVMNVWKCDAERPGRHHVYTERYIRYVVKLLDVMNDRTNMGALLRRIRKKGADFYHFNELWQYCVHTYVKLLRDTFNIP
VSEEDVFKTLTPEEFDVVGEKIADWAATPDAENHDALGAMKEAVELKKLNANLMKAGLIDDLIADCYTAVYSYVRPELPR
PERTPLPDTTPSSPKSENVPPPPADAVDLKSRLLHTLVTRDKEPSTSSILGSLRAGSSELQDRSEKHSVAGDVPQRAHRV
GVGIRRPNIIRKAEQAVQAALRAAEGAAARAGTNGSSTGPSGTKSRVGSISSLRAGRTATRGEDEEDSEGDEDGDVEMKE
AEGEGPIAGRRSRRQSNATNKSTGAVADEDEASDVSSPPGSLHDSADDESELSDVPADYEDDAPPALLFPNLRRSVDAGT
PGSGEEDETETEHDTGNRSGEEEEQEEEAEDGSEEGDEDAAVEDHEENEETDKGVDVEEHADDEEGEEDIEETEEQGNDG
DSKVQDDAMEVEGEEAEDSEATEEGDDSIIFTQQNHIVTSQSEQNGVPQAHRKSPYIPMLSPAPQPILTFSQELSECTTN
PPTGMTIELPNEADLHRWHVTLEGPENTVYAGGKFGIVVTLPPEYPFKAPNITFATRIYHPNVTNDSLGHICLGLLKSEN
WKPSTRLASVLEAVRGLLVEPQPEDPLEARIADEYRRDRKEFEKNARTYVQRYAKGPVKWEDSVTSTTTASSGSS
;
_entity_poly.pdbx_strand_id   D,E
#
# COMPACT_ATOMS: atom_id res chain seq x y z
N SER A 426 -33.28 25.80 -51.54
CA SER A 426 -33.31 26.48 -50.25
C SER A 426 -33.44 25.47 -49.10
N ALA A 427 -34.50 24.64 -49.17
CA ALA A 427 -34.71 23.64 -48.13
C ALA A 427 -33.70 22.49 -48.26
N THR A 428 -33.39 22.09 -49.49
CA THR A 428 -32.36 21.07 -49.72
C THR A 428 -30.98 21.61 -49.35
N PHE A 429 -30.74 22.91 -49.58
CA PHE A 429 -29.51 23.55 -49.13
C PHE A 429 -29.42 23.59 -47.61
N PHE A 430 -30.55 23.86 -46.94
CA PHE A 430 -30.61 23.84 -45.48
C PHE A 430 -30.36 22.43 -44.94
N ALA A 431 -30.92 21.42 -45.60
CA ALA A 431 -30.69 20.04 -45.18
C ALA A 431 -29.25 19.61 -45.45
N THR A 432 -28.65 20.12 -46.52
CA THR A 432 -27.25 19.83 -46.84
C THR A 432 -26.31 20.45 -45.81
N GLN A 433 -26.62 21.68 -45.37
CA GLN A 433 -25.82 22.30 -44.33
C GLN A 433 -26.03 21.63 -42.97
N LEU A 434 -27.28 21.28 -42.66
CA LEU A 434 -27.57 20.73 -41.34
C LEU A 434 -27.16 19.27 -41.23
N GLN A 435 -26.98 18.58 -42.35
CA GLN A 435 -26.74 17.14 -42.36
C GLN A 435 -25.46 16.65 -41.69
N PRO A 436 -24.24 17.19 -41.94
CA PRO A 436 -23.07 16.54 -41.31
C PRO A 436 -22.92 16.84 -39.83
N LEU A 437 -23.37 18.01 -39.37
CA LEU A 437 -23.36 18.28 -37.95
C LEU A 437 -24.39 17.44 -37.21
N GLN A 438 -25.55 17.23 -37.83
CA GLN A 438 -26.54 16.31 -37.25
C GLN A 438 -26.04 14.88 -37.28
N ALA A 439 -25.23 14.52 -38.28
CA ALA A 439 -24.61 13.20 -38.32
C ALA A 439 -23.60 13.05 -37.21
N ALA A 440 -22.85 14.12 -36.93
CA ALA A 440 -21.91 14.13 -35.81
C ALA A 440 -22.64 14.00 -34.47
N ASP A 441 -23.77 14.70 -34.34
CA ASP A 441 -24.60 14.60 -33.14
C ASP A 441 -25.19 13.21 -32.98
N GLN A 442 -25.64 12.62 -34.08
CA GLN A 442 -26.23 11.28 -34.06
C GLN A 442 -25.19 10.24 -33.69
N ASN A 443 -23.98 10.36 -34.23
CA ASN A 443 -22.91 9.42 -33.89
C ASN A 443 -22.43 9.65 -32.46
N LEU A 444 -22.51 10.89 -31.98
CA LEU A 444 -22.13 11.18 -30.60
C LEU A 444 -23.11 10.56 -29.62
N PHE A 445 -24.40 10.74 -29.87
CA PHE A 445 -25.40 10.14 -29.01
C PHE A 445 -25.45 8.63 -29.14
N GLN A 446 -25.13 8.10 -30.32
CA GLN A 446 -25.11 6.66 -30.51
C GLN A 446 -23.94 6.01 -29.78
N ALA A 447 -22.75 6.62 -29.88
CA ALA A 447 -21.60 6.12 -29.13
C ALA A 447 -21.80 6.33 -27.64
N THR A 448 -22.50 7.40 -27.26
CA THR A 448 -22.91 7.61 -25.87
C THR A 448 -23.82 6.50 -25.39
N LYS A 449 -24.78 6.11 -26.23
CA LYS A 449 -25.72 5.04 -25.92
C LYS A 449 -25.01 3.70 -25.79
N ASN A 450 -24.02 3.45 -26.64
CA ASN A 450 -23.21 2.24 -26.53
C ASN A 450 -22.38 2.24 -25.25
N LEU A 451 -21.86 3.41 -24.86
CA LEU A 451 -21.12 3.52 -23.61
C LEU A 451 -22.03 3.35 -22.40
N LEU A 452 -23.30 3.75 -22.53
CA LEU A 452 -24.27 3.50 -21.48
C LEU A 452 -24.56 2.01 -21.35
N GLU A 453 -24.81 1.36 -22.48
CA GLU A 453 -25.22 -0.04 -22.48
C GLU A 453 -24.06 -0.97 -22.15
N ASN A 454 -22.82 -0.49 -22.29
CA ASN A 454 -21.67 -1.26 -21.84
C ASN A 454 -21.63 -1.41 -20.33
N LEU A 455 -22.19 -0.45 -19.60
CA LEU A 455 -22.08 -0.41 -18.15
C LEU A 455 -23.32 -0.93 -17.44
N GLY A 456 -24.23 -1.57 -18.16
CA GLY A 456 -25.44 -2.07 -17.53
C GLY A 456 -26.46 -1.02 -17.18
N VAL A 457 -26.44 0.13 -17.86
CA VAL A 457 -27.46 1.15 -17.66
C VAL A 457 -28.73 0.67 -18.36
N THR A 458 -29.71 0.25 -17.56
CA THR A 458 -30.94 -0.34 -18.09
C THR A 458 -32.13 0.60 -17.98
N ASP A 459 -31.88 1.90 -17.79
CA ASP A 459 -32.97 2.87 -17.73
C ASP A 459 -33.48 3.12 -19.14
N ARG A 460 -34.59 2.48 -19.48
CA ARG A 460 -35.14 2.57 -20.83
C ARG A 460 -35.75 3.93 -21.11
N VAL A 461 -36.06 4.70 -20.06
CA VAL A 461 -36.48 6.09 -20.24
C VAL A 461 -35.33 6.92 -20.80
N THR A 462 -34.11 6.68 -20.31
CA THR A 462 -32.93 7.37 -20.82
C THR A 462 -32.62 6.96 -22.25
N LEU A 463 -32.76 5.67 -22.55
CA LEU A 463 -32.57 5.18 -23.92
C LEU A 463 -33.62 5.73 -24.85
N ASP A 464 -34.86 5.88 -24.36
CA ASP A 464 -35.93 6.41 -25.19
C ASP A 464 -35.76 7.91 -25.42
N ARG A 465 -35.25 8.63 -24.41
CA ARG A 465 -34.91 10.03 -24.60
C ARG A 465 -33.78 10.21 -25.59
N ILE A 466 -32.77 9.33 -25.53
CA ILE A 466 -31.65 9.37 -26.46
C ILE A 466 -32.12 9.04 -27.87
N ALA A 467 -33.01 8.05 -28.01
CA ALA A 467 -33.56 7.70 -29.32
C ALA A 467 -34.48 8.79 -29.85
N GLU A 468 -35.16 9.51 -28.95
CA GLU A 468 -35.95 10.67 -29.35
C GLU A 468 -35.04 11.77 -29.89
N VAL A 469 -33.90 11.97 -29.25
CA VAL A 469 -32.89 12.91 -29.73
C VAL A 469 -32.35 12.48 -31.08
N LEU A 470 -32.13 11.17 -31.24
CA LEU A 470 -31.60 10.61 -32.49
C LEU A 470 -32.57 10.79 -33.66
N ASP A 471 -33.85 10.52 -33.41
CA ASP A 471 -34.85 10.68 -34.46
C ASP A 471 -35.16 12.15 -34.72
N SER A 472 -35.00 12.99 -33.70
CA SER A 472 -35.13 14.44 -33.89
C SER A 472 -34.00 14.97 -34.77
N CYS A 473 -32.77 14.51 -34.52
CA CYS A 473 -31.64 14.86 -35.36
C CYS A 473 -31.69 14.19 -36.72
N ALA A 474 -32.50 13.15 -36.88
CA ALA A 474 -32.80 12.60 -38.20
C ALA A 474 -33.90 13.37 -38.92
N SER A 475 -34.48 14.39 -38.28
CA SER A 475 -35.55 15.18 -38.85
C SER A 475 -35.10 16.63 -39.00
N ASP A 476 -35.72 17.31 -39.97
CA ASP A 476 -35.47 18.74 -40.13
C ASP A 476 -36.07 19.53 -38.98
N ASP A 477 -37.33 19.25 -38.64
CA ASP A 477 -37.96 19.81 -37.45
C ASP A 477 -37.63 18.92 -36.25
N ARG A 478 -36.46 19.18 -35.69
CA ARG A 478 -35.98 18.43 -34.53
C ARG A 478 -36.81 18.72 -33.29
N THR A 479 -37.27 19.96 -33.14
CA THR A 479 -38.02 20.36 -31.96
C THR A 479 -39.44 19.80 -31.94
N SER A 480 -39.96 19.35 -33.08
CA SER A 480 -41.32 18.80 -33.11
C SER A 480 -41.37 17.41 -32.49
N LYS A 481 -40.32 16.61 -32.67
CA LYS A 481 -40.35 15.22 -32.23
C LYS A 481 -40.17 15.06 -30.73
N PHE A 482 -39.74 16.10 -30.02
CA PHE A 482 -39.57 16.00 -28.58
C PHE A 482 -40.92 15.98 -27.88
N GLN A 483 -41.09 15.01 -26.98
CA GLN A 483 -42.33 14.83 -26.26
C GLN A 483 -42.19 14.93 -24.75
N ASN A 484 -40.99 15.21 -24.26
CA ASN A 484 -40.81 15.57 -22.86
C ASN A 484 -41.47 16.92 -22.62
N PRO A 485 -42.18 17.11 -21.51
CA PRO A 485 -42.86 18.39 -21.29
C PRO A 485 -41.93 19.55 -20.97
N ALA A 486 -40.84 19.29 -20.26
CA ALA A 486 -39.93 20.37 -19.91
C ALA A 486 -39.12 20.83 -21.13
N THR A 487 -38.86 19.93 -22.07
CA THR A 487 -38.14 20.30 -23.28
C THR A 487 -39.00 21.16 -24.19
N VAL A 488 -40.30 20.86 -24.28
CA VAL A 488 -41.15 21.72 -25.09
C VAL A 488 -41.51 22.98 -24.34
N ASP A 489 -41.39 22.97 -23.00
CA ASP A 489 -41.44 24.22 -22.25
C ASP A 489 -40.23 25.09 -22.56
N LEU A 490 -39.06 24.46 -22.70
CA LEU A 490 -37.87 25.18 -23.14
C LEU A 490 -38.03 25.68 -24.57
N ARG A 491 -38.70 24.90 -25.42
CA ARG A 491 -38.98 25.30 -26.78
C ARG A 491 -39.90 26.51 -26.83
N ASN A 492 -40.91 26.55 -25.95
CA ASN A 492 -41.78 27.71 -25.85
C ASN A 492 -41.05 28.89 -25.24
N ALA A 493 -40.09 28.64 -24.34
CA ALA A 493 -39.33 29.72 -23.74
C ALA A 493 -38.38 30.34 -24.74
N LEU A 494 -37.78 29.52 -25.60
CA LEU A 494 -36.89 30.05 -26.63
C LEU A 494 -37.69 30.69 -27.76
N MET A 495 -38.87 30.13 -28.06
CA MET A 495 -39.73 30.72 -29.08
C MET A 495 -40.37 32.01 -28.59
N ASN A 496 -40.92 31.99 -27.38
CA ASN A 496 -41.51 33.18 -26.77
C ASN A 496 -40.55 33.64 -25.68
N PHE A 497 -39.68 34.58 -26.03
CA PHE A 497 -38.69 35.10 -25.10
C PHE A 497 -39.37 35.97 -24.05
N ASP A 498 -39.01 35.74 -22.79
CA ASP A 498 -39.50 36.52 -21.66
C ASP A 498 -38.30 37.11 -20.93
N GLU A 499 -38.39 38.39 -20.57
CA GLU A 499 -37.22 39.11 -20.08
C GLU A 499 -36.88 38.72 -18.64
N ASP A 500 -37.87 38.76 -17.75
CA ASP A 500 -37.65 38.46 -16.34
C ASP A 500 -37.42 36.97 -16.12
N VAL A 501 -38.06 36.12 -16.93
CA VAL A 501 -37.86 34.68 -16.83
C VAL A 501 -36.44 34.32 -17.23
N ALA A 502 -35.90 34.98 -18.27
CA ALA A 502 -34.50 34.80 -18.60
C ALA A 502 -33.59 35.48 -17.58
N ALA A 503 -34.07 36.51 -16.90
CA ALA A 503 -33.29 37.17 -15.85
C ALA A 503 -33.20 36.33 -14.59
N ILE A 504 -34.16 35.39 -14.42
CA ILE A 504 -34.08 34.41 -13.33
C ILE A 504 -32.85 33.53 -13.50
N LEU A 505 -32.62 33.03 -14.71
CA LEU A 505 -31.40 32.29 -14.99
C LEU A 505 -30.20 33.23 -15.03
N LEU A 506 -30.41 34.49 -15.41
CA LEU A 506 -29.35 35.47 -15.38
C LEU A 506 -29.20 36.05 -13.97
N SER A 757 -24.58 23.91 15.36
CA SER A 757 -23.64 24.23 14.30
C SER A 757 -22.70 23.06 14.04
N ASP A 758 -22.85 22.00 14.82
CA ASP A 758 -22.02 20.81 14.65
C ASP A 758 -22.45 20.04 13.41
N PRO A 759 -21.55 19.77 12.47
CA PRO A 759 -21.96 19.04 11.25
C PRO A 759 -22.24 17.57 11.50
N VAL A 760 -21.65 16.98 12.55
CA VAL A 760 -21.85 15.56 12.83
C VAL A 760 -23.27 15.30 13.32
N SER A 761 -23.87 16.29 13.99
CA SER A 761 -25.27 16.17 14.39
C SER A 761 -26.21 16.20 13.20
N VAL A 762 -25.92 17.07 12.22
CA VAL A 762 -26.83 17.28 11.09
C VAL A 762 -26.82 16.07 10.15
N ILE A 763 -25.65 15.47 9.95
CA ILE A 763 -25.56 14.29 9.08
C ILE A 763 -26.19 13.08 9.75
N GLU A 764 -26.24 13.07 11.08
CA GLU A 764 -26.99 12.03 11.79
C GLU A 764 -28.49 12.24 11.63
N ASN A 765 -28.92 13.48 11.37
CA ASN A 765 -30.33 13.72 11.16
C ASN A 765 -30.78 13.37 9.74
N LEU A 766 -30.01 13.81 8.74
CA LEU A 766 -30.53 13.85 7.37
C LEU A 766 -30.27 12.58 6.57
N GLU A 767 -29.20 11.84 6.87
CA GLU A 767 -28.82 10.65 6.12
C GLU A 767 -29.86 9.51 6.15
N PRO A 768 -30.51 9.15 7.28
CA PRO A 768 -31.63 8.20 7.16
C PRO A 768 -32.84 8.76 6.43
N VAL A 769 -33.04 10.08 6.49
CA VAL A 769 -34.12 10.71 5.71
C VAL A 769 -33.82 10.65 4.23
N LEU A 770 -32.56 10.87 3.87
CA LEU A 770 -32.15 10.86 2.48
C LEU A 770 -31.20 9.70 2.19
N GLN A 809 -40.33 4.71 12.74
CA GLN A 809 -41.73 5.00 12.43
C GLN A 809 -41.88 6.40 11.88
N GLU A 810 -41.30 7.38 12.58
CA GLU A 810 -41.41 8.77 12.15
C GLU A 810 -40.54 9.06 10.94
N LEU A 811 -39.56 8.19 10.66
CA LEU A 811 -38.83 8.23 9.39
C LEU A 811 -39.77 7.97 8.22
N LEU A 812 -40.68 7.01 8.38
CA LEU A 812 -41.68 6.74 7.35
C LEU A 812 -42.67 7.89 7.23
N ASP A 813 -42.95 8.56 8.35
CA ASP A 813 -43.78 9.76 8.31
C ASP A 813 -43.05 10.91 7.65
N LEU A 814 -41.74 11.04 7.90
CA LEU A 814 -40.94 12.05 7.22
C LEU A 814 -40.77 11.72 5.75
N TRP A 815 -40.72 10.43 5.41
CA TRP A 815 -40.73 10.01 4.01
C TRP A 815 -42.07 10.34 3.36
N LYS A 816 -43.16 10.19 4.11
CA LYS A 816 -44.45 10.69 3.65
C LYS A 816 -44.45 12.21 3.58
N PHE A 817 -43.77 12.86 4.54
CA PHE A 817 -43.62 14.31 4.49
C PHE A 817 -42.71 14.74 3.35
N LEU A 818 -41.77 13.88 2.97
CA LEU A 818 -40.92 14.13 1.80
C LEU A 818 -41.74 14.12 0.52
N ASN A 819 -42.71 13.21 0.42
CA ASN A 819 -43.55 13.14 -0.76
C ASN A 819 -44.55 14.28 -0.84
N SER A 820 -44.93 14.85 0.30
CA SER A 820 -45.89 15.95 0.32
C SER A 820 -45.24 17.31 0.17
N SER A 821 -43.91 17.37 0.15
CA SER A 821 -43.19 18.63 0.18
C SER A 821 -42.81 19.06 -1.24
N SER A 822 -42.42 20.33 -1.35
CA SER A 822 -41.92 20.85 -2.61
C SER A 822 -40.50 20.37 -2.88
N THR A 823 -40.14 20.35 -4.16
CA THR A 823 -38.78 19.96 -4.53
C THR A 823 -37.80 21.06 -4.20
N GLU A 824 -38.25 22.31 -4.20
CA GLU A 824 -37.40 23.43 -3.80
C GLU A 824 -37.06 23.36 -2.32
N LEU A 825 -37.97 22.83 -1.50
CA LEU A 825 -37.66 22.61 -0.09
C LEU A 825 -36.69 21.45 0.08
N ARG A 826 -36.73 20.49 -0.86
CA ARG A 826 -35.95 19.26 -0.73
C ARG A 826 -34.47 19.51 -0.95
N LEU A 827 -34.12 20.40 -1.89
CA LEU A 827 -32.72 20.61 -2.23
C LEU A 827 -31.98 21.37 -1.14
N LEU A 828 -32.71 22.13 -0.33
CA LEU A 828 -32.10 22.79 0.82
C LEU A 828 -31.68 21.77 1.88
N LEU A 829 -32.40 20.65 1.97
CA LEU A 829 -31.98 19.56 2.84
C LEU A 829 -30.70 18.92 2.31
N TRP A 830 -30.58 18.84 0.98
CA TRP A 830 -29.34 18.38 0.38
C TRP A 830 -28.22 19.38 0.59
N SER A 831 -28.54 20.67 0.49
CA SER A 831 -27.51 21.71 0.58
C SER A 831 -27.01 21.85 2.00
N ARG A 832 -27.89 21.68 2.98
CA ARG A 832 -27.46 21.63 4.38
C ARG A 832 -26.61 20.40 4.64
N LEU A 833 -26.97 19.27 4.01
CA LEU A 833 -26.18 18.05 4.13
C LEU A 833 -24.82 18.19 3.46
N ALA A 834 -24.79 18.85 2.31
CA ALA A 834 -23.52 19.07 1.61
C ALA A 834 -22.65 20.08 2.34
N GLU A 835 -23.29 21.01 3.05
CA GLU A 835 -22.56 21.94 3.91
C GLU A 835 -21.91 21.21 5.07
N ALA A 836 -22.63 20.25 5.66
CA ALA A 836 -22.09 19.45 6.76
C ALA A 836 -20.96 18.55 6.29
N TYR A 837 -21.06 18.02 5.07
CA TYR A 837 -19.94 17.31 4.48
C TYR A 837 -18.81 18.26 4.12
N GLY A 838 -19.15 19.50 3.77
CA GLY A 838 -18.12 20.49 3.52
C GLY A 838 -17.42 20.95 4.79
N ARG A 839 -18.14 20.91 5.92
CA ARG A 839 -17.54 21.28 7.20
C ARG A 839 -16.53 20.24 7.65
N ILE A 840 -16.86 18.95 7.50
CA ILE A 840 -15.92 17.87 7.84
C ILE A 840 -14.99 17.54 6.70
N LYS A 841 -15.10 18.25 5.57
CA LYS A 841 -14.28 18.09 4.36
C LYS A 841 -14.39 16.69 3.76
N TYR A 842 -15.54 16.04 3.95
CA TYR A 842 -15.84 14.78 3.28
C TYR A 842 -16.38 15.11 1.88
N THR A 843 -15.44 15.38 0.98
CA THR A 843 -15.77 15.88 -0.34
C THR A 843 -16.40 14.79 -1.22
N THR A 844 -16.04 13.52 -0.96
CA THR A 844 -16.61 12.41 -1.71
C THR A 844 -18.10 12.25 -1.40
N LYS A 845 -18.46 12.34 -0.11
CA LYS A 845 -19.86 12.37 0.28
C LYS A 845 -20.53 13.65 -0.21
N GLN A 846 -19.78 14.74 -0.24
CA GLN A 846 -20.28 15.99 -0.82
C GLN A 846 -20.49 15.84 -2.32
N PHE A 847 -19.57 15.13 -3.00
CA PHE A 847 -19.75 14.84 -4.43
C PHE A 847 -20.91 13.89 -4.66
N SER A 848 -21.13 12.98 -3.73
CA SER A 848 -22.25 12.04 -3.84
C SER A 848 -23.58 12.77 -3.70
N CYS A 849 -23.69 13.62 -2.68
CA CYS A 849 -24.95 14.30 -2.42
C CYS A 849 -25.21 15.43 -3.42
N PHE A 850 -24.15 15.88 -4.11
CA PHE A 850 -24.36 16.69 -5.31
C PHE A 850 -25.08 15.89 -6.37
N LEU A 851 -24.68 14.64 -6.55
CA LEU A 851 -25.30 13.80 -7.56
C LEU A 851 -26.68 13.32 -7.12
N ARG A 852 -26.84 13.08 -5.81
CA ARG A 852 -28.13 12.66 -5.28
C ARG A 852 -29.16 13.77 -5.32
N SER A 853 -28.70 15.02 -5.28
CA SER A 853 -29.63 16.15 -5.34
C SER A 853 -30.17 16.34 -6.75
N ILE A 854 -29.33 16.11 -7.76
CA ILE A 854 -29.67 16.41 -9.13
C ILE A 854 -30.72 15.45 -9.67
N GLU A 855 -30.61 14.17 -9.30
CA GLU A 855 -31.49 13.14 -9.85
C GLU A 855 -32.93 13.26 -9.33
N VAL A 856 -33.11 13.91 -8.18
CA VAL A 856 -34.45 14.19 -7.69
C VAL A 856 -35.12 15.24 -8.57
N ILE A 857 -34.35 16.23 -9.05
CA ILE A 857 -34.93 17.32 -9.84
C ILE A 857 -35.29 16.83 -11.24
N VAL A 858 -34.68 15.73 -11.68
CA VAL A 858 -35.05 15.13 -12.96
C VAL A 858 -36.34 14.33 -12.81
N ALA A 859 -36.52 13.69 -11.66
CA ALA A 859 -37.72 12.90 -11.39
C ALA A 859 -38.96 13.78 -11.31
N ASP A 860 -38.82 14.95 -10.69
CA ASP A 860 -39.93 15.90 -10.68
C ASP A 860 -40.04 16.67 -11.99
N PHE A 861 -38.98 16.69 -12.81
CA PHE A 861 -39.13 17.20 -14.16
C PHE A 861 -39.99 16.27 -15.00
N GLU A 862 -39.87 14.97 -14.76
CA GLU A 862 -40.78 13.99 -15.36
C GLU A 862 -41.94 13.64 -14.45
N GLY A 863 -42.10 14.36 -13.34
CA GLY A 863 -43.22 14.11 -12.46
C GLY A 863 -44.53 14.58 -13.05
N GLU A 864 -45.62 13.99 -12.57
CA GLU A 864 -46.95 14.39 -13.04
C GLU A 864 -47.39 15.70 -12.42
N GLU A 865 -46.75 16.12 -11.33
CA GLU A 865 -46.99 17.46 -10.79
C GLU A 865 -46.50 18.53 -11.76
N TYR A 866 -45.39 18.25 -12.45
CA TYR A 866 -44.98 19.08 -13.56
C TYR A 866 -45.98 18.99 -14.71
N ALA A 867 -46.55 17.81 -14.93
CA ALA A 867 -47.54 17.64 -16.00
C ALA A 867 -48.86 18.31 -15.62
N SER A 868 -49.19 18.35 -14.34
CA SER A 868 -50.43 18.99 -13.91
C SER A 868 -50.28 20.50 -13.73
N THR A 869 -49.07 21.02 -13.90
CA THR A 869 -48.83 22.44 -13.70
C THR A 869 -49.46 23.25 -14.83
N PRO A 870 -50.14 24.36 -14.52
CA PRO A 870 -50.53 25.30 -15.58
C PRO A 870 -49.30 25.90 -16.23
N PRO A 871 -49.37 26.21 -17.53
CA PRO A 871 -48.15 26.61 -18.26
C PRO A 871 -47.61 27.97 -17.89
N GLU A 872 -48.47 28.86 -17.39
CA GLU A 872 -47.98 30.15 -16.88
C GLU A 872 -47.18 29.95 -15.61
N ALA A 873 -47.63 29.02 -14.77
CA ALA A 873 -46.83 28.63 -13.61
C ALA A 873 -45.62 27.79 -14.03
N ARG A 874 -45.75 27.03 -15.11
CA ARG A 874 -44.70 26.08 -15.49
C ARG A 874 -43.50 26.79 -16.11
N LYS A 875 -43.67 28.04 -16.52
CA LYS A 875 -42.54 28.83 -17.01
C LYS A 875 -41.56 29.14 -15.88
N THR A 876 -42.05 29.81 -14.84
CA THR A 876 -41.17 30.35 -13.81
C THR A 876 -40.72 29.27 -12.85
N LEU A 877 -41.57 28.28 -12.58
CA LEU A 877 -41.22 27.24 -11.61
C LEU A 877 -40.13 26.33 -12.14
N PHE A 878 -40.18 26.01 -13.43
CA PHE A 878 -39.12 25.23 -14.05
C PHE A 878 -37.84 26.03 -14.16
N MET A 879 -37.97 27.34 -14.42
CA MET A 879 -36.80 28.20 -14.62
C MET A 879 -36.00 28.37 -13.35
N GLY A 880 -36.67 28.33 -12.19
CA GLY A 880 -35.96 28.28 -10.94
C GLY A 880 -35.22 26.96 -10.74
N MET A 881 -35.81 25.87 -11.21
CA MET A 881 -35.19 24.55 -11.06
C MET A 881 -33.98 24.40 -11.96
N LEU A 882 -34.04 24.95 -13.17
CA LEU A 882 -32.92 24.84 -14.09
C LEU A 882 -31.75 25.71 -13.66
N LYS A 883 -32.04 26.89 -13.10
CA LYS A 883 -31.00 27.76 -12.57
C LYS A 883 -30.37 27.15 -11.32
N ALA A 884 -31.18 26.47 -10.50
CA ALA A 884 -30.63 25.73 -9.37
C ALA A 884 -29.85 24.52 -9.83
N LEU A 885 -30.23 23.95 -10.97
CA LEU A 885 -29.48 22.83 -11.55
C LEU A 885 -28.12 23.27 -12.04
N ASP A 886 -27.98 24.54 -12.45
CA ASP A 886 -26.73 25.08 -12.99
C ASP A 886 -25.63 25.08 -11.95
N ASP A 887 -25.90 25.66 -10.78
CA ASP A 887 -24.84 25.93 -9.83
C ASP A 887 -24.40 24.68 -9.08
N LEU A 888 -25.26 23.66 -9.02
CA LEU A 888 -24.85 22.37 -8.49
C LEU A 888 -23.83 21.70 -9.42
N ILE A 889 -24.02 21.85 -10.72
CA ILE A 889 -23.11 21.27 -11.71
C ILE A 889 -21.76 21.99 -11.66
N ILE A 890 -21.78 23.30 -11.42
CA ILE A 890 -20.57 24.12 -11.35
C ILE A 890 -19.69 23.68 -10.18
N GLN A 891 -20.32 23.41 -9.04
CA GLN A 891 -19.57 22.92 -7.88
C GLN A 891 -19.10 21.48 -8.07
N SER A 892 -19.95 20.64 -8.67
CA SER A 892 -19.64 19.22 -8.80
C SER A 892 -18.52 18.98 -9.81
N LEU A 893 -18.56 19.70 -10.94
CA LEU A 893 -17.50 19.61 -11.94
C LEU A 893 -16.19 20.15 -11.39
N HIS A 894 -16.27 21.20 -10.56
CA HIS A 894 -15.09 21.69 -9.86
C HIS A 894 -14.58 20.67 -8.85
N LEU A 895 -15.48 19.92 -8.22
CA LEU A 895 -15.04 18.83 -7.36
C LEU A 895 -14.55 17.65 -8.20
N ALA A 896 -15.11 17.48 -9.39
CA ALA A 896 -14.65 16.40 -10.26
C ALA A 896 -13.28 16.70 -10.84
N LEU A 897 -13.07 17.92 -11.31
CA LEU A 897 -11.81 18.26 -11.98
C LEU A 897 -10.66 18.39 -10.99
N ASN A 898 -10.89 19.09 -9.88
CA ASN A 898 -9.79 19.45 -9.00
C ASN A 898 -9.52 18.42 -7.92
N ASP A 899 -10.45 17.50 -7.67
CA ASP A 899 -10.27 16.47 -6.66
C ASP A 899 -10.44 15.10 -7.30
N ASN A 900 -9.42 14.26 -7.13
CA ASN A 900 -9.46 12.89 -7.64
C ASN A 900 -10.27 11.97 -6.73
N SER A 901 -10.47 12.35 -5.47
CA SER A 901 -11.15 11.50 -4.50
C SER A 901 -12.67 11.68 -4.52
N SER A 902 -13.23 12.21 -5.60
CA SER A 902 -14.67 12.44 -5.64
C SER A 902 -15.44 11.14 -5.86
N PHE A 903 -14.78 10.11 -6.38
CA PHE A 903 -15.46 8.92 -6.89
C PHE A 903 -15.18 7.68 -6.04
N ASP A 904 -14.98 7.87 -4.73
CA ASP A 904 -14.58 6.74 -3.90
C ASP A 904 -15.78 5.95 -3.40
N ILE A 905 -16.77 6.63 -2.83
CA ILE A 905 -17.95 5.96 -2.30
C ILE A 905 -19.00 5.71 -3.35
N ILE A 906 -18.77 6.16 -4.59
CA ILE A 906 -19.78 6.08 -5.64
C ILE A 906 -19.82 4.65 -6.16
N ASP A 907 -20.92 3.95 -5.85
CA ASP A 907 -21.15 2.63 -6.40
C ASP A 907 -21.68 2.74 -7.82
N GLU A 908 -21.87 1.58 -8.46
CA GLU A 908 -22.29 1.54 -9.86
C GLU A 908 -23.71 2.02 -10.04
N ASP A 909 -24.63 1.53 -9.21
CA ASP A 909 -26.04 1.85 -9.39
C ASP A 909 -26.35 3.29 -8.96
N HIS A 910 -25.56 3.83 -8.03
CA HIS A 910 -25.62 5.26 -7.78
C HIS A 910 -25.11 6.03 -9.00
N LEU A 911 -24.01 5.55 -9.59
CA LEU A 911 -23.49 6.16 -10.80
C LEU A 911 -24.43 5.96 -11.97
N ARG A 912 -25.05 4.77 -12.06
CA ARG A 912 -25.99 4.49 -13.15
C ARG A 912 -27.25 5.35 -13.06
N SER A 913 -27.63 5.70 -11.83
CA SER A 913 -28.68 6.70 -11.67
C SER A 913 -28.17 8.09 -11.99
N SER A 914 -26.87 8.31 -11.81
CA SER A 914 -26.34 9.68 -11.87
C SER A 914 -26.27 10.20 -13.29
N MET A 915 -25.47 9.53 -14.15
CA MET A 915 -25.22 10.07 -15.48
C MET A 915 -26.43 9.96 -16.40
N SER A 916 -27.35 9.03 -16.08
CA SER A 916 -28.58 8.89 -16.85
C SER A 916 -29.44 10.13 -16.71
N ALA A 917 -29.43 10.72 -15.52
CA ALA A 917 -30.00 12.04 -15.34
C ALA A 917 -29.20 13.09 -16.11
N ILE A 918 -27.88 12.97 -16.09
CA ILE A 918 -27.01 13.96 -16.74
C ILE A 918 -27.16 13.86 -18.26
N ALA A 919 -27.29 12.62 -18.76
CA ALA A 919 -27.55 12.41 -20.18
C ALA A 919 -28.91 12.95 -20.58
N LYS A 920 -29.91 12.77 -19.72
CA LYS A 920 -31.22 13.37 -19.92
C LYS A 920 -31.13 14.90 -19.86
N VAL A 921 -30.28 15.42 -18.97
CA VAL A 921 -30.00 16.85 -18.94
C VAL A 921 -29.26 17.26 -20.21
N SER A 922 -28.35 16.40 -20.67
CA SER A 922 -27.68 16.64 -21.95
C SER A 922 -28.66 16.50 -23.10
N CYS A 923 -29.62 15.58 -22.97
CA CYS A 923 -30.72 15.53 -23.94
C CYS A 923 -31.58 16.78 -23.85
N MET A 924 -31.79 17.27 -22.62
CA MET A 924 -32.58 18.48 -22.40
C MET A 924 -31.90 19.71 -22.99
N LEU A 925 -30.59 19.82 -22.79
CA LEU A 925 -29.85 20.96 -23.31
C LEU A 925 -29.69 20.87 -24.82
N HIS A 926 -29.79 19.66 -25.38
CA HIS A 926 -29.72 19.52 -26.82
C HIS A 926 -30.96 20.07 -27.49
N VAL A 927 -32.10 20.07 -26.79
CA VAL A 927 -33.29 20.76 -27.28
C VAL A 927 -33.05 22.26 -27.36
N ALA A 928 -32.33 22.81 -26.38
CA ALA A 928 -31.94 24.21 -26.44
C ALA A 928 -30.89 24.44 -27.52
N ALA A 929 -30.12 23.40 -27.87
CA ALA A 929 -29.12 23.54 -28.90
C ALA A 929 -29.73 23.60 -30.29
N MET A 930 -30.98 23.16 -30.44
CA MET A 930 -31.63 23.18 -31.74
C MET A 930 -31.95 24.60 -32.18
N TYR A 931 -32.24 25.48 -31.22
CA TYR A 931 -32.61 26.86 -31.53
C TYR A 931 -31.44 27.65 -32.09
N GLU A 932 -30.23 27.36 -31.60
CA GLU A 932 -29.08 28.17 -31.97
C GLU A 932 -28.61 27.86 -33.39
N ASP A 933 -28.56 26.58 -33.75
CA ASP A 933 -28.05 26.20 -35.07
C ASP A 933 -29.06 26.52 -36.15
N GLU A 934 -30.35 26.42 -35.83
CA GLU A 934 -31.38 26.96 -36.72
C GLU A 934 -31.33 28.48 -36.75
N GLY A 935 -30.95 29.10 -35.64
CA GLY A 935 -30.71 30.53 -35.65
C GLY A 935 -29.41 30.92 -36.33
N ARG A 936 -28.48 29.97 -36.45
CA ARG A 936 -27.20 30.25 -37.10
C ARG A 936 -27.37 30.43 -38.60
N ILE A 937 -28.16 29.56 -39.24
CA ILE A 937 -28.39 29.65 -40.67
C ILE A 937 -29.22 30.86 -41.07
N GLY A 938 -30.23 31.22 -40.29
CA GLY A 938 -31.08 32.34 -40.61
C GLY A 938 -32.53 31.99 -40.89
N ILE A 939 -32.95 30.75 -40.61
CA ILE A 939 -34.38 30.43 -40.65
C ILE A 939 -35.10 31.13 -39.51
N LEU A 940 -34.56 31.03 -38.35
CA LEU A 940 -34.94 31.67 -37.11
C LEU A 940 -34.37 33.09 -37.07
N PRO A 941 -35.03 34.02 -36.36
CA PRO A 941 -34.43 35.35 -36.16
C PRO A 941 -33.24 35.31 -35.21
N SER A 942 -32.06 35.65 -35.73
CA SER A 942 -30.85 35.68 -34.90
C SER A 942 -30.89 36.88 -33.96
N PRO A 943 -30.51 36.71 -32.69
CA PRO A 943 -30.49 37.86 -31.78
C PRO A 943 -29.36 38.82 -32.11
N ALA A 944 -29.60 40.10 -31.86
CA ALA A 944 -28.59 41.13 -32.10
C ALA A 944 -27.47 41.03 -31.07
N ASN A 945 -26.32 41.58 -31.42
CA ASN A 945 -25.22 41.66 -30.47
C ASN A 945 -25.53 42.69 -29.40
N GLY A 946 -25.39 42.27 -28.14
CA GLY A 946 -25.79 43.08 -27.01
C GLY A 946 -27.20 42.83 -26.52
N SER A 947 -27.99 42.03 -27.24
CA SER A 947 -29.31 41.69 -26.77
C SER A 947 -29.22 40.68 -25.62
N PRO A 948 -30.15 40.76 -24.65
CA PRO A 948 -30.16 39.76 -23.58
C PRO A 948 -30.52 38.36 -24.03
N GLN A 949 -31.21 38.22 -25.17
CA GLN A 949 -31.51 36.91 -25.74
C GLN A 949 -30.23 36.20 -26.17
N LYS A 950 -29.32 36.94 -26.83
CA LYS A 950 -28.03 36.40 -27.21
C LYS A 950 -27.19 36.07 -25.99
N SER A 951 -27.28 36.91 -24.96
CA SER A 951 -26.59 36.64 -23.70
C SER A 951 -27.20 35.45 -22.98
N PHE A 952 -28.51 35.21 -23.17
CA PHE A 952 -29.16 34.07 -22.56
C PHE A 952 -28.69 32.76 -23.18
N LEU A 953 -28.38 32.80 -24.49
CA LEU A 953 -27.90 31.61 -25.20
C LEU A 953 -26.56 31.13 -24.67
N ASN A 954 -25.65 32.07 -24.42
CA ASN A 954 -24.34 31.72 -23.88
C ASN A 954 -24.45 31.26 -22.44
N LYS A 955 -25.43 31.81 -21.70
CA LYS A 955 -25.72 31.35 -20.35
C LYS A 955 -26.23 29.92 -20.35
N LEU A 956 -26.99 29.53 -21.37
CA LEU A 956 -27.34 28.13 -21.54
C LEU A 956 -26.15 27.29 -21.96
N GLN A 957 -25.34 27.82 -22.87
CA GLN A 957 -24.37 26.98 -23.56
C GLN A 957 -23.15 26.72 -22.71
N GLU A 958 -22.87 27.61 -21.75
CA GLU A 958 -21.77 27.37 -20.82
C GLU A 958 -22.07 26.20 -19.89
N MET A 959 -23.36 25.94 -19.63
CA MET A 959 -23.73 24.75 -18.90
C MET A 959 -23.51 23.49 -19.73
N GLN A 960 -23.77 23.57 -21.04
CA GLN A 960 -23.62 22.41 -21.91
C GLN A 960 -22.15 22.04 -22.08
N VAL A 961 -21.28 23.05 -22.07
CA VAL A 961 -19.85 22.81 -21.99
C VAL A 961 -19.50 22.11 -20.68
N ARG A 962 -20.14 22.54 -19.59
CA ARG A 962 -19.91 21.89 -18.30
C ARG A 962 -20.56 20.51 -18.25
N THR A 963 -21.64 20.31 -19.01
CA THR A 963 -22.45 19.11 -18.87
C THR A 963 -21.73 17.87 -19.40
N TRP A 964 -21.22 17.96 -20.62
CA TRP A 964 -20.54 16.82 -21.22
C TRP A 964 -19.22 16.54 -20.55
N SER A 965 -18.56 17.59 -20.04
CA SER A 965 -17.34 17.41 -19.27
C SER A 965 -17.63 16.74 -17.94
N LEU A 966 -18.75 17.09 -17.32
CA LEU A 966 -19.22 16.36 -16.16
C LEU A 966 -19.61 14.94 -16.53
N GLN A 967 -20.20 14.78 -17.73
CA GLN A 967 -20.48 13.44 -18.24
C GLN A 967 -19.20 12.68 -18.54
N TYR A 968 -18.15 13.39 -18.95
CA TYR A 968 -16.86 12.77 -19.21
C TYR A 968 -16.22 12.23 -17.93
N THR A 969 -16.40 12.95 -16.83
CA THR A 969 -15.89 12.49 -15.53
C THR A 969 -16.63 11.25 -15.07
N MET A 970 -17.93 11.18 -15.33
CA MET A 970 -18.67 9.94 -15.12
C MET A 970 -18.24 8.87 -16.11
N LEU A 971 -17.91 9.29 -17.33
CA LEU A 971 -17.46 8.33 -18.34
C LEU A 971 -16.08 7.79 -18.02
N LYS A 972 -15.19 8.63 -17.47
CA LYS A 972 -13.83 8.20 -17.16
C LYS A 972 -13.82 7.20 -16.00
N VAL A 973 -14.67 7.42 -14.99
CA VAL A 973 -14.89 6.40 -13.98
C VAL A 973 -15.62 5.20 -14.59
N GLY A 974 -16.54 5.47 -15.54
CA GLY A 974 -17.25 4.39 -16.20
C GLY A 974 -16.37 3.55 -17.11
N ILE A 975 -15.42 4.19 -17.80
CA ILE A 975 -14.46 3.46 -18.63
C ILE A 975 -13.55 2.62 -17.75
N ASN A 976 -13.12 3.18 -16.62
CA ASN A 976 -12.35 2.42 -15.64
C ASN A 976 -13.23 1.41 -14.94
N GLN A 977 -12.57 0.50 -14.21
CA GLN A 977 -13.08 -0.69 -13.51
C GLN A 977 -13.75 -1.71 -14.44
N HIS A 978 -13.59 -1.59 -15.77
CA HIS A 978 -14.16 -2.53 -16.72
C HIS A 978 -13.10 -2.93 -17.75
N PRO A 979 -12.13 -3.77 -17.37
CA PRO A 979 -11.07 -4.11 -18.32
C PRO A 979 -11.52 -5.09 -19.39
N ASP A 980 -12.50 -5.94 -19.08
CA ASP A 980 -13.07 -6.87 -20.05
C ASP A 980 -13.97 -6.17 -21.05
N ILE A 981 -14.46 -4.98 -20.73
CA ILE A 981 -15.41 -4.27 -21.57
C ILE A 981 -14.70 -3.29 -22.50
N PHE A 982 -13.66 -2.63 -22.01
CA PHE A 982 -12.91 -1.63 -22.79
C PHE A 982 -11.44 -2.03 -22.80
N PRO A 983 -11.03 -2.87 -23.75
CA PRO A 983 -9.60 -3.22 -23.85
C PRO A 983 -8.74 -2.08 -24.36
N LYS A 984 -9.32 -1.09 -25.03
CA LYS A 984 -8.61 0.12 -25.45
C LYS A 984 -9.23 1.33 -24.77
N PRO A 985 -8.94 1.52 -23.46
CA PRO A 985 -9.71 2.50 -22.69
C PRO A 985 -9.37 3.94 -22.99
N GLU A 986 -8.16 4.20 -23.49
CA GLU A 986 -7.76 5.56 -23.82
C GLU A 986 -8.50 6.07 -25.05
N ASN A 987 -8.67 5.20 -26.05
CA ASN A 987 -9.21 5.63 -27.33
C ASN A 987 -10.70 5.91 -27.25
N ASP A 988 -11.44 5.09 -26.50
CA ASP A 988 -12.88 5.26 -26.37
C ASP A 988 -13.22 6.52 -25.58
N LEU A 989 -12.37 6.84 -24.59
CA LEU A 989 -12.44 8.14 -23.94
C LEU A 989 -12.10 9.25 -24.92
N ALA A 990 -11.11 9.01 -25.79
CA ALA A 990 -10.72 10.02 -26.76
C ALA A 990 -11.77 10.16 -27.86
N GLU A 991 -12.45 9.05 -28.20
CA GLU A 991 -13.47 9.08 -29.25
C GLU A 991 -14.64 9.96 -28.85
N PHE A 992 -15.01 9.94 -27.58
CA PHE A 992 -16.01 10.85 -27.06
C PHE A 992 -15.51 12.29 -27.10
N LEU A 993 -14.25 12.49 -26.70
CA LEU A 993 -13.69 13.84 -26.66
C LEU A 993 -13.46 14.39 -28.05
N ALA A 994 -13.13 13.51 -29.01
CA ALA A 994 -13.06 13.93 -30.40
C ALA A 994 -14.43 14.31 -30.93
N ALA A 995 -15.46 13.55 -30.51
CA ALA A 995 -16.80 13.81 -31.02
C ALA A 995 -17.39 15.09 -30.44
N VAL A 996 -17.16 15.33 -29.15
CA VAL A 996 -17.73 16.49 -28.48
C VAL A 996 -17.10 17.78 -28.98
N HIS A 997 -15.77 17.77 -29.13
CA HIS A 997 -15.07 18.94 -29.67
C HIS A 997 -15.38 19.14 -31.14
N GLN A 998 -15.72 18.06 -31.85
CA GLN A 998 -16.30 18.22 -33.18
C GLN A 998 -17.67 18.87 -33.10
N VAL A 999 -18.48 18.47 -32.11
CA VAL A 999 -19.84 18.99 -31.97
C VAL A 999 -19.78 20.45 -31.52
N LEU A 1000 -18.95 20.75 -30.52
CA LEU A 1000 -18.80 22.12 -30.07
C LEU A 1000 -18.10 22.98 -31.11
N GLY A 1001 -17.11 22.41 -31.81
CA GLY A 1001 -16.33 23.20 -32.73
C GLY A 1001 -17.07 23.52 -34.01
N LEU A 1002 -17.99 22.64 -34.41
CA LEU A 1002 -18.91 22.99 -35.49
C LEU A 1002 -19.87 24.08 -35.05
N ARG A 1003 -20.24 24.08 -33.78
CA ARG A 1003 -21.15 25.07 -33.24
C ARG A 1003 -20.45 26.24 -32.58
N LYS A 1004 -19.11 26.29 -32.68
CA LYS A 1004 -18.25 27.35 -32.10
C LYS A 1004 -18.46 27.49 -30.60
N CYS A 1005 -18.50 26.34 -29.90
CA CYS A 1005 -18.87 26.32 -28.49
C CYS A 1005 -17.73 25.94 -27.57
N CYS A 1006 -16.55 25.60 -28.09
CA CYS A 1006 -15.49 25.13 -27.22
C CYS A 1006 -14.78 26.27 -26.51
N LYS A 1007 -14.86 27.49 -27.07
CA LYS A 1007 -14.10 28.59 -26.49
C LYS A 1007 -14.79 29.18 -25.26
N SER A 1008 -16.07 28.89 -25.07
CA SER A 1008 -16.82 29.53 -23.99
C SER A 1008 -16.47 28.92 -22.64
N SER A 1009 -16.92 29.61 -21.58
CA SER A 1009 -16.74 29.25 -20.16
C SER A 1009 -15.25 29.10 -19.81
N ASN A 1010 -14.44 30.02 -20.34
CA ASN A 1010 -12.98 30.11 -20.14
C ASN A 1010 -12.25 28.85 -20.59
N ARG A 1011 -12.83 28.17 -21.60
CA ARG A 1011 -12.26 26.99 -22.27
C ARG A 1011 -11.96 25.85 -21.30
N ILE A 1012 -12.85 25.65 -20.31
CA ILE A 1012 -12.60 24.68 -19.25
C ILE A 1012 -12.67 23.25 -19.79
N PHE A 1013 -13.49 23.01 -20.81
CA PHE A 1013 -13.47 21.74 -21.51
C PHE A 1013 -12.22 21.60 -22.35
N LEU A 1014 -11.81 22.69 -23.01
CA LEU A 1014 -10.62 22.69 -23.85
C LEU A 1014 -9.36 22.50 -23.02
N LYS A 1015 -9.34 23.11 -21.84
CA LYS A 1015 -8.21 22.91 -20.94
C LYS A 1015 -8.21 21.50 -20.38
N MET A 1016 -9.39 20.89 -20.22
CA MET A 1016 -9.47 19.53 -19.70
C MET A 1016 -8.96 18.52 -20.71
N MET A 1017 -9.33 18.70 -21.98
CA MET A 1017 -8.97 17.75 -23.03
C MET A 1017 -7.48 17.81 -23.35
N ARG A 1018 -6.86 18.97 -23.11
CA ARG A 1018 -5.42 19.14 -23.27
C ARG A 1018 -4.61 18.26 -22.35
N VAL A 1019 -5.05 18.11 -21.09
CA VAL A 1019 -4.36 17.28 -20.12
C VAL A 1019 -4.51 15.79 -20.45
N GLU A 1020 -5.68 15.40 -20.97
CA GLU A 1020 -5.97 13.98 -21.15
C GLU A 1020 -5.21 13.41 -22.35
N LEU A 1021 -5.01 14.23 -23.39
CA LEU A 1021 -4.29 13.76 -24.56
C LEU A 1021 -2.81 13.56 -24.28
N LEU A 1022 -2.24 14.37 -23.38
CA LEU A 1022 -0.83 14.24 -23.04
C LEU A 1022 -0.59 13.01 -22.17
N LYS A 1023 -1.60 12.58 -21.43
CA LYS A 1023 -1.49 11.33 -20.69
C LYS A 1023 -1.45 10.13 -21.63
N GLN A 1024 -2.26 10.16 -22.67
CA GLN A 1024 -2.37 9.02 -23.57
C GLN A 1024 -1.21 9.01 -24.57
N LYS A 1025 -0.67 7.82 -24.82
CA LYS A 1025 0.51 7.68 -25.66
C LYS A 1025 0.25 6.94 -26.95
N ASN A 1026 -0.27 5.71 -26.88
CA ASN A 1026 -0.38 4.83 -28.03
C ASN A 1026 -1.73 4.92 -28.72
N ILE A 1027 -2.38 6.08 -28.63
CA ILE A 1027 -3.58 6.33 -29.44
C ILE A 1027 -3.17 6.45 -30.91
N GLU A 1028 -4.01 5.94 -31.79
CA GLU A 1028 -3.90 6.24 -33.20
C GLU A 1028 -4.62 7.56 -33.46
N ASN A 1029 -3.88 8.53 -34.01
CA ASN A 1029 -4.29 9.89 -34.32
C ASN A 1029 -4.79 10.67 -33.10
N TRP A 1030 -4.07 10.61 -31.96
CA TRP A 1030 -4.22 11.65 -30.95
C TRP A 1030 -3.73 12.98 -31.48
N GLU A 1031 -2.74 12.94 -32.38
CA GLU A 1031 -2.16 14.12 -33.01
C GLU A 1031 -3.18 14.85 -33.89
N ASP A 1032 -4.14 14.10 -34.45
CA ASP A 1032 -5.27 14.73 -35.12
C ASP A 1032 -6.16 15.47 -34.14
N TYR A 1033 -6.31 14.93 -32.93
CA TYR A 1033 -7.20 15.52 -31.95
C TYR A 1033 -6.57 16.73 -31.29
N LEU A 1034 -5.33 16.57 -30.80
CA LEU A 1034 -4.65 17.65 -30.08
C LEU A 1034 -4.25 18.79 -31.01
N GLY A 1035 -4.06 18.48 -32.30
CA GLY A 1035 -3.78 19.52 -33.27
C GLY A 1035 -4.95 20.48 -33.46
N GLN A 1036 -6.17 19.95 -33.39
CA GLN A 1036 -7.35 20.80 -33.36
C GLN A 1036 -7.42 21.62 -32.07
N VAL A 1037 -6.95 21.03 -30.96
CA VAL A 1037 -6.93 21.73 -29.69
C VAL A 1037 -5.91 22.86 -29.70
N LEU A 1038 -4.69 22.56 -30.18
CA LEU A 1038 -3.62 23.54 -30.14
C LEU A 1038 -3.82 24.63 -31.18
N TYR A 1039 -4.54 24.32 -32.26
CA TYR A 1039 -5.01 25.37 -33.15
C TYR A 1039 -6.03 26.26 -32.47
N ASP A 1040 -6.91 25.68 -31.65
CA ASP A 1040 -7.87 26.48 -30.91
C ASP A 1040 -7.22 27.29 -29.80
N LEU A 1041 -6.32 26.67 -29.03
CA LEU A 1041 -5.82 27.32 -27.82
C LEU A 1041 -4.75 28.36 -28.15
N HIS A 1042 -3.72 27.96 -28.88
CA HIS A 1042 -2.59 28.85 -29.14
C HIS A 1042 -2.25 28.97 -30.61
N GLY A 1043 -3.03 28.36 -31.49
CA GLY A 1043 -2.74 28.42 -32.93
C GLY A 1043 -1.51 27.67 -33.35
N LEU A 1044 -1.29 26.47 -32.82
CA LEU A 1044 -0.11 25.67 -33.11
C LEU A 1044 -0.51 24.62 -34.16
N LYS A 1045 -0.36 24.99 -35.43
CA LYS A 1045 -0.78 24.11 -36.52
C LYS A 1045 0.30 23.06 -36.74
N LEU A 1046 -0.02 21.80 -36.44
CA LEU A 1046 0.92 20.72 -36.69
C LEU A 1046 1.02 20.41 -38.17
N GLY A 1047 -0.10 20.48 -38.89
CA GLY A 1047 -0.11 20.17 -40.31
C GLY A 1047 -0.13 18.70 -40.66
N VAL A 1048 -0.27 17.83 -39.67
CA VAL A 1048 -0.29 16.39 -39.90
C VAL A 1048 -1.65 15.86 -39.50
N GLY A 1049 -1.86 14.58 -39.76
CA GLY A 1049 -3.11 13.97 -39.39
C GLY A 1049 -4.11 14.02 -40.53
N VAL A 1050 -5.16 13.20 -40.40
CA VAL A 1050 -6.17 13.11 -41.45
C VAL A 1050 -7.03 14.37 -41.50
N TRP A 1051 -7.48 14.86 -40.36
CA TRP A 1051 -8.37 16.01 -40.33
C TRP A 1051 -7.55 17.29 -40.31
N ASP A 1052 -7.89 18.23 -41.18
CA ASP A 1052 -7.38 19.59 -41.07
C ASP A 1052 -7.99 20.28 -39.86
N VAL A 1053 -7.32 21.32 -39.39
CA VAL A 1053 -7.81 22.02 -38.21
C VAL A 1053 -8.99 22.90 -38.57
N GLN A 1054 -10.10 22.70 -37.86
CA GLN A 1054 -11.33 23.42 -38.15
C GLN A 1054 -11.38 24.73 -37.38
N ASP A 1055 -11.96 25.74 -38.01
CA ASP A 1055 -12.07 27.06 -37.40
C ASP A 1055 -13.13 27.00 -36.30
N HIS A 1056 -12.69 27.22 -35.07
CA HIS A 1056 -13.58 27.19 -33.92
C HIS A 1056 -13.77 28.57 -33.32
N GLY A 1057 -13.17 29.59 -33.91
CA GLY A 1057 -13.37 30.96 -33.49
C GLY A 1057 -12.72 31.32 -32.17
N CYS A 1058 -11.71 30.56 -31.75
CA CYS A 1058 -11.01 30.82 -30.51
C CYS A 1058 -9.74 31.61 -30.82
N GLU A 1059 -9.49 32.64 -30.01
CA GLU A 1059 -8.28 33.41 -30.17
C GLU A 1059 -7.07 32.60 -29.71
N PRO A 1060 -5.93 32.73 -30.38
CA PRO A 1060 -4.72 32.02 -29.92
C PRO A 1060 -4.18 32.67 -28.67
N GLU A 1061 -4.38 32.01 -27.53
CA GLU A 1061 -3.83 32.48 -26.27
C GLU A 1061 -2.32 32.27 -26.27
N ASN A 1062 -1.61 33.19 -25.60
CA ASN A 1062 -0.15 33.23 -25.69
C ASN A 1062 0.48 32.05 -24.97
N LEU A 1063 1.51 31.48 -25.60
CA LEU A 1063 2.12 30.24 -25.15
C LEU A 1063 3.02 30.52 -23.96
N GLU A 1064 2.60 30.07 -22.79
CA GLU A 1064 3.39 30.17 -21.58
C GLU A 1064 4.50 29.11 -21.62
N LYS A 1065 5.58 29.37 -20.86
CA LYS A 1065 6.80 28.56 -20.91
C LYS A 1065 6.57 27.16 -20.39
N ARG A 1066 5.97 27.04 -19.20
CA ARG A 1066 5.66 25.73 -18.63
C ARG A 1066 4.60 25.00 -19.44
N GLN A 1067 3.67 25.76 -20.04
CA GLN A 1067 2.70 25.21 -20.97
C GLN A 1067 3.37 24.63 -22.20
N ALA A 1068 4.42 25.29 -22.68
CA ALA A 1068 5.16 24.77 -23.83
C ALA A 1068 5.97 23.54 -23.45
N LEU A 1069 6.49 23.52 -22.21
CA LEU A 1069 7.38 22.45 -21.78
C LEU A 1069 6.67 21.13 -21.53
N GLN A 1070 5.34 21.13 -21.38
CA GLN A 1070 4.62 19.87 -21.28
C GLN A 1070 4.50 19.18 -22.63
N LEU A 1071 4.59 19.94 -23.71
CA LEU A 1071 4.32 19.43 -25.05
C LEU A 1071 5.54 18.86 -25.74
N VAL A 1072 6.72 18.91 -25.10
CA VAL A 1072 7.98 18.55 -25.76
C VAL A 1072 8.04 17.06 -26.03
N GLU A 1073 7.50 16.25 -25.11
CA GLU A 1073 7.60 14.79 -25.21
C GLU A 1073 6.77 14.23 -26.35
N LYS A 1074 5.78 14.98 -26.83
CA LYS A 1074 4.96 14.51 -27.94
C LYS A 1074 5.31 15.20 -29.25
N VAL A 1075 5.84 16.43 -29.18
CA VAL A 1075 6.26 17.16 -30.39
C VAL A 1075 7.44 16.47 -31.04
N ALA A 1076 8.41 16.02 -30.23
CA ALA A 1076 9.63 15.42 -30.77
C ALA A 1076 9.36 14.04 -31.35
N MET A 1077 8.30 13.38 -30.89
CA MET A 1077 7.92 12.10 -31.48
C MET A 1077 7.42 12.25 -32.90
N LEU A 1078 6.60 13.29 -33.14
CA LEU A 1078 6.11 13.55 -34.49
C LEU A 1078 7.21 14.10 -35.38
N ALA A 1079 8.13 14.87 -34.81
CA ALA A 1079 9.18 15.49 -35.61
C ALA A 1079 10.25 14.48 -36.02
N ASN A 1080 10.36 13.37 -35.30
CA ASN A 1080 11.43 12.41 -35.55
C ASN A 1080 11.19 11.62 -36.84
N ARG A 1081 9.95 11.48 -37.25
CA ARG A 1081 9.62 10.72 -38.45
C ARG A 1081 9.60 11.56 -39.71
N MET A 1082 9.69 12.88 -39.59
CA MET A 1082 9.63 13.77 -40.73
C MET A 1082 11.05 14.02 -41.26
N SER A 1083 11.18 14.05 -42.58
CA SER A 1083 12.44 14.42 -43.21
C SER A 1083 12.77 15.88 -42.93
N MET A 1084 14.08 16.16 -42.90
CA MET A 1084 14.57 17.48 -42.53
C MET A 1084 14.20 18.54 -43.56
N LYS A 1085 14.17 18.15 -44.84
CA LYS A 1085 13.73 19.07 -45.88
C LYS A 1085 12.24 19.37 -45.74
N ASP A 1086 11.45 18.35 -45.39
CA ASP A 1086 10.03 18.59 -45.11
C ASP A 1086 9.86 19.36 -43.81
N LEU A 1087 10.79 19.18 -42.86
CA LEU A 1087 10.78 19.97 -41.64
C LEU A 1087 11.09 21.44 -41.90
N LEU A 1088 11.80 21.76 -42.97
CA LEU A 1088 11.94 23.15 -43.38
C LEU A 1088 10.65 23.72 -43.93
N LYS A 1089 9.86 22.92 -44.64
CA LYS A 1089 8.65 23.39 -45.31
C LYS A 1089 7.42 23.39 -44.43
N SER A 1090 7.36 22.50 -43.45
CA SER A 1090 6.14 22.30 -42.68
C SER A 1090 5.91 23.42 -41.67
N ASP A 1091 4.68 23.45 -41.14
CA ASP A 1091 4.36 24.31 -40.02
C ASP A 1091 4.76 23.70 -38.69
N LEU A 1092 5.30 22.47 -38.71
CA LEU A 1092 5.75 21.79 -37.49
C LEU A 1092 6.92 22.52 -36.86
N LYS A 1093 7.79 23.10 -37.67
CA LYS A 1093 8.90 23.89 -37.14
C LYS A 1093 8.40 25.23 -36.59
N THR A 1094 7.26 25.72 -37.10
CA THR A 1094 6.72 26.98 -36.62
C THR A 1094 6.14 26.84 -35.23
N THR A 1095 5.70 25.63 -34.87
CA THR A 1095 5.36 25.33 -33.49
C THR A 1095 6.60 25.37 -32.61
N ILE A 1096 7.70 24.81 -33.11
CA ILE A 1096 8.98 24.78 -32.40
C ILE A 1096 9.54 26.19 -32.23
N GLU A 1097 9.33 27.04 -33.24
CA GLU A 1097 9.70 28.45 -33.13
C GLU A 1097 8.90 29.17 -32.05
N ARG A 1098 7.61 28.85 -31.94
CA ARG A 1098 6.82 29.38 -30.84
C ARG A 1098 7.20 28.73 -29.52
N MET A 1099 7.58 27.45 -29.55
CA MET A 1099 7.91 26.73 -28.32
C MET A 1099 9.24 27.19 -27.73
N GLN A 1100 10.28 27.25 -28.57
CA GLN A 1100 11.63 27.54 -28.08
C GLN A 1100 11.76 28.99 -27.64
N GLN A 1101 11.03 29.89 -28.30
CA GLN A 1101 10.94 31.27 -27.83
C GLN A 1101 10.23 31.35 -26.49
N ALA A 1102 9.19 30.51 -26.30
CA ALA A 1102 8.54 30.45 -25.00
C ALA A 1102 9.41 29.77 -23.96
N ILE A 1103 10.09 28.68 -24.33
CA ILE A 1103 10.93 27.96 -23.39
C ILE A 1103 12.16 28.78 -23.04
N GLY A 1104 12.86 29.29 -24.04
CA GLY A 1104 14.03 30.12 -23.82
C GLY A 1104 15.22 29.33 -23.33
N SER A 1105 16.23 30.08 -22.88
CA SER A 1105 17.42 29.47 -22.32
C SER A 1105 17.13 28.91 -20.93
N ALA A 1106 17.72 27.75 -20.64
CA ALA A 1106 17.58 27.15 -19.32
C ALA A 1106 18.42 27.88 -18.29
N LYS A 1107 18.15 27.60 -17.01
CA LYS A 1107 18.91 28.21 -15.93
C LYS A 1107 20.34 27.69 -15.89
N SER A 1108 21.24 28.51 -15.36
CA SER A 1108 22.64 28.15 -15.29
C SER A 1108 22.85 27.17 -14.14
N SER A 1109 22.95 25.89 -14.45
CA SER A 1109 23.21 24.92 -13.40
C SER A 1109 24.72 24.82 -13.14
N PRO A 1110 25.10 24.66 -11.87
CA PRO A 1110 26.53 24.41 -11.56
C PRO A 1110 27.05 23.10 -12.11
N GLN A 1111 26.18 22.09 -12.20
CA GLN A 1111 26.57 20.82 -12.80
C GLN A 1111 26.82 20.96 -14.29
N MET A 1112 26.04 21.83 -14.96
CA MET A 1112 26.28 22.12 -16.36
C MET A 1112 27.57 22.90 -16.55
N SER A 1113 27.87 23.81 -15.61
CA SER A 1113 29.05 24.65 -15.73
C SER A 1113 30.33 23.84 -15.53
N HIS A 1114 30.26 22.78 -14.72
CA HIS A 1114 31.34 21.82 -14.65
C HIS A 1114 31.51 21.08 -15.98
N ASN A 1115 30.41 20.68 -16.60
CA ASN A 1115 30.50 19.98 -17.87
C ASN A 1115 30.82 20.94 -19.01
N LEU A 1116 30.50 22.22 -18.83
CA LEU A 1116 30.84 23.21 -19.85
C LEU A 1116 32.35 23.47 -19.89
N ARG A 1117 32.97 23.60 -18.71
CA ARG A 1117 34.37 24.00 -18.65
C ARG A 1117 35.29 22.86 -19.04
N ASN A 1118 34.81 21.62 -18.95
CA ASN A 1118 35.62 20.48 -19.38
C ASN A 1118 35.67 20.40 -20.90
N TYR A 1119 34.68 20.99 -21.57
CA TYR A 1119 34.67 20.99 -23.03
C TYR A 1119 35.72 21.92 -23.60
N THR A 1120 35.94 23.06 -22.92
CA THR A 1120 36.83 24.09 -23.45
C THR A 1120 38.29 23.66 -23.36
N GLU A 1121 38.65 22.92 -22.32
CA GLU A 1121 40.03 22.45 -22.22
C GLU A 1121 40.27 21.22 -23.08
N TYR A 1122 39.24 20.40 -23.30
CA TYR A 1122 39.39 19.24 -24.17
C TYR A 1122 39.48 19.68 -25.62
N LEU A 1123 38.78 20.75 -25.98
CA LEU A 1123 38.82 21.22 -27.35
C LEU A 1123 40.12 21.95 -27.64
N LYS A 1124 40.74 22.52 -26.62
CA LYS A 1124 42.07 23.12 -26.77
C LYS A 1124 43.19 22.17 -26.39
N SER A 1125 42.87 20.91 -26.07
CA SER A 1125 43.88 19.91 -25.83
C SER A 1125 44.60 19.57 -27.13
N PRO A 1126 45.88 19.21 -27.05
CA PRO A 1126 46.58 18.75 -28.26
C PRO A 1126 46.09 17.37 -28.70
N ILE A 1127 46.45 17.03 -29.93
CA ILE A 1127 45.98 15.79 -30.53
C ILE A 1127 46.84 14.64 -30.00
N HIS A 1128 46.28 13.85 -29.11
CA HIS A 1128 47.00 12.73 -28.52
C HIS A 1128 46.91 11.53 -29.43
N PRO A 1129 48.03 10.95 -29.88
CA PRO A 1129 47.96 9.74 -30.71
C PRO A 1129 47.52 8.51 -29.94
N LEU A 1130 47.69 8.53 -28.62
CA LEU A 1130 47.22 7.43 -27.78
C LEU A 1130 45.71 7.34 -27.79
N HIS A 1131 45.03 8.49 -27.80
CA HIS A 1131 43.57 8.50 -27.74
C HIS A 1131 42.93 8.08 -29.05
N MET A 1132 43.68 8.12 -30.15
CA MET A 1132 43.20 7.62 -31.43
C MET A 1132 42.99 6.11 -31.39
N TYR A 1133 43.90 5.39 -30.75
CA TYR A 1133 43.72 3.95 -30.55
C TYR A 1133 42.62 3.68 -29.54
N GLN A 1134 42.45 4.57 -28.57
CA GLN A 1134 41.36 4.43 -27.61
C GLN A 1134 40.01 4.72 -28.26
N ALA A 1135 39.99 5.51 -29.33
CA ALA A 1135 38.76 5.74 -30.07
C ALA A 1135 38.32 4.50 -30.82
N LEU A 1136 39.29 3.68 -31.23
CA LEU A 1136 38.97 2.37 -31.78
C LEU A 1136 38.35 1.47 -30.72
N THR A 1137 38.81 1.56 -29.49
CA THR A 1137 38.22 0.82 -28.38
C THR A 1137 37.03 1.54 -27.77
N GLY A 1138 36.76 2.78 -28.18
CA GLY A 1138 35.68 3.55 -27.59
C GLY A 1138 35.96 3.97 -26.16
N GLY A 1139 37.22 4.03 -25.76
CA GLY A 1139 37.60 4.34 -24.41
C GLY A 1139 37.81 5.80 -24.09
N VAL A 1140 37.59 6.69 -25.06
CA VAL A 1140 37.79 8.11 -24.84
C VAL A 1140 36.54 8.66 -24.17
N HIS A 1141 36.69 9.13 -22.94
CA HIS A 1141 35.57 9.65 -22.16
C HIS A 1141 35.83 11.09 -21.77
N LEU A 1142 34.76 11.86 -21.65
CA LEU A 1142 34.86 13.23 -21.22
C LEU A 1142 34.56 13.34 -19.73
N ASP A 1143 35.17 14.33 -19.09
CA ASP A 1143 34.89 14.66 -17.69
C ASP A 1143 33.53 15.32 -17.63
N ALA A 1144 32.49 14.49 -17.56
CA ALA A 1144 31.11 14.98 -17.53
C ALA A 1144 30.24 13.98 -16.80
N VAL A 1145 29.09 14.45 -16.35
CA VAL A 1145 28.11 13.62 -15.65
C VAL A 1145 26.73 13.93 -16.20
N SER A 1146 25.96 12.88 -16.46
CA SER A 1146 24.59 13.04 -16.95
C SER A 1146 23.70 13.50 -15.80
N ILE A 1147 23.29 14.76 -15.83
CA ILE A 1147 22.57 15.34 -14.71
C ILE A 1147 21.09 14.96 -14.82
N ASN A 1148 20.39 15.04 -13.69
CA ASN A 1148 18.99 14.64 -13.60
C ASN A 1148 18.19 15.84 -13.08
N THR A 1149 17.65 16.63 -14.00
CA THR A 1149 16.83 17.79 -13.69
C THR A 1149 15.66 17.83 -14.65
N PRO A 1150 14.55 18.49 -14.27
CA PRO A 1150 13.46 18.72 -15.24
C PRO A 1150 13.83 19.59 -16.43
N GLU A 1151 14.88 20.42 -16.32
CA GLU A 1151 15.35 21.16 -17.49
C GLU A 1151 16.05 20.26 -18.50
N SER A 1152 16.50 19.07 -18.09
CA SER A 1152 17.10 18.11 -18.99
C SER A 1152 16.08 17.22 -19.66
N ALA A 1153 14.80 17.33 -19.30
CA ALA A 1153 13.74 16.60 -20.01
C ALA A 1153 13.58 17.01 -21.47
N PRO A 1154 13.86 18.26 -21.90
CA PRO A 1154 14.13 18.44 -23.34
C PRO A 1154 15.30 17.62 -23.86
N ALA A 1155 16.41 17.58 -23.13
CA ALA A 1155 17.58 16.84 -23.59
C ALA A 1155 17.38 15.33 -23.42
N LYS A 1156 16.52 14.93 -22.49
CA LYS A 1156 16.15 13.52 -22.36
C LYS A 1156 15.36 13.05 -23.58
N GLN A 1157 14.58 13.94 -24.18
CA GLN A 1157 13.98 13.66 -25.48
C GLN A 1157 14.84 14.14 -26.65
N GLY A 1158 15.98 14.76 -26.37
CA GLY A 1158 16.81 15.31 -27.43
C GLY A 1158 16.21 16.50 -28.14
N TRP A 1159 15.52 17.37 -27.41
CA TRP A 1159 14.90 18.54 -28.02
C TRP A 1159 15.95 19.55 -28.46
N PHE A 1160 17.02 19.69 -27.69
CA PHE A 1160 18.09 20.60 -28.07
C PHE A 1160 18.92 20.03 -29.20
N PHE A 1161 18.92 18.70 -29.36
CA PHE A 1161 19.49 18.08 -30.55
C PHE A 1161 18.69 18.47 -31.77
N LEU A 1162 17.37 18.55 -31.64
CA LEU A 1162 16.49 18.81 -32.77
C LEU A 1162 16.64 20.26 -33.25
N LEU A 1163 16.92 21.18 -32.33
CA LEU A 1163 17.14 22.58 -32.69
C LEU A 1163 18.41 22.75 -33.51
N GLY A 1164 19.40 21.90 -33.26
CA GLY A 1164 20.62 21.94 -34.05
C GLY A 1164 20.42 21.45 -35.47
N MET A 1165 19.58 20.43 -35.64
CA MET A 1165 19.37 19.84 -36.95
C MET A 1165 18.60 20.77 -37.87
N ILE A 1166 17.72 21.59 -37.30
CA ILE A 1166 16.92 22.52 -38.09
C ILE A 1166 17.80 23.63 -38.64
N ALA A 1167 18.65 24.20 -37.79
CA ALA A 1167 19.49 25.31 -38.21
C ALA A 1167 20.63 24.84 -39.10
N LEU A 1168 21.06 23.58 -38.95
CA LEU A 1168 22.05 23.03 -39.85
C LEU A 1168 21.49 22.85 -41.25
N THR A 1169 20.22 22.43 -41.33
CA THR A 1169 19.58 22.25 -42.63
C THR A 1169 19.28 23.60 -43.27
N LYS A 1170 19.15 24.65 -42.47
CA LYS A 1170 19.16 26.01 -43.00
C LYS A 1170 20.51 26.34 -43.63
N PHE A 1171 21.60 25.91 -42.97
CA PHE A 1171 22.93 26.12 -43.54
C PHE A 1171 23.17 25.21 -44.74
N LYS A 1172 22.70 23.97 -44.65
CA LYS A 1172 22.89 23.04 -45.77
C LYS A 1172 21.96 23.36 -46.92
N GLY A 1173 20.78 23.90 -46.63
CA GLY A 1173 19.85 24.26 -47.68
C GLY A 1173 20.31 25.44 -48.50
N VAL A 1174 20.83 26.48 -47.84
CA VAL A 1174 21.42 27.61 -48.55
C VAL A 1174 22.80 27.18 -49.02
N ASP A 1175 22.90 26.81 -50.30
CA ASP A 1175 24.09 26.20 -50.87
C ASP A 1175 25.25 27.18 -50.93
N LEU A 1176 26.38 26.78 -50.34
CA LEU A 1176 27.55 27.66 -50.25
C LEU A 1176 28.19 27.89 -51.61
N ASN A 1177 28.09 26.92 -52.51
CA ASN A 1177 28.49 27.14 -53.90
C ASN A 1177 27.58 28.15 -54.57
N ARG A 1178 26.29 28.11 -54.26
CA ARG A 1178 25.34 29.09 -54.79
C ARG A 1178 25.24 30.33 -53.92
N ARG A 1179 25.96 30.39 -52.80
CA ARG A 1179 25.94 31.57 -51.95
C ARG A 1179 26.72 32.70 -52.62
N GLN A 1180 26.01 33.67 -53.15
CA GLN A 1180 26.62 34.92 -53.59
C GLN A 1180 26.56 35.98 -52.51
N THR A 1181 25.96 35.68 -51.36
CA THR A 1181 25.83 36.62 -50.25
C THR A 1181 25.99 35.87 -48.94
N PRO A 1182 27.09 36.08 -48.22
CA PRO A 1182 27.22 35.50 -46.87
C PRO A 1182 26.43 36.29 -45.83
N GLY A 1183 26.62 35.93 -44.57
CA GLY A 1183 25.91 36.55 -43.48
C GLY A 1183 24.78 35.71 -42.91
N ALA A 1184 24.33 34.70 -43.63
CA ALA A 1184 23.37 33.74 -43.10
C ALA A 1184 24.07 32.53 -42.51
N THR A 1185 25.08 32.79 -41.68
CA THR A 1185 25.77 31.76 -40.93
C THR A 1185 25.56 31.93 -39.44
N ASP A 1186 24.70 32.86 -39.03
CA ASP A 1186 24.37 33.04 -37.62
C ASP A 1186 23.58 31.86 -37.08
N ASP A 1187 22.79 31.23 -37.95
CA ASP A 1187 22.05 30.03 -37.59
C ASP A 1187 22.99 28.87 -37.30
N LEU A 1188 24.13 28.82 -38.00
CA LEU A 1188 25.18 27.85 -37.67
C LEU A 1188 25.75 28.12 -36.29
N ARG A 1189 25.95 29.40 -35.95
CA ARG A 1189 26.38 29.76 -34.61
C ARG A 1189 25.27 29.52 -33.60
N ILE A 1190 24.01 29.69 -34.02
CA ILE A 1190 22.87 29.32 -33.18
C ILE A 1190 22.86 27.82 -32.93
N ALA A 1191 23.10 27.04 -33.99
CA ALA A 1191 23.15 25.58 -33.87
C ALA A 1191 24.34 25.12 -33.05
N ALA A 1192 25.48 25.80 -33.18
CA ALA A 1192 26.68 25.43 -32.44
C ALA A 1192 26.50 25.67 -30.94
N THR A 1193 25.81 26.75 -30.58
CA THR A 1193 25.40 26.95 -29.20
C THR A 1193 24.36 25.91 -28.79
N PHE A 1194 23.46 25.57 -29.71
CA PHE A 1194 22.46 24.55 -29.44
C PHE A 1194 23.11 23.17 -29.33
N LEU A 1195 24.13 22.91 -30.14
CA LEU A 1195 24.84 21.63 -30.04
C LEU A 1195 25.64 21.55 -28.75
N ARG A 1196 26.23 22.68 -28.33
CA ARG A 1196 26.95 22.72 -27.07
C ARG A 1196 26.00 22.60 -25.89
N LEU A 1197 24.78 23.10 -26.05
CA LEU A 1197 23.78 22.95 -25.00
C LEU A 1197 23.33 21.51 -24.89
N GLN A 1198 23.11 20.84 -26.03
CA GLN A 1198 22.65 19.45 -26.01
C GLN A 1198 23.73 18.50 -25.52
N LEU A 1199 24.99 18.81 -25.83
CA LEU A 1199 26.08 17.94 -25.45
C LEU A 1199 26.40 18.03 -23.97
N GLN A 1200 26.01 19.12 -23.31
CA GLN A 1200 26.30 19.29 -21.89
C GLN A 1200 25.51 18.29 -21.04
N TYR A 1201 24.24 18.08 -21.37
CA TYR A 1201 23.46 17.09 -20.64
C TYR A 1201 23.85 15.67 -21.06
N THR A 1202 24.13 15.48 -22.35
CA THR A 1202 24.22 14.16 -22.97
C THR A 1202 25.64 13.89 -23.44
N PRO A 1203 26.38 13.04 -22.74
CA PRO A 1203 27.70 12.64 -23.25
C PRO A 1203 27.63 11.59 -24.34
N ASP A 1204 26.65 10.71 -24.29
CA ASP A 1204 26.63 9.52 -25.16
C ASP A 1204 26.07 9.80 -26.54
N ARG A 1205 25.51 10.98 -26.79
CA ARG A 1205 24.94 11.31 -28.10
C ARG A 1205 26.10 11.59 -29.06
N TRP A 1206 26.53 10.53 -29.75
CA TRP A 1206 27.65 10.62 -30.69
C TRP A 1206 27.26 11.44 -31.92
N ASP A 1207 25.98 11.43 -32.27
CA ASP A 1207 25.49 12.24 -33.37
C ASP A 1207 25.59 13.72 -33.04
N ALA A 1208 25.33 14.07 -31.79
CA ALA A 1208 25.52 15.44 -31.32
C ALA A 1208 27.00 15.82 -31.34
N TRP A 1209 27.86 14.85 -31.05
CA TRP A 1209 29.29 15.04 -31.29
C TRP A 1209 29.57 15.16 -32.78
N PHE A 1210 28.87 14.37 -33.60
CA PHE A 1210 29.13 14.34 -35.03
C PHE A 1210 28.68 15.62 -35.71
N ARG A 1211 27.53 16.15 -35.30
CA ARG A 1211 27.08 17.42 -35.86
C ARG A 1211 27.92 18.57 -35.36
N LEU A 1212 28.45 18.45 -34.15
CA LEU A 1212 29.46 19.38 -33.65
C LEU A 1212 30.72 19.29 -34.49
N ALA A 1213 31.11 18.07 -34.85
CA ALA A 1213 32.27 17.88 -35.72
C ALA A 1213 32.00 18.40 -37.13
N GLU A 1214 30.74 18.31 -37.57
CA GLU A 1214 30.39 18.86 -38.87
C GLU A 1214 30.42 20.37 -38.88
N CYS A 1215 30.00 20.99 -37.78
CA CYS A 1215 29.83 22.45 -37.74
C CYS A 1215 31.15 23.19 -37.72
N PHE A 1216 32.20 22.55 -37.22
CA PHE A 1216 33.51 23.21 -37.12
C PHE A 1216 34.14 23.38 -38.49
N ASP A 1217 33.89 22.44 -39.40
CA ASP A 1217 34.47 22.54 -40.73
C ASP A 1217 33.80 23.63 -41.55
N TYR A 1218 32.49 23.81 -41.37
CA TYR A 1218 31.76 24.81 -42.14
C TYR A 1218 32.14 26.22 -41.71
N GLU A 1219 32.46 26.41 -40.43
CA GLU A 1219 33.07 27.65 -39.99
C GLU A 1219 34.46 27.80 -40.58
N LEU A 1220 35.21 26.70 -40.67
CA LEU A 1220 36.53 26.73 -41.29
C LEU A 1220 36.43 26.93 -42.79
N GLU A 1221 35.41 26.34 -43.42
CA GLU A 1221 35.22 26.51 -44.86
C GLU A 1221 34.83 27.94 -45.21
N GLU A 1222 34.06 28.59 -44.34
CA GLU A 1222 33.69 29.98 -44.56
C GLU A 1222 34.89 30.90 -44.45
N ALA A 1223 35.86 30.54 -43.63
CA ALA A 1223 37.05 31.36 -43.46
C ALA A 1223 37.99 31.24 -44.65
N VAL A 1224 38.09 30.05 -45.25
CA VAL A 1224 39.14 29.81 -46.23
C VAL A 1224 38.67 29.87 -47.68
N LEU A 1225 37.37 29.76 -47.94
CA LEU A 1225 36.90 29.82 -49.32
C LEU A 1225 36.89 31.25 -49.84
N TRP A 1226 36.46 32.19 -48.99
CA TRP A 1226 36.23 33.55 -49.44
C TRP A 1226 37.50 34.40 -49.45
N THR A 1227 38.28 34.36 -48.38
CA THR A 1227 39.46 35.20 -48.23
C THR A 1227 40.69 34.32 -48.07
N ALA A 1228 41.72 34.64 -48.85
CA ALA A 1228 43.03 34.01 -48.69
C ALA A 1228 43.89 34.72 -47.64
N ASP A 1229 43.42 35.85 -47.11
CA ASP A 1229 44.20 36.60 -46.14
C ASP A 1229 44.20 35.91 -44.78
N LYS A 1230 43.18 35.12 -44.49
CA LYS A 1230 43.13 34.38 -43.23
C LYS A 1230 44.14 33.23 -43.22
N MET A 1231 44.56 32.77 -44.41
CA MET A 1231 45.66 31.82 -44.50
C MET A 1231 47.02 32.47 -44.32
N ASN A 1232 47.08 33.80 -44.29
CA ASN A 1232 48.35 34.51 -44.09
C ASN A 1232 48.40 35.29 -42.79
N LYS A 1233 47.26 35.60 -42.18
CA LYS A 1233 47.21 36.45 -41.00
C LYS A 1233 46.63 35.75 -39.78
N GLU A 1234 45.67 34.86 -39.97
CA GLU A 1234 44.95 34.22 -38.88
C GLU A 1234 45.02 32.70 -39.00
N ARG A 1235 46.23 32.16 -39.11
CA ARG A 1235 46.39 30.72 -39.26
C ARG A 1235 46.10 29.97 -37.97
N ALA A 1236 46.28 30.65 -36.83
CA ALA A 1236 46.18 30.00 -35.53
C ALA A 1236 44.75 29.60 -35.18
N GLU A 1237 43.78 30.44 -35.57
CA GLU A 1237 42.39 30.10 -35.33
C GLU A 1237 41.93 29.01 -36.29
N LEU A 1238 42.53 28.94 -37.48
CA LEU A 1238 42.24 27.86 -38.41
C LEU A 1238 42.81 26.55 -37.90
N VAL A 1239 43.99 26.62 -37.27
CA VAL A 1239 44.56 25.49 -36.54
C VAL A 1239 43.64 25.11 -35.38
N LYS A 1240 43.08 26.12 -34.71
CA LYS A 1240 42.15 25.90 -33.61
C LYS A 1240 40.87 25.22 -34.09
N PHE A 1241 40.35 25.62 -35.25
CA PHE A 1241 39.10 25.07 -35.77
C PHE A 1241 39.25 23.61 -36.18
N GLN A 1242 40.39 23.26 -36.78
CA GLN A 1242 40.64 21.88 -37.16
C GLN A 1242 40.83 21.00 -35.92
N ARG A 1243 41.55 21.52 -34.93
CA ARG A 1243 41.73 20.78 -33.69
C ARG A 1243 40.43 20.71 -32.90
N HIS A 1244 39.57 21.72 -33.06
CA HIS A 1244 38.22 21.63 -32.52
C HIS A 1244 37.42 20.56 -33.24
N ALA A 1245 37.61 20.44 -34.55
CA ALA A 1245 36.87 19.46 -35.33
C ALA A 1245 37.34 18.05 -35.02
N ILE A 1246 38.66 17.86 -34.89
CA ILE A 1246 39.24 16.53 -34.76
C ILE A 1246 38.91 15.92 -33.41
N HIS A 1247 39.05 16.72 -32.35
CA HIS A 1247 38.67 16.26 -31.02
C HIS A 1247 37.16 16.05 -30.89
N SER A 1248 36.38 16.78 -31.68
CA SER A 1248 34.95 16.49 -31.76
C SER A 1248 34.69 15.15 -32.43
N TYR A 1249 35.52 14.80 -33.42
CA TYR A 1249 35.35 13.53 -34.12
C TYR A 1249 35.73 12.33 -33.25
N ILE A 1250 36.62 12.55 -32.28
CA ILE A 1250 37.14 11.46 -31.45
C ILE A 1250 36.05 10.88 -30.57
N MET A 1251 35.31 11.75 -29.87
CA MET A 1251 34.16 11.28 -29.10
C MET A 1251 33.02 10.89 -30.01
N ALA A 1252 32.97 11.47 -31.22
CA ALA A 1252 32.05 11.00 -32.23
C ALA A 1252 32.47 9.64 -32.78
N LEU A 1253 33.75 9.29 -32.64
CA LEU A 1253 34.15 7.92 -32.88
C LEU A 1253 33.95 7.06 -31.64
N SER A 1254 34.25 7.61 -30.46
CA SER A 1254 34.25 6.82 -29.24
C SER A 1254 32.84 6.44 -28.79
N HIS A 1255 31.94 7.42 -28.76
CA HIS A 1255 30.58 7.13 -28.31
C HIS A 1255 29.78 6.38 -29.37
N SER A 1256 30.15 6.53 -30.65
CA SER A 1256 29.49 5.76 -31.68
C SER A 1256 29.97 4.31 -31.68
N TYR A 1257 31.19 4.08 -31.18
CA TYR A 1257 31.71 2.71 -31.12
C TYR A 1257 30.95 1.86 -30.11
N ALA A 1258 30.62 2.46 -28.96
CA ALA A 1258 29.74 1.78 -28.01
C ALA A 1258 28.31 1.72 -28.55
N TRP A 1259 27.91 2.73 -29.33
CA TRP A 1259 26.62 2.71 -30.01
C TRP A 1259 26.56 1.61 -31.07
N ALA A 1260 27.66 1.44 -31.83
CA ALA A 1260 27.73 0.36 -32.80
C ALA A 1260 27.82 -1.00 -32.11
N SER A 1261 28.43 -1.03 -30.92
CA SER A 1261 28.45 -2.24 -30.12
C SER A 1261 27.10 -2.53 -29.47
N ASN A 1262 26.20 -1.55 -29.42
CA ASN A 1262 24.86 -1.72 -28.89
C ASN A 1262 23.93 -2.10 -30.04
N PRO A 1263 23.40 -3.34 -30.05
CA PRO A 1263 22.56 -3.76 -31.18
C PRO A 1263 21.18 -3.13 -31.18
N ALA A 1264 20.61 -2.88 -30.01
CA ALA A 1264 19.29 -2.27 -29.93
C ALA A 1264 19.33 -0.80 -30.31
N ALA A 1265 20.50 -0.18 -30.17
CA ALA A 1265 20.65 1.23 -30.56
C ALA A 1265 20.66 1.39 -32.07
N LEU A 1266 21.05 0.36 -32.82
CA LEU A 1266 20.96 0.39 -34.27
C LEU A 1266 19.54 0.22 -34.80
N THR A 1267 18.61 -0.22 -33.96
CA THR A 1267 17.25 -0.51 -34.44
C THR A 1267 16.48 0.76 -34.76
N SER A 1268 16.51 1.74 -33.87
CA SER A 1268 15.79 2.99 -34.07
C SER A 1268 16.61 3.91 -34.96
N LEU A 1269 15.92 4.59 -35.89
CA LEU A 1269 16.46 5.67 -36.74
C LEU A 1269 17.62 5.16 -37.62
N GLU A 1270 17.24 4.36 -38.61
CA GLU A 1270 18.17 3.73 -39.56
C GLU A 1270 19.02 4.71 -40.36
N ASP A 1271 18.55 5.95 -40.51
CA ASP A 1271 19.35 7.00 -41.14
C ASP A 1271 20.55 7.41 -40.29
N ASP A 1272 20.53 7.14 -38.98
CA ASP A 1272 21.71 7.40 -38.16
C ASP A 1272 22.82 6.41 -38.47
N GLU A 1273 22.48 5.21 -38.92
CA GLU A 1273 23.49 4.29 -39.45
C GLU A 1273 24.08 4.82 -40.74
N GLU A 1274 23.26 5.46 -41.57
CA GLU A 1274 23.77 6.22 -42.71
C GLU A 1274 24.60 7.41 -42.24
N ALA A 1275 24.21 8.03 -41.12
CA ALA A 1275 25.03 9.06 -40.52
C ALA A 1275 26.26 8.49 -39.85
N LEU A 1276 26.21 7.22 -39.43
CA LEU A 1276 27.38 6.55 -38.87
C LEU A 1276 28.43 6.31 -39.95
N TYR A 1277 27.99 5.88 -41.13
CA TYR A 1277 28.92 5.61 -42.21
C TYR A 1277 29.42 6.89 -42.86
N ASP A 1278 28.58 7.94 -42.86
CA ASP A 1278 29.04 9.26 -43.28
C ASP A 1278 30.08 9.81 -42.31
N MET A 1279 29.92 9.54 -41.01
CA MET A 1279 30.92 9.93 -40.02
C MET A 1279 32.23 9.18 -40.24
N TYR A 1280 32.15 7.93 -40.69
CA TYR A 1280 33.34 7.20 -41.08
C TYR A 1280 33.99 7.82 -42.31
N HIS A 1281 33.16 8.31 -43.24
CA HIS A 1281 33.69 9.01 -44.40
C HIS A 1281 34.25 10.38 -44.00
N GLU A 1282 33.55 11.09 -43.12
CA GLU A 1282 33.95 12.46 -42.79
C GLU A 1282 35.09 12.49 -41.78
N PHE A 1283 35.40 11.36 -41.15
CA PHE A 1283 36.58 11.27 -40.32
C PHE A 1283 37.84 11.34 -41.18
N GLY A 1284 37.98 10.40 -42.11
CA GLY A 1284 39.20 10.33 -42.90
C GLY A 1284 39.32 11.44 -43.93
N MET A 1285 38.18 12.04 -44.29
CA MET A 1285 38.20 13.26 -45.08
C MET A 1285 38.86 14.40 -44.32
N ARG A 1286 38.62 14.47 -43.01
CA ARG A 1286 39.24 15.50 -42.19
C ARG A 1286 40.71 15.23 -41.98
N LEU A 1287 41.10 13.96 -41.87
CA LEU A 1287 42.49 13.60 -41.63
C LEU A 1287 43.37 13.88 -42.84
N TYR A 1288 42.87 13.56 -44.03
CA TYR A 1288 43.65 13.78 -45.23
C TYR A 1288 43.71 15.25 -45.61
N SER A 1289 42.68 16.02 -45.22
CA SER A 1289 42.66 17.44 -45.56
C SER A 1289 43.69 18.22 -44.76
N SER A 1290 43.79 17.95 -43.46
CA SER A 1290 44.69 18.70 -42.60
C SER A 1290 46.14 18.29 -42.76
N SER A 1291 46.41 17.11 -43.32
CA SER A 1291 47.79 16.66 -43.45
C SER A 1291 48.52 17.29 -44.62
N ARG A 1292 47.82 18.01 -45.49
CA ARG A 1292 48.41 18.61 -46.68
C ARG A 1292 48.31 20.13 -46.61
N GLU A 1293 48.64 20.76 -47.72
CA GLU A 1293 48.66 22.21 -47.84
C GLU A 1293 47.24 22.77 -47.74
N PRO A 1294 47.07 23.96 -47.14
CA PRO A 1294 48.07 24.89 -46.57
C PRO A 1294 48.45 24.56 -45.14
N PHE A 1295 47.87 23.48 -44.60
CA PHE A 1295 48.10 23.15 -43.20
C PHE A 1295 49.40 22.36 -43.02
N ALA A 1296 49.44 21.15 -43.58
CA ALA A 1296 50.56 20.19 -43.49
C ALA A 1296 50.93 19.91 -42.03
N MET A 1297 50.01 19.20 -41.35
CA MET A 1297 50.08 18.82 -39.93
C MET A 1297 50.15 20.02 -39.00
N GLU A 1298 49.58 21.16 -39.40
CA GLU A 1298 49.57 22.37 -38.59
C GLU A 1298 48.83 22.27 -37.25
N PRO A 1299 47.67 21.61 -37.11
CA PRO A 1299 47.14 21.40 -35.74
C PRO A 1299 47.92 20.41 -34.90
N PHE A 1300 48.83 19.64 -35.49
CA PHE A 1300 49.55 18.58 -34.80
C PHE A 1300 50.77 19.07 -34.04
N GLU A 1301 51.03 20.37 -34.03
CA GLU A 1301 52.22 20.92 -33.38
C GLU A 1301 52.11 20.89 -31.87
N HIS A 1302 53.25 20.74 -31.20
CA HIS A 1302 53.37 20.87 -29.75
C HIS A 1302 54.28 22.02 -29.36
N GLY A 1303 54.15 23.17 -30.04
CA GLY A 1303 54.94 24.33 -29.69
C GLY A 1303 54.56 24.90 -28.33
N ASP A 1304 53.27 25.01 -28.07
CA ASP A 1304 52.79 25.32 -26.73
C ASP A 1304 52.58 24.09 -25.88
N HIS A 1305 52.69 22.89 -26.47
CA HIS A 1305 52.54 21.66 -25.71
C HIS A 1305 53.89 20.97 -25.55
N VAL A 1322 54.75 18.04 -24.40
CA VAL A 1322 54.36 17.24 -23.25
C VAL A 1322 54.08 15.83 -23.73
N HIS A 1323 53.50 15.73 -24.92
CA HIS A 1323 53.04 14.45 -25.44
C HIS A 1323 53.58 14.22 -26.85
N ASN A 1324 53.39 13.00 -27.35
CA ASN A 1324 53.76 12.64 -28.71
C ASN A 1324 52.83 13.30 -29.72
N GLN A 1325 53.26 13.37 -30.98
CA GLN A 1325 52.44 13.84 -32.08
C GLN A 1325 52.28 12.72 -33.09
N MET A 1326 51.18 12.77 -33.84
CA MET A 1326 51.01 11.84 -34.95
C MET A 1326 51.93 12.24 -36.09
N THR A 1327 52.40 11.24 -36.82
CA THR A 1327 53.07 11.45 -38.09
C THR A 1327 52.01 11.57 -39.17
N ASP A 1328 52.40 12.08 -40.33
CA ASP A 1328 51.49 12.12 -41.46
C ASP A 1328 51.20 10.71 -41.98
N TYR A 1329 52.19 9.82 -41.87
CA TYR A 1329 52.03 8.42 -42.29
C TYR A 1329 50.97 7.70 -41.46
N GLN A 1330 51.01 7.87 -40.14
CA GLN A 1330 50.05 7.21 -39.25
C GLN A 1330 48.67 7.81 -39.39
N VAL A 1331 48.59 9.10 -39.71
CA VAL A 1331 47.32 9.73 -40.05
C VAL A 1331 46.76 9.12 -41.33
N TRP A 1332 47.62 8.93 -42.33
CA TRP A 1332 47.20 8.28 -43.57
C TRP A 1332 46.98 6.79 -43.35
N LYS A 1333 47.65 6.21 -42.35
CA LYS A 1333 47.34 4.84 -41.97
C LYS A 1333 46.00 4.76 -41.26
N PHE A 1334 45.64 5.80 -40.51
CA PHE A 1334 44.37 5.81 -39.79
C PHE A 1334 43.20 6.05 -40.73
N ALA A 1335 43.37 6.95 -41.70
CA ALA A 1335 42.22 7.47 -42.45
C ALA A 1335 41.67 6.46 -43.44
N ALA A 1336 42.54 5.64 -44.02
CA ALA A 1336 42.12 4.69 -45.04
C ALA A 1336 41.28 3.56 -44.46
N HIS A 1337 41.56 3.19 -43.20
CA HIS A 1337 40.77 2.15 -42.55
C HIS A 1337 39.36 2.64 -42.24
N LEU A 1338 39.21 3.93 -41.96
CA LEU A 1338 37.89 4.54 -41.92
C LEU A 1338 37.25 4.53 -43.31
N PHE A 1339 38.04 4.83 -44.34
CA PHE A 1339 37.54 4.73 -45.71
C PHE A 1339 37.32 3.28 -46.13
N ARG A 1340 38.07 2.35 -45.53
CA ARG A 1340 37.73 0.93 -45.67
C ARG A 1340 36.40 0.62 -45.01
N LYS A 1341 36.16 1.19 -43.83
CA LYS A 1341 34.89 0.96 -43.15
C LYS A 1341 33.75 1.71 -43.82
N ALA A 1342 34.05 2.87 -44.40
CA ALA A 1342 33.04 3.60 -45.16
C ALA A 1342 32.75 2.93 -46.50
N MET A 1343 33.70 2.11 -46.99
CA MET A 1343 33.47 1.36 -48.22
C MET A 1343 32.45 0.25 -48.00
N VAL A 1344 32.44 -0.36 -46.80
CA VAL A 1344 31.53 -1.45 -46.50
C VAL A 1344 30.09 -0.93 -46.38
N GLY A 1345 29.92 0.18 -45.65
CA GLY A 1345 28.58 0.67 -45.38
C GLY A 1345 27.94 1.34 -46.59
N LYS A 1346 28.72 2.09 -47.36
CA LYS A 1346 28.23 2.80 -48.54
C LYS A 1346 29.01 2.29 -49.74
N PRO A 1347 28.54 1.19 -50.34
CA PRO A 1347 29.30 0.60 -51.46
C PRO A 1347 29.20 1.39 -52.74
N LYS A 1348 28.13 2.17 -52.91
CA LYS A 1348 28.00 3.01 -54.09
C LYS A 1348 28.84 4.27 -54.00
N ASP A 1349 29.39 4.56 -52.82
CA ASP A 1349 30.33 5.67 -52.65
C ASP A 1349 31.63 5.27 -53.33
N TRP A 1350 31.86 5.84 -54.51
CA TRP A 1350 33.05 5.55 -55.30
C TRP A 1350 34.30 6.19 -54.72
N LYS A 1351 34.13 7.21 -53.86
CA LYS A 1351 35.27 7.91 -53.31
C LYS A 1351 36.06 7.06 -52.33
N ASN A 1352 35.36 6.28 -51.49
CA ASN A 1352 35.94 5.46 -50.42
C ASN A 1352 36.98 4.43 -50.87
N PRO A 1353 36.82 3.69 -51.98
CA PRO A 1353 38.00 2.95 -52.46
C PRO A 1353 39.07 3.83 -53.07
N TYR A 1354 38.67 4.94 -53.70
CA TYR A 1354 39.65 5.85 -54.27
C TYR A 1354 40.42 6.60 -53.18
N MET A 1355 39.74 6.96 -52.10
CA MET A 1355 40.43 7.59 -50.97
C MET A 1355 41.28 6.58 -50.22
N VAL A 1356 40.94 5.29 -50.29
CA VAL A 1356 41.83 4.24 -49.81
C VAL A 1356 43.09 4.20 -50.66
N ALA A 1357 42.95 4.37 -51.97
CA ALA A 1357 44.08 4.27 -52.88
C ALA A 1357 45.00 5.49 -52.78
N LYS A 1358 44.46 6.62 -52.35
CA LYS A 1358 45.28 7.82 -52.23
C LYS A 1358 46.23 7.72 -51.04
N CYS A 1359 45.72 7.22 -49.91
CA CYS A 1359 46.49 7.24 -48.66
C CYS A 1359 47.59 6.17 -48.68
N LEU A 1360 47.27 4.99 -49.20
CA LEU A 1360 48.25 3.90 -49.23
C LEU A 1360 49.36 4.18 -50.23
N TRP A 1361 49.05 4.91 -51.29
CA TRP A 1361 50.09 5.41 -52.20
C TRP A 1361 50.94 6.47 -51.53
N LYS A 1362 50.33 7.30 -50.68
CA LYS A 1362 51.13 8.22 -49.86
C LYS A 1362 51.89 7.45 -48.79
N MET A 1363 51.33 6.33 -48.33
CA MET A 1363 52.11 5.40 -47.50
C MET A 1363 53.17 4.70 -48.33
N TYR A 1364 52.89 4.47 -49.62
CA TYR A 1364 53.92 3.99 -50.53
C TYR A 1364 54.91 5.10 -50.88
N GLN A 1365 54.47 6.36 -50.79
CA GLN A 1365 55.38 7.48 -51.01
C GLN A 1365 56.36 7.63 -49.85
N LYS A 1366 56.01 7.15 -48.67
CA LYS A 1366 56.86 7.25 -47.49
C LYS A 1366 58.09 6.36 -47.64
N PRO A 1367 59.30 6.89 -47.45
CA PRO A 1367 60.49 6.05 -47.52
C PRO A 1367 60.57 5.10 -46.33
N THR A 1368 61.26 3.98 -46.54
CA THR A 1368 61.36 2.94 -45.52
C THR A 1368 62.25 3.36 -44.37
N GLU A 1369 63.26 4.19 -44.64
CA GLU A 1369 64.17 4.63 -43.59
C GLU A 1369 63.49 5.67 -42.69
N GLU A 1370 62.51 6.41 -43.22
CA GLU A 1370 61.72 7.29 -42.37
C GLU A 1370 60.71 6.50 -41.55
N LEU A 1371 60.35 5.30 -42.00
CA LEU A 1371 59.53 4.39 -41.20
C LEU A 1371 60.38 3.76 -40.11
N ASP A 1372 59.73 3.37 -39.02
CA ASP A 1372 60.38 2.55 -38.01
C ASP A 1372 60.40 1.09 -38.46
N GLU A 1373 60.88 0.22 -37.55
CA GLU A 1373 61.07 -1.18 -37.91
C GLU A 1373 59.74 -1.92 -38.04
N LYS A 1374 58.74 -1.56 -37.22
CA LYS A 1374 57.45 -2.21 -37.31
C LYS A 1374 56.67 -1.73 -38.53
N ASN A 1375 56.78 -0.44 -38.86
CA ASN A 1375 56.03 0.11 -39.98
C ASN A 1375 56.71 -0.13 -41.32
N ARG A 1376 57.98 -0.55 -41.32
CA ARG A 1376 58.65 -0.92 -42.56
C ARG A 1376 58.05 -2.20 -43.14
N ARG A 1377 57.68 -3.13 -42.25
CA ARG A 1377 57.00 -4.35 -42.69
C ARG A 1377 55.57 -4.05 -43.14
N HIS A 1378 54.93 -3.04 -42.55
CA HIS A 1378 53.55 -2.71 -42.83
C HIS A 1378 53.41 -1.60 -43.87
N ARG A 1379 54.50 -1.25 -44.56
CA ARG A 1379 54.39 -0.38 -45.72
C ARG A 1379 53.67 -1.13 -46.83
N PRO A 1380 52.77 -0.47 -47.57
CA PRO A 1380 52.06 -1.15 -48.67
C PRO A 1380 52.99 -1.55 -49.82
N THR A 1381 52.68 -2.69 -50.42
CA THR A 1381 53.43 -3.25 -51.52
C THR A 1381 52.81 -2.87 -52.85
N VAL A 1382 53.53 -3.18 -53.94
CA VAL A 1382 53.04 -2.90 -55.29
C VAL A 1382 51.85 -3.79 -55.63
N GLN A 1383 51.78 -4.98 -55.03
CA GLN A 1383 50.60 -5.83 -55.19
C GLN A 1383 49.37 -5.22 -54.53
N MET A 1384 49.54 -4.70 -53.31
CA MET A 1384 48.37 -4.21 -52.58
C MET A 1384 47.97 -2.81 -53.01
N VAL A 1385 48.92 -2.01 -53.52
CA VAL A 1385 48.60 -0.69 -54.04
C VAL A 1385 47.79 -0.81 -55.33
N LEU A 1386 48.23 -1.69 -56.23
CA LEU A 1386 47.51 -1.91 -57.49
C LEU A 1386 46.24 -2.74 -57.30
N ASP A 1387 46.09 -3.42 -56.17
CA ASP A 1387 44.83 -4.09 -55.86
C ASP A 1387 43.71 -3.09 -55.64
N ALA A 1388 43.98 -2.03 -54.90
CA ALA A 1388 42.98 -1.01 -54.64
C ALA A 1388 42.73 -0.13 -55.85
N LEU A 1389 43.77 0.06 -56.69
CA LEU A 1389 43.63 0.88 -57.88
C LEU A 1389 42.72 0.24 -58.92
N GLU A 1390 42.76 -1.10 -59.00
CA GLU A 1390 41.81 -1.81 -59.84
C GLU A 1390 40.44 -1.91 -59.17
N LYS A 1391 40.41 -1.77 -57.84
CA LYS A 1391 39.17 -1.96 -57.10
C LYS A 1391 38.22 -0.78 -57.27
N THR A 1392 38.77 0.44 -57.32
CA THR A 1392 37.93 1.64 -57.31
C THR A 1392 37.23 1.85 -58.65
N ILE A 1393 37.87 1.49 -59.75
CA ILE A 1393 37.24 1.64 -61.05
C ILE A 1393 36.26 0.50 -61.29
N GLU A 1394 36.46 -0.63 -60.60
CA GLU A 1394 35.47 -1.71 -60.59
C GLU A 1394 34.17 -1.26 -59.94
N VAL A 1395 34.27 -0.50 -58.84
CA VAL A 1395 33.09 0.06 -58.18
C VAL A 1395 32.45 1.14 -59.05
N VAL A 1396 33.29 1.93 -59.74
CA VAL A 1396 32.80 2.96 -60.68
C VAL A 1396 32.06 2.31 -61.84
N SER A 1397 32.56 1.18 -62.32
CA SER A 1397 31.85 0.43 -63.35
C SER A 1397 30.58 -0.23 -62.82
N ALA A 1398 30.50 -0.47 -61.50
CA ALA A 1398 29.28 -1.03 -60.93
C ALA A 1398 28.16 -0.01 -60.86
N LEU A 1399 28.48 1.27 -60.91
CA LEU A 1399 27.47 2.31 -60.99
C LEU A 1399 26.81 2.32 -62.36
N PRO A 1400 25.58 2.80 -62.46
CA PRO A 1400 24.98 3.05 -63.77
C PRO A 1400 25.66 4.23 -64.47
N LYS A 1401 25.44 4.31 -65.78
CA LYS A 1401 26.09 5.32 -66.60
C LYS A 1401 25.52 6.70 -66.30
N PRO A 1402 26.34 7.76 -66.34
CA PRO A 1402 25.82 9.11 -66.10
C PRO A 1402 24.97 9.60 -67.26
N ARG A 1403 24.07 10.53 -66.95
CA ARG A 1403 23.08 10.99 -67.91
C ARG A 1403 23.68 12.04 -68.83
N HIS A 1404 22.83 12.60 -69.70
CA HIS A 1404 23.26 13.62 -70.65
C HIS A 1404 23.51 14.94 -69.93
N GLY A 1405 24.66 15.54 -70.21
CA GLY A 1405 25.11 16.70 -69.49
C GLY A 1405 25.90 16.39 -68.23
N GLN A 1406 26.03 15.12 -67.88
CA GLN A 1406 26.78 14.68 -66.70
C GLN A 1406 27.97 13.87 -67.18
N GLU A 1407 29.16 14.43 -67.06
CA GLU A 1407 30.35 13.67 -67.39
C GLU A 1407 30.71 12.74 -66.24
N PRO A 1408 31.21 11.54 -66.54
CA PRO A 1408 31.67 10.65 -65.47
C PRO A 1408 32.94 11.16 -64.82
N ILE A 1409 33.17 10.69 -63.60
CA ILE A 1409 34.32 11.14 -62.81
C ILE A 1409 35.56 10.48 -63.37
N LEU A 1410 36.40 11.28 -64.05
CA LEU A 1410 37.62 10.77 -64.65
C LEU A 1410 38.74 10.57 -63.64
N GLU A 1411 38.57 11.07 -62.41
CA GLU A 1411 39.64 11.00 -61.41
C GLU A 1411 40.00 9.59 -60.92
N PRO A 1412 39.06 8.60 -60.80
CA PRO A 1412 39.55 7.21 -60.68
C PRO A 1412 40.32 6.72 -61.89
N HIS A 1413 39.96 7.19 -63.08
CA HIS A 1413 40.66 6.78 -64.29
C HIS A 1413 41.96 7.55 -64.50
N TYR A 1414 42.03 8.79 -64.02
CA TYR A 1414 43.22 9.61 -64.27
C TYR A 1414 44.32 9.33 -63.27
N LYS A 1415 43.97 9.12 -62.00
CA LYS A 1415 44.98 9.03 -60.95
C LYS A 1415 45.71 7.69 -60.98
N ILE A 1416 45.09 6.64 -61.54
CA ILE A 1416 45.74 5.33 -61.63
C ILE A 1416 46.86 5.36 -62.66
N VAL A 1417 46.73 6.22 -63.68
CA VAL A 1417 47.78 6.37 -64.68
C VAL A 1417 48.98 7.11 -64.09
N SER A 1418 48.73 8.08 -63.20
CA SER A 1418 49.78 8.96 -62.69
C SER A 1418 50.73 8.21 -61.76
N VAL A 1419 50.19 7.32 -60.93
CA VAL A 1419 51.05 6.52 -60.06
C VAL A 1419 51.84 5.50 -60.87
N ILE A 1420 51.21 4.92 -61.90
CA ILE A 1420 51.85 3.92 -62.76
C ILE A 1420 52.98 4.56 -63.58
N TRP A 1421 52.74 5.78 -64.06
CA TRP A 1421 53.79 6.57 -64.71
C TRP A 1421 54.90 6.91 -63.74
N LYS A 1422 54.55 7.22 -62.48
CA LYS A 1422 55.57 7.46 -61.46
C LYS A 1422 56.26 6.16 -61.06
N LEU A 1423 55.53 5.04 -61.08
CA LEU A 1423 56.13 3.74 -60.77
C LEU A 1423 57.13 3.32 -61.86
N VAL A 1424 56.82 3.63 -63.11
CA VAL A 1424 57.77 3.43 -64.20
C VAL A 1424 58.93 4.41 -64.08
N LYS A 1425 58.65 5.65 -63.65
CA LYS A 1425 59.69 6.64 -63.43
C LYS A 1425 60.59 6.27 -62.26
N ARG A 1426 60.03 5.64 -61.24
CA ARG A 1426 60.87 5.09 -60.17
C ARG A 1426 61.59 3.83 -60.65
N GLY A 1427 60.95 3.04 -61.51
CA GLY A 1427 61.56 1.82 -62.00
C GLY A 1427 61.15 0.56 -61.28
N ASP A 1428 60.21 0.64 -60.34
CA ASP A 1428 59.68 -0.56 -59.69
C ASP A 1428 58.67 -1.30 -60.54
N LEU A 1429 58.16 -0.65 -61.59
CA LEU A 1429 57.17 -1.25 -62.48
C LEU A 1429 57.70 -1.21 -63.90
N SER A 1430 57.75 -2.37 -64.54
CA SER A 1430 58.22 -2.46 -65.91
C SER A 1430 57.18 -1.89 -66.86
N PRO A 1431 57.60 -1.18 -67.92
CA PRO A 1431 56.63 -0.64 -68.90
C PRO A 1431 55.88 -1.70 -69.69
N GLN A 1432 56.46 -2.89 -69.83
CA GLN A 1432 55.74 -4.02 -70.43
C GLN A 1432 54.59 -4.47 -69.55
N GLU A 1433 54.86 -4.64 -68.25
CA GLU A 1433 53.82 -5.10 -67.33
C GLU A 1433 52.86 -3.99 -66.97
N ALA A 1434 53.29 -2.73 -67.11
CA ALA A 1434 52.39 -1.60 -66.88
C ALA A 1434 51.33 -1.52 -67.96
N THR A 1435 51.71 -1.80 -69.20
CA THR A 1435 50.78 -1.69 -70.32
C THR A 1435 49.72 -2.78 -70.30
N LYS A 1436 50.01 -3.92 -69.65
CA LYS A 1436 48.97 -4.91 -69.37
C LYS A 1436 47.92 -4.34 -68.44
N VAL A 1437 48.36 -3.63 -67.39
CA VAL A 1437 47.43 -2.95 -66.51
C VAL A 1437 46.78 -1.77 -67.21
N LEU A 1438 47.55 -1.07 -68.06
CA LEU A 1438 47.06 0.15 -68.71
C LEU A 1438 46.04 -0.13 -69.81
N GLN A 1439 45.94 -1.36 -70.28
CA GLN A 1439 44.94 -1.68 -71.30
C GLN A 1439 43.72 -2.40 -70.76
N ARG A 1440 43.65 -2.63 -69.46
CA ARG A 1440 42.42 -3.09 -68.82
C ARG A 1440 41.45 -1.95 -68.54
N GLN A 1441 41.86 -0.70 -68.75
CA GLN A 1441 41.02 0.44 -68.42
C GLN A 1441 39.89 0.58 -69.42
N PRO A 1442 38.69 1.00 -68.99
CA PRO A 1442 37.58 1.20 -69.94
C PRO A 1442 37.81 2.35 -70.89
N TYR A 1443 38.62 3.33 -70.50
CA TYR A 1443 39.00 4.44 -71.36
C TYR A 1443 40.46 4.35 -71.78
N SER A 1444 40.93 3.13 -72.03
CA SER A 1444 42.29 2.93 -72.48
C SER A 1444 42.41 3.12 -73.99
N PRO A 1445 43.55 3.63 -74.45
CA PRO A 1445 43.81 3.60 -75.90
C PRO A 1445 44.08 2.17 -76.35
N ASP A 1446 43.41 1.79 -77.45
CA ASP A 1446 43.36 0.42 -77.99
C ASP A 1446 42.93 -0.59 -76.93
N HIS A 1447 41.80 -0.29 -76.26
CA HIS A 1447 41.30 -1.15 -75.20
C HIS A 1447 40.73 -2.44 -75.77
N GLY A 1448 41.09 -3.56 -75.14
CA GLY A 1448 40.75 -4.87 -75.65
C GLY A 1448 41.77 -5.44 -76.62
N LYS A 1449 42.75 -4.64 -77.04
CA LYS A 1449 43.80 -5.05 -77.96
C LYS A 1449 45.13 -4.93 -77.24
N GLU A 1450 45.95 -5.97 -77.30
CA GLU A 1450 47.21 -5.97 -76.59
C GLU A 1450 48.25 -5.13 -77.32
N VAL A 1451 48.91 -4.24 -76.58
CA VAL A 1451 50.03 -3.45 -77.10
C VAL A 1451 51.21 -3.68 -76.16
N SER A 1452 52.31 -4.20 -76.69
CA SER A 1452 53.50 -4.48 -75.91
C SER A 1452 54.47 -3.30 -75.96
N VAL A 1453 55.08 -2.98 -74.83
CA VAL A 1453 55.95 -1.83 -74.68
C VAL A 1453 57.30 -2.31 -74.16
N GLU A 1454 58.38 -1.98 -74.88
CA GLU A 1454 59.72 -2.36 -74.45
C GLU A 1454 60.63 -1.20 -74.10
N THR A 1455 60.37 0.02 -74.61
CA THR A 1455 61.18 1.18 -74.29
C THR A 1455 60.36 2.19 -73.50
N ALA A 1456 61.06 3.07 -72.78
CA ALA A 1456 60.40 4.10 -72.00
C ALA A 1456 59.78 5.17 -72.89
N GLU A 1457 60.40 5.43 -74.04
CA GLU A 1457 59.86 6.43 -74.96
C GLU A 1457 58.61 5.91 -75.67
N ASP A 1458 58.56 4.61 -75.93
CA ASP A 1458 57.32 4.00 -76.42
C ASP A 1458 56.26 3.96 -75.33
N PHE A 1459 56.69 3.86 -74.07
CA PHE A 1459 55.76 3.98 -72.96
C PHE A 1459 55.25 5.41 -72.83
N LYS A 1460 56.16 6.39 -72.96
CA LYS A 1460 55.79 7.79 -72.86
C LYS A 1460 54.91 8.23 -74.03
N ALA A 1461 55.08 7.58 -75.19
CA ALA A 1461 54.17 7.80 -76.30
C ALA A 1461 52.78 7.29 -75.99
N TYR A 1462 52.68 6.13 -75.34
CA TYR A 1462 51.38 5.58 -74.97
C TYR A 1462 50.76 6.34 -73.81
N ILE A 1463 51.61 6.88 -72.92
CA ILE A 1463 51.16 7.74 -71.83
C ILE A 1463 50.56 9.03 -72.39
N ILE A 1464 51.19 9.56 -73.45
CA ILE A 1464 50.64 10.71 -74.18
C ILE A 1464 49.32 10.35 -74.85
N ARG A 1465 49.22 9.11 -75.37
CA ARG A 1465 47.95 8.63 -75.90
C ARG A 1465 46.92 8.43 -74.80
N CYS A 1466 47.38 8.10 -73.58
CA CYS A 1466 46.46 7.92 -72.46
C CYS A 1466 45.89 9.26 -72.00
N LEU A 1467 46.74 10.30 -71.97
CA LEU A 1467 46.31 11.61 -71.49
C LEU A 1467 45.38 12.29 -72.48
N ARG A 1468 45.66 12.16 -73.78
CA ARG A 1468 44.86 12.85 -74.78
C ARG A 1468 43.52 12.15 -74.98
N TYR A 1469 43.49 10.82 -74.82
CA TYR A 1469 42.20 10.12 -74.84
C TYR A 1469 41.41 10.42 -73.58
N LEU A 1470 42.09 10.65 -72.46
CA LEU A 1470 41.41 11.18 -71.28
C LEU A 1470 40.99 12.63 -71.49
N ARG A 1471 41.75 13.37 -72.31
CA ARG A 1471 41.35 14.72 -72.66
C ARG A 1471 40.15 14.73 -73.61
N ASP A 1472 39.95 13.63 -74.36
CA ASP A 1472 38.72 13.47 -75.11
C ASP A 1472 37.52 13.29 -74.19
N LYS A 1473 37.70 12.59 -73.07
CA LYS A 1473 36.62 12.45 -72.10
C LYS A 1473 36.47 13.70 -71.24
N ASP A 1474 37.50 14.55 -71.20
CA ASP A 1474 37.43 15.83 -70.49
C ASP A 1474 36.90 16.89 -71.44
N LYS A 1475 35.57 16.90 -71.57
CA LYS A 1475 34.92 17.83 -72.50
C LYS A 1475 34.92 19.25 -71.95
N SER A 1476 34.73 19.41 -70.64
CA SER A 1476 34.65 20.73 -70.03
C SER A 1476 36.01 21.32 -69.70
N ASN A 1477 37.09 20.55 -69.90
CA ASN A 1477 38.49 20.96 -69.68
C ASN A 1477 38.74 21.39 -68.23
N TRP A 1478 38.30 20.55 -67.30
CA TRP A 1478 38.42 20.83 -65.87
C TRP A 1478 39.28 19.82 -65.12
N GLN A 1479 39.83 18.82 -65.80
CA GLN A 1479 40.69 17.84 -65.14
C GLN A 1479 42.12 18.36 -65.00
N SER B 426 47.74 -14.83 36.56
CA SER B 426 47.75 -13.39 36.28
C SER B 426 47.72 -13.13 34.79
N ALA B 427 48.82 -13.47 34.12
CA ALA B 427 48.92 -13.25 32.67
C ALA B 427 48.00 -14.19 31.92
N THR B 428 47.82 -15.42 32.41
CA THR B 428 46.87 -16.36 31.82
C THR B 428 45.43 -15.86 31.98
N PHE B 429 45.12 -15.27 33.13
CA PHE B 429 43.81 -14.65 33.36
C PHE B 429 43.59 -13.45 32.45
N PHE B 430 44.62 -12.62 32.27
CA PHE B 430 44.53 -11.46 31.38
C PHE B 430 44.35 -11.88 29.93
N ALA B 431 45.04 -12.95 29.51
CA ALA B 431 44.87 -13.48 28.15
C ALA B 431 43.50 -14.12 27.97
N THR B 432 42.98 -14.75 29.02
CA THR B 432 41.63 -15.32 28.97
C THR B 432 40.57 -14.24 28.83
N GLN B 433 40.77 -13.10 29.49
CA GLN B 433 39.83 -11.99 29.32
C GLN B 433 40.01 -11.32 27.97
N LEU B 434 41.25 -11.26 27.48
CA LEU B 434 41.53 -10.67 26.18
C LEU B 434 41.01 -11.50 25.01
N GLN B 435 40.92 -12.82 25.19
CA GLN B 435 40.56 -13.77 24.14
C GLN B 435 39.22 -13.53 23.42
N PRO B 436 38.09 -13.19 24.08
CA PRO B 436 36.92 -12.80 23.28
C PRO B 436 37.07 -11.47 22.56
N LEU B 437 37.78 -10.52 23.18
CA LEU B 437 38.04 -9.24 22.54
C LEU B 437 38.95 -9.42 21.32
N GLN B 438 40.00 -10.22 21.47
CA GLN B 438 40.92 -10.47 20.36
C GLN B 438 40.25 -11.28 19.27
N ALA B 439 39.34 -12.19 19.64
CA ALA B 439 38.57 -12.95 18.67
C ALA B 439 37.62 -12.06 17.88
N ALA B 440 36.97 -11.12 18.56
CA ALA B 440 36.07 -10.18 17.90
C ALA B 440 36.83 -9.25 16.96
N ASP B 441 38.00 -8.77 17.39
CA ASP B 441 38.84 -7.94 16.53
C ASP B 441 39.38 -8.72 15.34
N GLN B 442 39.70 -10.00 15.57
CA GLN B 442 40.18 -10.88 14.50
C GLN B 442 39.12 -11.09 13.44
N ASN B 443 37.89 -11.36 13.87
CA ASN B 443 36.80 -11.57 12.92
C ASN B 443 36.42 -10.27 12.23
N LEU B 444 36.55 -9.14 12.92
CA LEU B 444 36.22 -7.85 12.33
C LEU B 444 37.21 -7.46 11.24
N PHE B 445 38.50 -7.57 11.55
CA PHE B 445 39.52 -7.25 10.55
C PHE B 445 39.59 -8.30 9.46
N GLN B 446 39.20 -9.54 9.76
CA GLN B 446 39.14 -10.59 8.74
C GLN B 446 38.03 -10.32 7.73
N ALA B 447 36.84 -9.93 8.23
CA ALA B 447 35.73 -9.59 7.34
C ALA B 447 36.03 -8.32 6.56
N THR B 448 36.70 -7.35 7.19
CA THR B 448 37.13 -6.14 6.51
C THR B 448 38.15 -6.45 5.41
N LYS B 449 39.08 -7.36 5.69
CA LYS B 449 40.08 -7.78 4.71
C LYS B 449 39.44 -8.50 3.53
N ASN B 450 38.47 -9.37 3.81
CA ASN B 450 37.79 -10.11 2.76
C ASN B 450 36.95 -9.19 1.88
N LEU B 451 36.28 -8.21 2.49
CA LEU B 451 35.45 -7.31 1.71
C LEU B 451 36.29 -6.31 0.94
N LEU B 452 37.45 -5.92 1.48
CA LEU B 452 38.35 -5.06 0.72
C LEU B 452 39.00 -5.82 -0.43
N GLU B 453 39.27 -7.11 -0.23
CA GLU B 453 39.79 -7.94 -1.32
C GLU B 453 38.73 -8.17 -2.38
N ASN B 454 37.47 -8.29 -1.98
CA ASN B 454 36.40 -8.54 -2.94
C ASN B 454 36.00 -7.29 -3.71
N LEU B 455 36.47 -6.12 -3.30
CA LEU B 455 36.28 -4.91 -4.08
C LEU B 455 37.47 -4.62 -4.98
N GLY B 456 38.39 -5.56 -5.13
CA GLY B 456 39.49 -5.39 -6.04
C GLY B 456 40.60 -4.48 -5.55
N VAL B 457 40.58 -4.09 -4.28
CA VAL B 457 41.66 -3.28 -3.73
C VAL B 457 42.84 -4.21 -3.53
N THR B 458 43.79 -4.19 -4.46
CA THR B 458 44.90 -5.11 -4.46
C THR B 458 46.21 -4.45 -4.03
N ASP B 459 46.13 -3.38 -3.23
CA ASP B 459 47.33 -2.82 -2.64
C ASP B 459 47.87 -3.76 -1.57
N ARG B 460 49.11 -4.23 -1.76
CA ARG B 460 49.71 -5.19 -0.84
C ARG B 460 50.02 -4.57 0.52
N VAL B 461 50.23 -3.25 0.56
CA VAL B 461 50.61 -2.59 1.81
C VAL B 461 49.46 -2.58 2.80
N THR B 462 48.23 -2.35 2.31
CA THR B 462 47.05 -2.40 3.16
C THR B 462 46.81 -3.79 3.71
N LEU B 463 47.03 -4.80 2.87
CA LEU B 463 46.92 -6.19 3.31
C LEU B 463 48.00 -6.54 4.32
N ASP B 464 49.20 -5.97 4.16
CA ASP B 464 50.28 -6.20 5.11
C ASP B 464 49.99 -5.53 6.45
N ARG B 465 49.37 -4.35 6.42
CA ARG B 465 48.97 -3.69 7.66
C ARG B 465 47.87 -4.47 8.38
N ILE B 466 46.90 -5.00 7.62
CA ILE B 466 45.84 -5.81 8.21
C ILE B 466 46.40 -7.12 8.76
N ALA B 467 47.39 -7.69 8.06
CA ALA B 467 48.06 -8.89 8.55
C ALA B 467 48.92 -8.59 9.77
N GLU B 468 49.43 -7.36 9.88
CA GLU B 468 50.15 -6.97 11.09
C GLU B 468 49.19 -6.83 12.27
N VAL B 469 47.97 -6.35 12.01
CA VAL B 469 46.92 -6.33 13.03
C VAL B 469 46.54 -7.76 13.41
N LEU B 470 46.55 -8.67 12.43
CA LEU B 470 46.31 -10.09 12.71
C LEU B 470 47.41 -10.71 13.54
N ASP B 471 48.65 -10.30 13.29
CA ASP B 471 49.79 -10.74 14.11
C ASP B 471 49.67 -10.21 15.53
N SER B 472 49.17 -8.97 15.67
CA SER B 472 48.94 -8.38 16.98
C SER B 472 47.84 -9.13 17.73
N CYS B 473 46.75 -9.47 17.04
CA CYS B 473 45.63 -10.15 17.69
C CYS B 473 45.87 -11.64 17.87
N ALA B 474 46.88 -12.20 17.22
CA ALA B 474 47.24 -13.60 17.41
C ALA B 474 48.24 -13.78 18.55
N SER B 475 48.61 -12.71 19.24
CA SER B 475 49.61 -12.76 20.29
C SER B 475 49.17 -11.91 21.47
N ASP B 476 49.83 -12.13 22.61
CA ASP B 476 49.55 -11.32 23.79
C ASP B 476 50.18 -9.94 23.65
N ASP B 477 51.43 -9.89 23.14
CA ASP B 477 52.12 -8.62 22.97
C ASP B 477 51.77 -8.03 21.60
N ARG B 478 50.57 -7.41 21.57
CA ARG B 478 50.06 -6.84 20.34
C ARG B 478 50.82 -5.58 19.92
N THR B 479 51.31 -4.82 20.90
CA THR B 479 51.90 -3.52 20.61
C THR B 479 53.30 -3.62 20.01
N SER B 480 54.07 -4.63 20.40
CA SER B 480 55.45 -4.75 19.94
C SER B 480 55.53 -5.18 18.49
N LYS B 481 54.50 -5.90 18.01
CA LYS B 481 54.56 -6.42 16.65
C LYS B 481 54.27 -5.33 15.61
N PHE B 482 53.69 -4.21 16.02
CA PHE B 482 53.48 -3.11 15.10
C PHE B 482 54.80 -2.41 14.81
N GLN B 483 55.07 -2.18 13.52
CA GLN B 483 56.31 -1.57 13.08
C GLN B 483 56.11 -0.35 12.20
N ASN B 484 54.88 0.01 11.86
CA ASN B 484 54.62 1.25 11.15
C ASN B 484 54.94 2.44 12.05
N PRO B 485 55.55 3.50 11.51
CA PRO B 485 55.94 4.65 12.37
C PRO B 485 54.79 5.40 13.02
N ALA B 486 53.64 5.49 12.36
CA ALA B 486 52.53 6.24 12.93
C ALA B 486 51.89 5.49 14.10
N THR B 487 51.79 4.16 13.98
CA THR B 487 51.22 3.34 15.03
C THR B 487 52.11 3.35 16.28
N VAL B 488 53.42 3.21 16.07
CA VAL B 488 54.32 3.25 17.22
C VAL B 488 54.51 4.67 17.73
N ASP B 489 54.22 5.68 16.91
CA ASP B 489 54.24 7.06 17.40
C ASP B 489 53.04 7.34 18.29
N LEU B 490 51.88 6.79 17.93
CA LEU B 490 50.72 6.84 18.82
C LEU B 490 50.97 6.05 20.11
N ARG B 491 51.64 4.91 19.98
CA ARG B 491 51.99 4.07 21.13
C ARG B 491 52.95 4.78 22.08
N ASN B 492 53.93 5.50 21.52
CA ASN B 492 54.84 6.28 22.34
C ASN B 492 54.15 7.52 22.91
N ALA B 493 53.19 8.07 22.17
CA ALA B 493 52.45 9.23 22.66
C ALA B 493 51.53 8.86 23.83
N LEU B 494 51.00 7.64 23.82
CA LEU B 494 50.13 7.22 24.90
C LEU B 494 50.83 6.47 26.00
N MET B 495 52.05 5.98 25.76
CA MET B 495 52.79 5.28 26.80
C MET B 495 53.26 6.24 27.88
N ASN B 496 53.94 7.31 27.48
CA ASN B 496 54.22 8.44 28.35
C ASN B 496 53.34 9.59 27.87
N PHE B 497 52.21 9.77 28.53
CA PHE B 497 51.29 10.85 28.18
C PHE B 497 51.89 12.19 28.54
N ASP B 498 51.72 13.16 27.64
CA ASP B 498 52.09 14.54 27.89
C ASP B 498 50.89 15.43 27.66
N GLU B 499 50.71 16.40 28.55
CA GLU B 499 49.54 17.27 28.50
C GLU B 499 49.63 18.25 27.35
N ASP B 500 50.82 18.82 27.11
CA ASP B 500 50.97 19.77 26.02
C ASP B 500 50.95 19.08 24.67
N VAL B 501 51.33 17.80 24.65
CA VAL B 501 51.13 16.97 23.46
C VAL B 501 49.64 16.83 23.17
N ALA B 502 48.85 16.59 24.22
CA ALA B 502 47.41 16.44 24.06
C ALA B 502 46.68 17.76 24.02
N ALA B 503 47.39 18.88 24.13
CA ALA B 503 46.74 20.19 24.22
C ALA B 503 46.11 20.59 22.90
N ILE B 504 46.80 20.33 21.79
CA ILE B 504 46.29 20.70 20.48
C ILE B 504 45.10 19.82 20.09
N LEU B 505 45.10 18.56 20.48
CA LEU B 505 43.95 17.69 20.22
C LEU B 505 42.78 17.96 21.16
N LEU B 506 43.06 18.32 22.42
CA LEU B 506 41.99 18.60 23.37
C LEU B 506 41.31 19.93 23.06
N ASN B 507 42.10 20.96 22.79
CA ASN B 507 41.53 22.23 22.32
C ASN B 507 41.04 22.08 20.89
N GLN B 508 40.14 22.96 20.50
CA GLN B 508 39.58 22.88 19.16
C GLN B 508 40.53 23.50 18.15
N ARG B 509 40.38 23.10 16.88
CA ARG B 509 41.31 23.51 15.83
C ARG B 509 41.03 24.94 15.41
N GLU B 510 42.06 25.78 15.45
CA GLU B 510 41.97 27.16 14.98
C GLU B 510 42.72 27.29 13.65
N LEU B 511 41.99 27.61 12.59
CA LEU B 511 42.54 27.55 11.23
C LEU B 511 43.34 28.80 10.91
N PRO B 512 44.59 28.67 10.46
CA PRO B 512 45.27 29.82 9.86
C PRO B 512 44.62 30.21 8.53
N GLN B 513 44.65 31.51 8.24
CA GLN B 513 43.93 32.06 7.11
C GLN B 513 44.79 32.08 5.84
N LEU B 514 44.15 32.48 4.74
CA LEU B 514 44.82 32.59 3.44
C LEU B 514 45.68 33.84 3.46
N ASN B 515 46.91 33.70 3.94
CA ASN B 515 47.83 34.82 4.07
C ASN B 515 49.16 34.49 3.43
N LEU B 516 49.84 35.53 2.96
CA LEU B 516 51.16 35.37 2.38
C LEU B 516 52.21 35.10 3.46
N SER B 517 51.98 35.60 4.68
CA SER B 517 52.88 35.31 5.79
C SER B 517 52.81 33.84 6.19
N THR B 518 51.60 33.27 6.21
CA THR B 518 51.44 31.85 6.49
C THR B 518 52.01 31.00 5.36
N PHE B 519 51.91 31.49 4.12
CA PHE B 519 52.53 30.82 2.99
C PHE B 519 54.06 30.85 3.08
N LEU B 520 54.61 31.96 3.57
CA LEU B 520 56.05 32.06 3.80
C LEU B 520 56.50 31.14 4.92
N GLU B 521 55.67 31.01 5.97
CA GLU B 521 55.98 30.10 7.07
C GLU B 521 55.93 28.64 6.63
N HIS B 522 54.93 28.28 5.83
CA HIS B 522 54.81 26.92 5.33
C HIS B 522 55.76 26.62 4.18
N ALA B 523 56.37 27.63 3.58
CA ALA B 523 57.34 27.42 2.51
C ALA B 523 58.74 27.74 3.00
N PRO B 759 33.90 31.74 -6.46
CA PRO B 759 34.33 30.37 -6.18
C PRO B 759 34.68 29.58 -7.44
N VAL B 760 34.03 29.94 -8.55
CA VAL B 760 34.21 29.20 -9.80
C VAL B 760 35.60 29.42 -10.36
N SER B 761 36.11 30.65 -10.22
CA SER B 761 37.49 30.94 -10.62
C SER B 761 38.50 30.22 -9.73
N VAL B 762 38.14 30.03 -8.45
CA VAL B 762 38.99 29.28 -7.54
C VAL B 762 39.02 27.80 -7.93
N ILE B 763 37.88 27.29 -8.41
CA ILE B 763 37.83 25.94 -8.95
C ILE B 763 38.65 25.85 -10.22
N GLU B 764 38.58 26.89 -11.06
CA GLU B 764 39.28 26.88 -12.34
C GLU B 764 40.79 27.05 -12.21
N ASN B 765 41.28 27.41 -11.03
CA ASN B 765 42.72 27.46 -10.78
C ASN B 765 43.23 26.25 -10.02
N LEU B 766 42.52 25.85 -8.95
CA LEU B 766 43.06 24.89 -8.01
C LEU B 766 42.87 23.45 -8.48
N GLU B 767 41.72 23.15 -9.07
CA GLU B 767 41.50 21.83 -9.65
C GLU B 767 42.43 21.48 -10.82
N PRO B 768 42.95 22.43 -11.64
CA PRO B 768 44.12 22.09 -12.46
C PRO B 768 45.35 21.63 -11.70
N VAL B 769 45.60 22.15 -10.49
CA VAL B 769 46.73 21.67 -9.71
C VAL B 769 46.45 20.27 -9.17
N LEU B 770 45.18 19.96 -8.92
CA LEU B 770 44.80 18.69 -8.35
C LEU B 770 44.19 17.76 -9.40
N GLN B 809 53.64 24.72 -17.88
CA GLN B 809 54.90 24.59 -17.15
C GLN B 809 54.79 25.28 -15.80
N GLU B 810 54.07 26.40 -15.76
CA GLU B 810 53.83 27.09 -14.49
C GLU B 810 52.92 26.28 -13.59
N LEU B 811 52.03 25.47 -14.19
CA LEU B 811 51.30 24.48 -13.43
C LEU B 811 52.23 23.40 -12.89
N LEU B 812 53.24 23.03 -13.67
CA LEU B 812 54.24 22.06 -13.21
C LEU B 812 55.16 22.67 -12.17
N ASP B 813 55.29 24.01 -12.17
CA ASP B 813 56.11 24.70 -11.17
C ASP B 813 55.50 24.58 -9.78
N LEU B 814 54.17 24.52 -9.70
CA LEU B 814 53.52 24.36 -8.41
C LEU B 814 53.73 22.96 -7.86
N TRP B 815 53.77 21.95 -8.74
CA TRP B 815 53.81 20.55 -8.32
C TRP B 815 55.15 20.21 -7.69
N LYS B 816 56.23 20.79 -8.23
CA LYS B 816 57.55 20.64 -7.60
C LYS B 816 57.59 21.32 -6.26
N PHE B 817 56.93 22.49 -6.13
CA PHE B 817 56.84 23.18 -4.87
C PHE B 817 55.98 22.41 -3.88
N LEU B 818 54.88 21.82 -4.35
CA LEU B 818 53.99 21.09 -3.45
C LEU B 818 54.58 19.75 -3.03
N ASN B 819 55.56 19.23 -3.76
CA ASN B 819 56.34 18.11 -3.25
C ASN B 819 57.27 18.52 -2.12
N SER B 820 57.60 19.81 -2.03
CA SER B 820 58.51 20.31 -1.02
C SER B 820 57.83 21.16 0.05
N SER B 821 56.57 21.54 -0.15
CA SER B 821 55.90 22.44 0.79
C SER B 821 55.35 21.66 1.99
N SER B 822 54.60 22.39 2.82
CA SER B 822 53.98 21.79 3.99
C SER B 822 52.82 20.88 3.59
N THR B 823 52.51 19.92 4.47
CA THR B 823 51.37 19.05 4.25
C THR B 823 50.06 19.81 4.39
N GLU B 824 49.96 20.63 5.45
CA GLU B 824 48.71 21.32 5.75
C GLU B 824 48.43 22.47 4.79
N LEU B 825 49.47 22.98 4.14
CA LEU B 825 49.30 23.98 3.09
C LEU B 825 48.53 23.41 1.92
N ARG B 826 48.80 22.14 1.58
CA ARG B 826 47.97 21.43 0.62
C ARG B 826 46.59 21.15 1.20
N LEU B 827 46.51 20.86 2.51
CA LEU B 827 45.22 20.61 3.15
C LEU B 827 44.40 21.88 3.27
N LEU B 828 45.06 23.04 3.31
CA LEU B 828 44.36 24.32 3.27
C LEU B 828 43.63 24.50 1.94
N LEU B 829 44.29 24.11 0.84
CA LEU B 829 43.68 24.22 -0.49
C LEU B 829 42.51 23.25 -0.63
N TRP B 830 42.65 22.05 -0.08
CA TRP B 830 41.56 21.08 -0.12
C TRP B 830 40.38 21.53 0.73
N SER B 831 40.66 22.23 1.82
CA SER B 831 39.61 22.91 2.54
C SER B 831 39.05 24.08 1.73
N ARG B 832 39.92 24.80 1.01
CA ARG B 832 39.50 25.94 0.23
C ARG B 832 38.67 25.53 -0.98
N LEU B 833 39.05 24.41 -1.62
CA LEU B 833 38.31 23.94 -2.78
C LEU B 833 36.95 23.38 -2.38
N ALA B 834 36.88 22.71 -1.23
CA ALA B 834 35.60 22.24 -0.73
C ALA B 834 34.72 23.40 -0.29
N GLU B 835 35.34 24.49 0.18
CA GLU B 835 34.62 25.71 0.47
C GLU B 835 34.03 26.33 -0.79
N ALA B 836 34.81 26.35 -1.87
CA ALA B 836 34.31 26.83 -3.16
C ALA B 836 33.26 25.89 -3.72
N TYR B 837 33.46 24.58 -3.53
CA TYR B 837 32.41 23.62 -3.87
C TYR B 837 31.22 23.74 -2.95
N GLY B 838 31.48 24.11 -1.68
CA GLY B 838 30.38 24.48 -0.80
C GLY B 838 29.70 25.77 -1.22
N ARG B 839 30.48 26.72 -1.75
CA ARG B 839 29.90 28.00 -2.15
C ARG B 839 29.04 27.86 -3.41
N ILE B 840 29.41 26.94 -4.30
CA ILE B 840 28.54 26.61 -5.42
C ILE B 840 27.56 25.50 -5.09
N LYS B 841 27.63 24.98 -3.85
CA LYS B 841 26.74 23.95 -3.29
C LYS B 841 26.77 22.64 -4.07
N TYR B 842 27.91 22.32 -4.68
CA TYR B 842 28.09 21.00 -5.30
C TYR B 842 28.34 20.01 -4.18
N THR B 843 27.33 19.18 -3.90
CA THR B 843 27.38 18.29 -2.75
C THR B 843 28.39 17.18 -2.96
N THR B 844 28.45 16.63 -4.17
CA THR B 844 29.35 15.51 -4.44
C THR B 844 30.79 15.97 -4.55
N LYS B 845 31.02 17.13 -5.15
CA LYS B 845 32.38 17.63 -5.35
C LYS B 845 33.01 18.09 -4.05
N GLN B 846 32.19 18.68 -3.16
CA GLN B 846 32.67 19.04 -1.83
C GLN B 846 32.97 17.79 -1.02
N PHE B 847 32.17 16.74 -1.21
CA PHE B 847 32.44 15.45 -0.58
C PHE B 847 33.70 14.82 -1.15
N SER B 848 33.94 14.99 -2.44
CA SER B 848 35.09 14.35 -3.09
C SER B 848 36.40 14.99 -2.65
N CYS B 849 36.38 16.28 -2.34
CA CYS B 849 37.56 16.94 -1.80
C CYS B 849 37.89 16.43 -0.40
N PHE B 850 36.85 16.03 0.35
CA PHE B 850 37.06 15.48 1.69
C PHE B 850 37.74 14.11 1.61
N LEU B 851 37.42 13.34 0.57
CA LEU B 851 38.02 12.02 0.43
C LEU B 851 39.50 12.12 0.06
N ARG B 852 39.85 13.07 -0.81
CA ARG B 852 41.23 13.21 -1.26
C ARG B 852 42.12 13.74 -0.15
N SER B 853 41.55 14.57 0.73
CA SER B 853 42.31 15.15 1.83
C SER B 853 42.67 14.09 2.86
N ILE B 854 41.82 13.06 2.99
CA ILE B 854 42.13 11.90 3.83
C ILE B 854 43.35 11.18 3.30
N GLU B 855 43.43 10.99 1.99
CA GLU B 855 44.54 10.27 1.38
C GLU B 855 45.86 11.04 1.45
N VAL B 856 45.81 12.35 1.68
CA VAL B 856 47.03 13.11 1.85
C VAL B 856 47.69 12.79 3.18
N ILE B 857 46.94 12.89 4.28
CA ILE B 857 47.52 12.76 5.62
C ILE B 857 47.82 11.31 5.97
N VAL B 858 47.14 10.36 5.33
CA VAL B 858 47.57 8.97 5.43
C VAL B 858 48.91 8.78 4.72
N ALA B 859 49.13 9.45 3.58
CA ALA B 859 50.37 9.27 2.83
C ALA B 859 51.56 9.88 3.57
N ASP B 860 51.33 10.95 4.32
CA ASP B 860 52.41 11.55 5.09
C ASP B 860 52.82 10.68 6.26
N PHE B 861 51.92 9.83 6.75
CA PHE B 861 52.30 8.86 7.77
C PHE B 861 53.15 7.73 7.20
N GLU B 862 53.09 7.51 5.89
CA GLU B 862 54.13 6.76 5.20
C GLU B 862 55.17 7.66 4.55
N GLY B 863 54.98 8.97 4.61
CA GLY B 863 55.93 9.88 3.99
C GLY B 863 57.23 9.96 4.77
N GLU B 864 58.33 10.16 4.04
CA GLU B 864 59.63 10.18 4.69
C GLU B 864 59.93 11.52 5.35
N GLU B 865 59.17 12.57 5.01
CA GLU B 865 59.32 13.85 5.69
C GLU B 865 58.93 13.73 7.15
N TYR B 866 57.83 13.03 7.42
CA TYR B 866 57.45 12.74 8.80
C TYR B 866 58.34 11.68 9.41
N ALA B 867 58.85 10.75 8.60
CA ALA B 867 59.73 9.71 9.10
C ALA B 867 61.12 10.23 9.45
N SER B 868 61.52 11.36 8.88
CA SER B 868 62.82 11.96 9.19
C SER B 868 62.74 13.17 10.09
N THR B 869 61.54 13.54 10.54
CA THR B 869 61.39 14.63 11.48
C THR B 869 61.97 14.24 12.83
N PRO B 870 62.63 15.14 13.53
CA PRO B 870 63.02 14.91 14.90
C PRO B 870 61.79 14.71 15.78
N PRO B 871 61.86 13.83 16.79
CA PRO B 871 60.64 13.38 17.47
C PRO B 871 59.97 14.42 18.35
N GLU B 872 60.73 15.38 18.85
CA GLU B 872 60.12 16.46 19.64
C GLU B 872 59.31 17.37 18.74
N ALA B 873 59.82 17.66 17.54
CA ALA B 873 59.00 18.32 16.54
C ALA B 873 57.89 17.40 16.04
N ARG B 874 58.15 16.10 15.97
CA ARG B 874 57.17 15.17 15.42
C ARG B 874 56.02 14.94 16.38
N LYS B 875 56.27 15.08 17.68
CA LYS B 875 55.23 14.91 18.70
C LYS B 875 54.18 16.00 18.58
N THR B 876 54.60 17.23 18.31
CA THR B 876 53.65 18.27 17.94
C THR B 876 53.05 18.00 16.57
N LEU B 877 53.84 17.39 15.68
CA LEU B 877 53.37 17.16 14.33
C LEU B 877 52.39 16.00 14.26
N PHE B 878 52.54 15.01 15.16
CA PHE B 878 51.67 13.85 15.14
C PHE B 878 50.26 14.21 15.59
N MET B 879 50.15 14.96 16.69
CA MET B 879 48.85 15.39 17.14
C MET B 879 48.29 16.51 16.28
N GLY B 880 49.18 17.32 15.67
CA GLY B 880 48.72 18.43 14.84
C GLY B 880 48.03 17.98 13.57
N MET B 881 48.56 16.92 12.95
CA MET B 881 47.86 16.30 11.84
C MET B 881 46.62 15.54 12.29
N LEU B 882 46.67 14.98 13.50
CA LEU B 882 45.54 14.22 14.01
C LEU B 882 44.35 15.12 14.33
N LYS B 883 44.62 16.36 14.76
CA LYS B 883 43.54 17.33 14.88
C LYS B 883 43.02 17.72 13.52
N ALA B 884 43.91 17.81 12.53
CA ALA B 884 43.47 18.04 11.17
C ALA B 884 42.78 16.83 10.58
N LEU B 885 43.12 15.63 11.08
CA LEU B 885 42.51 14.41 10.56
C LEU B 885 41.04 14.30 10.97
N ASP B 886 40.77 14.51 12.27
CA ASP B 886 39.47 14.12 12.82
C ASP B 886 38.38 15.09 12.41
N ASP B 887 38.73 16.36 12.19
CA ASP B 887 37.75 17.35 11.76
C ASP B 887 37.27 17.11 10.34
N LEU B 888 38.09 16.45 9.52
CA LEU B 888 37.67 16.11 8.18
C LEU B 888 36.60 15.02 8.19
N ILE B 889 36.69 14.08 9.12
CA ILE B 889 35.72 12.99 9.21
C ILE B 889 34.39 13.47 9.75
N ILE B 890 34.36 14.62 10.42
CA ILE B 890 33.13 15.19 10.94
C ILE B 890 32.20 15.58 9.81
N GLN B 891 32.71 16.32 8.83
CA GLN B 891 31.88 16.68 7.69
C GLN B 891 31.75 15.53 6.70
N SER B 892 32.69 14.58 6.73
CA SER B 892 32.64 13.46 5.80
C SER B 892 31.51 12.50 6.15
N LEU B 893 31.33 12.21 7.43
CA LEU B 893 30.21 11.37 7.85
C LEU B 893 28.89 12.10 7.68
N HIS B 894 28.90 13.42 7.90
CA HIS B 894 27.67 14.20 7.90
C HIS B 894 27.07 14.30 6.50
N LEU B 895 27.91 14.47 5.49
CA LEU B 895 27.41 14.44 4.12
C LEU B 895 27.04 13.03 3.68
N ALA B 896 27.62 12.01 4.30
CA ALA B 896 27.35 10.63 3.91
C ALA B 896 26.08 10.07 4.53
N LEU B 897 25.45 10.80 5.45
CA LEU B 897 24.20 10.33 6.05
C LEU B 897 23.08 11.35 5.94
N ASN B 898 23.27 12.41 5.16
CA ASN B 898 22.22 13.39 4.90
C ASN B 898 21.81 13.42 3.44
N ASP B 899 22.76 13.55 2.52
CA ASP B 899 22.49 13.54 1.09
C ASP B 899 23.16 12.32 0.46
N ASN B 900 22.39 11.53 -0.26
CA ASN B 900 22.96 10.38 -0.95
C ASN B 900 23.57 10.75 -2.30
N SER B 901 23.52 12.03 -2.69
CA SER B 901 24.15 12.52 -3.91
C SER B 901 25.66 12.55 -3.83
N SER B 902 26.24 12.38 -2.65
CA SER B 902 27.69 12.46 -2.49
C SER B 902 28.43 11.26 -3.07
N PHE B 903 27.74 10.17 -3.37
CA PHE B 903 28.37 9.01 -3.97
C PHE B 903 28.18 8.96 -5.48
N ASP B 904 28.14 10.12 -6.14
CA ASP B 904 27.91 10.14 -7.59
C ASP B 904 29.20 9.96 -8.38
N ILE B 905 30.16 10.84 -8.17
CA ILE B 905 31.28 10.96 -9.10
C ILE B 905 32.41 10.00 -8.74
N ILE B 906 32.21 9.19 -7.71
CA ILE B 906 33.21 8.21 -7.29
C ILE B 906 33.19 7.05 -8.30
N ASP B 907 34.33 6.81 -8.93
CA ASP B 907 34.49 5.68 -9.82
C ASP B 907 34.94 4.47 -9.01
N GLU B 908 35.43 3.43 -9.70
CA GLU B 908 35.94 2.24 -9.03
C GLU B 908 37.25 2.54 -8.31
N ASP B 909 38.19 3.20 -8.99
CA ASP B 909 39.51 3.43 -8.43
C ASP B 909 39.48 4.51 -7.36
N HIS B 910 38.59 5.49 -7.51
CA HIS B 910 38.37 6.49 -6.48
C HIS B 910 37.81 5.85 -5.21
N LEU B 911 36.91 4.89 -5.37
CA LEU B 911 36.44 4.10 -4.25
C LEU B 911 37.54 3.22 -3.68
N ARG B 912 38.37 2.65 -4.55
CA ARG B 912 39.45 1.79 -4.09
C ARG B 912 40.57 2.59 -3.44
N SER B 913 40.71 3.86 -3.81
CA SER B 913 41.72 4.69 -3.16
C SER B 913 41.23 5.20 -1.81
N SER B 914 39.99 5.69 -1.76
CA SER B 914 39.49 6.35 -0.57
C SER B 914 39.22 5.36 0.55
N MET B 915 38.57 4.23 0.22
CA MET B 915 38.13 3.32 1.27
C MET B 915 39.29 2.49 1.82
N SER B 916 40.41 2.40 1.08
CA SER B 916 41.56 1.69 1.61
C SER B 916 42.25 2.50 2.70
N ALA B 917 42.27 3.83 2.55
CA ALA B 917 42.95 4.68 3.52
C ALA B 917 42.17 4.77 4.82
N ILE B 918 40.85 4.60 4.75
CA ILE B 918 40.00 4.57 5.93
C ILE B 918 40.31 3.34 6.78
N ALA B 919 40.61 2.22 6.13
CA ALA B 919 41.03 1.01 6.84
C ALA B 919 42.39 1.20 7.51
N LYS B 920 43.26 2.01 6.92
CA LYS B 920 44.53 2.33 7.56
C LYS B 920 44.33 3.18 8.80
N VAL B 921 43.35 4.09 8.74
CA VAL B 921 42.92 4.79 9.95
C VAL B 921 42.30 3.82 10.93
N SER B 922 41.49 2.88 10.41
CA SER B 922 40.95 1.81 11.24
C SER B 922 42.02 0.83 11.71
N CYS B 923 43.12 0.71 10.96
CA CYS B 923 44.25 -0.03 11.49
C CYS B 923 44.96 0.74 12.60
N MET B 924 45.13 2.05 12.42
CA MET B 924 45.93 2.85 13.34
C MET B 924 45.19 3.12 14.64
N LEU B 925 43.88 3.38 14.57
CA LEU B 925 43.12 3.72 15.77
C LEU B 925 42.79 2.49 16.62
N HIS B 926 43.08 1.29 16.12
CA HIS B 926 42.73 0.07 16.85
C HIS B 926 43.56 -0.09 18.12
N VAL B 927 44.80 0.40 18.12
CA VAL B 927 45.68 0.18 19.26
C VAL B 927 45.28 1.07 20.43
N ALA B 928 44.60 2.18 20.14
CA ALA B 928 44.13 3.08 21.20
C ALA B 928 43.04 2.42 22.04
N ALA B 929 42.13 1.71 21.39
CA ALA B 929 41.15 0.93 22.14
C ALA B 929 41.81 -0.26 22.82
N MET B 930 42.86 -0.81 22.19
CA MET B 930 43.66 -1.86 22.82
C MET B 930 44.40 -1.32 24.03
N TYR B 931 44.78 -0.04 24.00
CA TYR B 931 45.44 0.58 25.13
C TYR B 931 44.48 0.75 26.30
N GLU B 932 43.21 1.02 26.00
CA GLU B 932 42.22 1.16 27.05
C GLU B 932 41.86 -0.18 27.66
N ASP B 933 42.04 -1.26 26.90
CA ASP B 933 41.69 -2.59 27.40
C ASP B 933 42.70 -3.07 28.43
N GLU B 934 43.92 -2.55 28.38
CA GLU B 934 44.94 -2.88 29.38
C GLU B 934 44.55 -2.36 30.76
N GLY B 935 43.94 -1.18 30.80
CA GLY B 935 43.40 -0.68 32.05
C GLY B 935 42.10 -1.35 32.45
N ARG B 936 41.43 -1.99 31.48
CA ARG B 936 40.12 -2.59 31.75
C ARG B 936 40.24 -3.85 32.60
N ILE B 937 41.28 -4.66 32.36
CA ILE B 937 41.49 -5.85 33.18
C ILE B 937 42.35 -5.56 34.40
N GLY B 938 42.77 -4.32 34.59
CA GLY B 938 43.59 -3.98 35.73
C GLY B 938 45.06 -4.25 35.56
N ILE B 939 45.50 -4.59 34.34
CA ILE B 939 46.92 -4.70 34.05
C ILE B 939 47.60 -3.35 34.16
N LEU B 940 46.92 -2.31 33.67
CA LEU B 940 47.36 -0.93 33.77
C LEU B 940 46.44 -0.17 34.70
N PRO B 941 46.94 0.87 35.37
CA PRO B 941 46.05 1.71 36.19
C PRO B 941 45.11 2.55 35.33
N SER B 942 43.87 2.66 35.77
CA SER B 942 42.90 3.46 35.05
C SER B 942 43.18 4.95 35.25
N PRO B 943 42.92 5.78 34.24
CA PRO B 943 42.94 7.23 34.45
C PRO B 943 41.82 7.66 35.37
N ALA B 944 42.09 8.71 36.15
CA ALA B 944 41.10 9.25 37.07
C ALA B 944 40.02 10.02 36.31
N ASN B 945 38.85 10.12 36.91
CA ASN B 945 37.76 10.89 36.32
C ASN B 945 38.05 12.39 36.43
N GLY B 946 37.70 13.13 35.37
CA GLY B 946 37.97 14.55 35.30
C GLY B 946 39.37 14.91 34.88
N SER B 947 40.23 13.93 34.64
CA SER B 947 41.60 14.15 34.24
C SER B 947 41.67 14.57 32.78
N PRO B 948 42.77 15.21 32.36
CA PRO B 948 43.07 15.28 30.92
C PRO B 948 43.29 13.92 30.29
N GLN B 949 43.76 12.92 31.04
CA GLN B 949 43.89 11.56 30.54
C GLN B 949 42.54 10.96 30.18
N LYS B 950 41.53 11.22 31.01
CA LYS B 950 40.19 10.73 30.72
C LYS B 950 39.58 11.42 29.51
N SER B 951 39.76 12.74 29.41
CA SER B 951 39.16 13.48 28.30
C SER B 951 39.88 13.22 26.99
N PHE B 952 41.17 12.88 27.06
CA PHE B 952 41.90 12.49 25.87
C PHE B 952 41.40 11.17 25.32
N LEU B 953 41.09 10.23 26.23
CA LEU B 953 40.75 8.86 25.81
C LEU B 953 39.37 8.79 25.17
N ASN B 954 38.38 9.44 25.78
CA ASN B 954 37.02 9.34 25.26
C ASN B 954 36.85 10.16 24.00
N LYS B 955 37.68 11.19 23.81
CA LYS B 955 37.72 11.89 22.53
C LYS B 955 38.27 10.97 21.44
N LEU B 956 39.23 10.13 21.79
CA LEU B 956 39.64 9.10 20.85
C LEU B 956 38.57 8.05 20.65
N GLN B 957 37.72 7.80 21.65
CA GLN B 957 36.64 6.85 21.47
C GLN B 957 35.58 7.40 20.52
N GLU B 958 35.20 8.66 20.70
CA GLU B 958 34.18 9.27 19.85
C GLU B 958 34.72 9.62 18.46
N MET B 959 36.03 9.58 18.27
CA MET B 959 36.63 9.68 16.95
C MET B 959 36.68 8.34 16.25
N GLN B 960 36.98 7.26 16.97
CA GLN B 960 37.14 5.94 16.38
C GLN B 960 35.82 5.39 15.86
N VAL B 961 34.75 5.58 16.61
CA VAL B 961 33.43 5.14 16.19
C VAL B 961 32.95 5.98 15.00
N ARG B 962 33.25 7.27 15.02
CA ARG B 962 32.85 8.19 13.97
C ARG B 962 33.50 7.84 12.63
N THR B 963 34.77 7.48 12.64
CA THR B 963 35.43 7.08 11.41
C THR B 963 34.96 5.71 10.94
N TRP B 964 34.61 4.81 11.86
CA TRP B 964 34.14 3.49 11.49
C TRP B 964 32.79 3.54 10.81
N SER B 965 31.99 4.55 11.16
CA SER B 965 30.70 4.72 10.52
C SER B 965 30.85 5.21 9.09
N LEU B 966 31.95 5.90 8.78
CA LEU B 966 32.21 6.31 7.41
C LEU B 966 32.54 5.11 6.54
N GLN B 967 33.13 4.08 7.13
CA GLN B 967 33.47 2.85 6.40
C GLN B 967 32.23 2.12 5.93
N TYR B 968 31.15 2.21 6.70
CA TYR B 968 29.91 1.53 6.34
C TYR B 968 29.25 2.21 5.14
N THR B 969 29.41 3.53 5.02
CA THR B 969 28.78 4.25 3.92
C THR B 969 29.46 3.95 2.59
N MET B 970 30.78 3.84 2.56
CA MET B 970 31.47 3.50 1.33
C MET B 970 31.26 2.03 0.95
N LEU B 971 31.21 1.15 1.95
CA LEU B 971 31.00 -0.27 1.68
C LEU B 971 29.59 -0.57 1.22
N LYS B 972 28.61 0.25 1.60
CA LYS B 972 27.24 0.04 1.16
C LYS B 972 27.10 0.37 -0.32
N VAL B 973 27.67 1.50 -0.75
CA VAL B 973 27.63 1.88 -2.16
C VAL B 973 28.55 0.98 -2.98
N GLY B 974 29.66 0.53 -2.38
CA GLY B 974 30.57 -0.36 -3.06
C GLY B 974 30.09 -1.78 -3.27
N ILE B 975 29.25 -2.29 -2.37
CA ILE B 975 28.65 -3.61 -2.57
C ILE B 975 27.65 -3.57 -3.72
N ASN B 976 26.86 -2.50 -3.79
CA ASN B 976 26.06 -2.24 -4.97
C ASN B 976 26.94 -1.89 -6.16
N GLN B 977 26.34 -1.99 -7.34
CA GLN B 977 26.89 -2.00 -8.72
C GLN B 977 27.70 -3.25 -9.03
N HIS B 978 27.89 -4.17 -8.08
CA HIS B 978 28.55 -5.46 -8.33
C HIS B 978 27.78 -6.59 -7.66
N PRO B 979 26.57 -6.93 -8.15
CA PRO B 979 25.78 -7.95 -7.42
C PRO B 979 26.25 -9.36 -7.67
N ASP B 980 27.10 -9.58 -8.69
CA ASP B 980 27.70 -10.88 -8.89
C ASP B 980 28.69 -11.20 -7.77
N ILE B 981 29.41 -10.20 -7.29
CA ILE B 981 30.29 -10.38 -6.15
C ILE B 981 29.51 -10.56 -4.86
N PHE B 982 28.34 -9.93 -4.75
CA PHE B 982 27.55 -9.89 -3.53
C PHE B 982 26.16 -10.41 -3.85
N PRO B 983 25.96 -11.74 -3.83
CA PRO B 983 24.63 -12.28 -4.13
C PRO B 983 23.60 -12.02 -3.04
N LYS B 984 24.04 -11.82 -1.80
CA LYS B 984 23.13 -11.56 -0.68
C LYS B 984 23.60 -10.29 0.02
N PRO B 985 23.24 -9.11 -0.52
CA PRO B 985 23.74 -7.86 0.07
C PRO B 985 23.12 -7.51 1.39
N GLU B 986 22.00 -8.13 1.76
CA GLU B 986 21.47 -7.93 3.11
C GLU B 986 22.31 -8.68 4.14
N ASN B 987 22.92 -9.81 3.74
CA ASN B 987 23.62 -10.65 4.70
C ASN B 987 24.96 -10.06 5.09
N ASP B 988 25.70 -9.53 4.11
CA ASP B 988 27.04 -9.02 4.39
C ASP B 988 27.00 -7.71 5.16
N LEU B 989 26.02 -6.86 4.84
CA LEU B 989 25.85 -5.60 5.54
C LEU B 989 25.43 -5.82 6.99
N ALA B 990 24.63 -6.85 7.23
CA ALA B 990 24.26 -7.21 8.59
C ALA B 990 25.44 -7.75 9.37
N GLU B 991 26.26 -8.59 8.72
CA GLU B 991 27.41 -9.18 9.40
C GLU B 991 28.51 -8.15 9.62
N PHE B 992 28.60 -7.16 8.74
CA PHE B 992 29.53 -6.06 8.95
C PHE B 992 29.10 -5.23 10.16
N LEU B 993 27.80 -4.97 10.29
CA LEU B 993 27.31 -4.23 11.43
C LEU B 993 27.36 -5.06 12.70
N ALA B 994 27.25 -6.38 12.57
CA ALA B 994 27.35 -7.25 13.73
C ALA B 994 28.78 -7.28 14.29
N ALA B 995 29.77 -7.18 13.40
CA ALA B 995 31.14 -7.21 13.86
C ALA B 995 31.55 -5.89 14.49
N VAL B 996 31.00 -4.78 14.01
CA VAL B 996 31.36 -3.47 14.53
C VAL B 996 30.74 -3.26 15.91
N HIS B 997 29.43 -3.54 16.02
CA HIS B 997 28.70 -3.21 17.23
C HIS B 997 29.05 -4.13 18.38
N GLN B 998 29.53 -5.34 18.09
CA GLN B 998 29.97 -6.23 19.15
C GLN B 998 31.30 -5.76 19.75
N VAL B 999 32.17 -5.20 18.91
CA VAL B 999 33.46 -4.71 19.38
C VAL B 999 33.28 -3.46 20.25
N LEU B 1000 32.44 -2.54 19.77
CA LEU B 1000 32.17 -1.31 20.51
C LEU B 1000 31.35 -1.58 21.76
N GLY B 1001 30.49 -2.60 21.71
CA GLY B 1001 29.65 -2.91 22.85
C GLY B 1001 30.44 -3.44 24.03
N LEU B 1002 31.44 -4.28 23.75
CA LEU B 1002 32.28 -4.81 24.82
C LEU B 1002 33.21 -3.75 25.38
N ARG B 1003 33.50 -2.72 24.59
CA ARG B 1003 34.28 -1.59 25.08
C ARG B 1003 33.40 -0.37 25.37
N LYS B 1004 32.08 -0.56 25.35
CA LYS B 1004 31.06 0.43 25.79
C LYS B 1004 31.13 1.70 24.95
N CYS B 1005 31.29 1.55 23.64
CA CYS B 1005 31.40 2.69 22.76
C CYS B 1005 30.13 2.97 21.98
N CYS B 1006 29.01 2.35 22.34
CA CYS B 1006 27.78 2.48 21.58
C CYS B 1006 27.18 3.88 21.74
N LYS B 1007 27.11 4.37 22.97
CA LYS B 1007 26.52 5.67 23.20
C LYS B 1007 27.47 6.81 22.89
N SER B 1008 28.72 6.52 22.57
CA SER B 1008 29.72 7.55 22.31
C SER B 1008 29.41 8.31 21.03
N SER B 1009 29.93 9.55 20.98
CA SER B 1009 29.75 10.50 19.89
C SER B 1009 28.27 10.78 19.59
N ASN B 1010 27.50 11.00 20.66
CA ASN B 1010 26.07 11.34 20.63
C ASN B 1010 25.23 10.27 19.92
N ARG B 1011 25.65 9.01 20.11
CA ARG B 1011 24.97 7.80 19.62
C ARG B 1011 24.78 7.78 18.11
N ILE B 1012 25.73 8.34 17.35
CA ILE B 1012 25.53 8.55 15.93
C ILE B 1012 25.65 7.24 15.14
N PHE B 1013 26.35 6.24 15.68
CA PHE B 1013 26.42 4.94 15.04
C PHE B 1013 25.12 4.18 15.22
N LEU B 1014 24.51 4.29 16.41
CA LEU B 1014 23.29 3.55 16.71
C LEU B 1014 22.10 4.11 15.94
N LYS B 1015 22.07 5.41 15.71
CA LYS B 1015 20.97 5.99 14.93
C LYS B 1015 21.12 5.73 13.45
N MET B 1016 22.25 5.20 13.01
CA MET B 1016 22.42 4.75 11.63
C MET B 1016 22.08 3.27 11.48
N MET B 1017 22.47 2.45 12.47
CA MET B 1017 22.37 1.00 12.34
C MET B 1017 20.92 0.52 12.40
N ARG B 1018 20.10 1.18 13.22
CA ARG B 1018 18.70 0.78 13.37
C ARG B 1018 17.90 1.09 12.11
N VAL B 1019 18.20 2.21 11.46
CA VAL B 1019 17.47 2.62 10.25
C VAL B 1019 17.78 1.68 9.09
N GLU B 1020 19.05 1.30 8.93
CA GLU B 1020 19.41 0.43 7.81
C GLU B 1020 18.98 -1.01 8.03
N LEU B 1021 18.85 -1.43 9.30
CA LEU B 1021 18.28 -2.73 9.58
C LEU B 1021 16.77 -2.76 9.34
N LEU B 1022 16.11 -1.60 9.38
CA LEU B 1022 14.67 -1.55 9.19
C LEU B 1022 14.26 -1.80 7.75
N LYS B 1023 15.06 -1.34 6.79
CA LYS B 1023 14.71 -1.48 5.38
C LYS B 1023 14.84 -2.92 4.92
N GLN B 1024 15.76 -3.67 5.51
CA GLN B 1024 15.94 -5.07 5.16
C GLN B 1024 14.94 -5.95 5.88
N LYS B 1025 14.41 -6.95 5.18
CA LYS B 1025 13.32 -7.73 5.74
C LYS B 1025 13.56 -9.24 5.74
N ASN B 1026 14.38 -9.75 4.82
CA ASN B 1026 14.50 -11.19 4.61
C ASN B 1026 15.79 -11.75 5.18
N ILE B 1027 16.41 -11.06 6.12
CA ILE B 1027 17.53 -11.65 6.84
C ILE B 1027 17.00 -12.74 7.77
N GLU B 1028 17.88 -13.67 8.11
CA GLU B 1028 17.66 -14.52 9.26
C GLU B 1028 18.46 -13.95 10.42
N ASN B 1029 17.85 -13.95 11.61
CA ASN B 1029 18.39 -13.43 12.86
C ASN B 1029 18.76 -11.95 12.79
N TRP B 1030 18.00 -11.16 12.03
CA TRP B 1030 18.04 -9.71 12.21
C TRP B 1030 17.47 -9.32 13.56
N GLU B 1031 16.54 -10.15 14.08
CA GLU B 1031 15.95 -9.95 15.39
C GLU B 1031 16.99 -10.04 16.51
N ASP B 1032 18.03 -10.84 16.31
CA ASP B 1032 19.21 -10.78 17.18
C ASP B 1032 19.89 -9.43 17.07
N TYR B 1033 20.01 -8.91 15.84
CA TYR B 1033 20.70 -7.65 15.64
C TYR B 1033 19.83 -6.48 16.07
N LEU B 1034 18.50 -6.64 15.97
CA LEU B 1034 17.60 -5.57 16.35
C LEU B 1034 17.52 -5.39 17.85
N GLY B 1035 17.50 -6.48 18.61
CA GLY B 1035 17.24 -6.47 20.03
C GLY B 1035 18.31 -5.78 20.86
N GLN B 1036 19.58 -6.07 20.57
CA GLN B 1036 20.68 -5.42 21.26
C GLN B 1036 20.76 -3.93 20.94
N VAL B 1037 20.40 -3.54 19.71
CA VAL B 1037 20.44 -2.14 19.31
C VAL B 1037 19.36 -1.34 20.04
N LEU B 1038 18.14 -1.86 20.06
CA LEU B 1038 17.07 -1.16 20.75
C LEU B 1038 17.17 -1.27 22.27
N TYR B 1039 17.91 -2.26 22.77
CA TYR B 1039 18.27 -2.27 24.19
C TYR B 1039 19.29 -1.17 24.48
N ASP B 1040 20.16 -0.88 23.53
CA ASP B 1040 21.12 0.20 23.71
C ASP B 1040 20.49 1.58 23.61
N LEU B 1041 19.28 1.68 23.06
CA LEU B 1041 18.63 2.97 22.90
C LEU B 1041 17.40 3.14 23.79
N HIS B 1042 16.59 2.10 23.94
CA HIS B 1042 15.33 2.21 24.64
C HIS B 1042 15.10 1.14 25.68
N GLY B 1043 15.79 0.01 25.59
CA GLY B 1043 15.59 -1.06 26.53
C GLY B 1043 14.52 -2.04 26.17
N LEU B 1044 14.05 -2.05 24.93
CA LEU B 1044 12.97 -2.94 24.52
C LEU B 1044 13.55 -4.33 24.25
N LYS B 1045 13.74 -5.08 25.33
CA LYS B 1045 14.27 -6.43 25.22
C LYS B 1045 13.21 -7.35 24.64
N LEU B 1046 13.54 -8.03 23.56
CA LEU B 1046 12.58 -8.86 22.86
C LEU B 1046 12.56 -10.31 23.33
N GLY B 1047 13.68 -10.80 23.86
CA GLY B 1047 13.77 -12.15 24.38
C GLY B 1047 13.71 -13.22 23.32
N VAL B 1048 14.01 -12.86 22.08
CA VAL B 1048 13.93 -13.78 20.95
C VAL B 1048 15.30 -13.86 20.29
N GLY B 1049 15.42 -14.77 19.34
CA GLY B 1049 16.68 -14.99 18.66
C GLY B 1049 17.66 -15.77 19.51
N VAL B 1050 18.89 -15.86 19.00
CA VAL B 1050 19.93 -16.58 19.72
C VAL B 1050 20.49 -15.78 20.90
N TRP B 1051 20.72 -14.48 20.73
CA TRP B 1051 21.42 -13.69 21.73
C TRP B 1051 20.42 -12.94 22.60
N ASP B 1052 20.61 -13.06 23.91
CA ASP B 1052 19.97 -12.17 24.86
C ASP B 1052 20.76 -10.88 24.93
N VAL B 1053 20.17 -9.87 25.57
CA VAL B 1053 20.78 -8.54 25.59
C VAL B 1053 21.95 -8.52 26.57
N GLN B 1054 23.03 -7.86 26.17
CA GLN B 1054 24.19 -7.66 27.00
C GLN B 1054 24.46 -6.17 27.13
N ASP B 1055 24.91 -5.75 28.32
CA ASP B 1055 25.01 -4.33 28.64
C ASP B 1055 26.12 -3.66 27.85
N HIS B 1056 25.80 -2.51 27.27
CA HIS B 1056 26.79 -1.73 26.53
C HIS B 1056 27.12 -0.42 27.25
N GLY B 1057 26.74 -0.30 28.52
CA GLY B 1057 27.03 0.90 29.29
C GLY B 1057 26.27 2.12 28.80
N CYS B 1058 24.99 1.97 28.52
CA CYS B 1058 24.18 3.03 27.94
C CYS B 1058 22.87 3.17 28.70
N GLU B 1059 22.35 4.39 28.74
CA GLU B 1059 21.08 4.66 29.41
C GLU B 1059 19.99 4.77 28.36
N PRO B 1060 18.80 4.21 28.61
CA PRO B 1060 17.73 4.31 27.62
C PRO B 1060 17.13 5.70 27.57
N GLU B 1061 16.45 5.96 26.45
CA GLU B 1061 15.68 7.17 26.28
C GLU B 1061 14.26 6.74 25.95
N ASN B 1062 13.28 7.51 26.42
CA ASN B 1062 11.88 7.15 26.24
C ASN B 1062 11.48 7.23 24.78
N LEU B 1063 10.89 6.14 24.30
CA LEU B 1063 10.63 5.99 22.87
C LEU B 1063 9.45 6.86 22.45
N GLU B 1064 9.66 7.66 21.43
CA GLU B 1064 8.67 8.62 20.96
C GLU B 1064 7.69 7.95 20.00
N LYS B 1065 6.73 8.74 19.54
CA LYS B 1065 5.63 8.21 18.74
C LYS B 1065 6.10 7.79 17.35
N ARG B 1066 6.90 8.63 16.71
CA ARG B 1066 7.30 8.35 15.33
C ARG B 1066 8.34 7.25 15.26
N GLN B 1067 9.06 7.01 16.37
CA GLN B 1067 9.94 5.85 16.44
C GLN B 1067 9.14 4.56 16.48
N ALA B 1068 7.96 4.61 17.10
CA ALA B 1068 7.14 3.40 17.22
C ALA B 1068 6.50 3.02 15.89
N LEU B 1069 6.23 4.02 15.03
CA LEU B 1069 5.61 3.75 13.74
C LEU B 1069 6.55 2.97 12.83
N GLN B 1070 7.84 3.26 12.93
CA GLN B 1070 8.83 2.46 12.22
C GLN B 1070 9.00 1.08 12.87
N LEU B 1071 8.63 0.96 14.14
CA LEU B 1071 8.71 -0.32 14.83
C LEU B 1071 7.44 -1.14 14.74
N VAL B 1072 6.46 -0.74 13.93
CA VAL B 1072 5.19 -1.45 13.85
C VAL B 1072 5.37 -2.82 13.21
N GLU B 1073 6.05 -2.87 12.07
CA GLU B 1073 5.92 -4.01 11.17
C GLU B 1073 6.72 -5.21 11.64
N LYS B 1074 7.94 -4.96 12.15
CA LYS B 1074 8.81 -6.06 12.53
C LYS B 1074 8.33 -6.72 13.82
N VAL B 1075 7.71 -5.96 14.71
CA VAL B 1075 7.13 -6.53 15.93
C VAL B 1075 5.92 -7.38 15.59
N ALA B 1076 5.11 -6.92 14.62
CA ALA B 1076 3.85 -7.57 14.29
C ALA B 1076 4.08 -8.94 13.65
N MET B 1077 5.15 -9.08 12.87
CA MET B 1077 5.53 -10.40 12.40
C MET B 1077 6.06 -11.25 13.54
N LEU B 1078 6.79 -10.65 14.47
CA LEU B 1078 7.33 -11.40 15.60
C LEU B 1078 6.25 -11.75 16.60
N ALA B 1079 5.18 -10.96 16.65
CA ALA B 1079 4.06 -11.27 17.53
C ALA B 1079 3.31 -12.50 17.06
N ASN B 1080 3.15 -12.65 15.74
CA ASN B 1080 2.38 -13.74 15.20
C ASN B 1080 3.13 -15.07 15.25
N ARG B 1081 4.44 -15.05 15.47
CA ARG B 1081 5.18 -16.29 15.61
C ARG B 1081 4.86 -17.03 16.90
N MET B 1082 4.50 -16.32 17.95
CA MET B 1082 4.25 -16.91 19.26
C MET B 1082 2.76 -17.03 19.51
N SER B 1083 2.38 -17.94 20.40
CA SER B 1083 1.00 -18.02 20.87
C SER B 1083 0.72 -16.91 21.86
N MET B 1084 -0.56 -16.76 22.21
CA MET B 1084 -0.95 -15.77 23.21
C MET B 1084 -0.44 -16.12 24.60
N LYS B 1085 -0.33 -17.42 24.89
CA LYS B 1085 0.31 -17.87 26.13
C LYS B 1085 1.78 -17.50 26.15
N ASP B 1086 2.45 -17.71 25.01
CA ASP B 1086 3.85 -17.32 24.89
C ASP B 1086 4.00 -15.81 24.84
N LEU B 1087 2.96 -15.11 24.35
CA LEU B 1087 2.94 -13.66 24.45
C LEU B 1087 2.80 -13.22 25.90
N LEU B 1088 2.07 -13.97 26.70
CA LEU B 1088 1.85 -13.60 28.09
C LEU B 1088 3.04 -13.93 28.99
N LYS B 1089 4.00 -14.69 28.50
CA LYS B 1089 5.23 -14.96 29.23
C LYS B 1089 6.43 -14.20 28.70
N SER B 1090 6.36 -13.70 27.47
CA SER B 1090 7.50 -13.01 26.88
C SER B 1090 7.65 -11.61 27.45
N ASP B 1091 8.85 -11.06 27.25
CA ASP B 1091 9.08 -9.65 27.49
C ASP B 1091 8.60 -8.79 26.33
N LEU B 1092 8.22 -9.42 25.22
CA LEU B 1092 7.71 -8.69 24.06
C LEU B 1092 6.39 -8.00 24.38
N LYS B 1093 5.60 -8.58 25.28
CA LYS B 1093 4.37 -7.95 25.76
C LYS B 1093 4.67 -6.64 26.47
N THR B 1094 5.76 -6.60 27.24
CA THR B 1094 6.17 -5.37 27.92
C THR B 1094 6.62 -4.31 26.93
N THR B 1095 7.22 -4.74 25.82
CA THR B 1095 7.62 -3.78 24.80
C THR B 1095 6.43 -3.23 24.04
N ILE B 1096 5.39 -4.05 23.86
CA ILE B 1096 4.21 -3.64 23.11
C ILE B 1096 3.44 -2.58 23.88
N GLU B 1097 3.31 -2.76 25.20
CA GLU B 1097 2.58 -1.82 26.05
C GLU B 1097 3.26 -0.46 26.11
N ARG B 1098 4.59 -0.44 26.01
CA ARG B 1098 5.30 0.81 25.87
C ARG B 1098 5.02 1.45 24.52
N MET B 1099 4.95 0.63 23.47
CA MET B 1099 4.77 1.15 22.11
C MET B 1099 3.36 1.68 21.90
N GLN B 1100 2.36 1.03 22.51
CA GLN B 1100 1.01 1.57 22.47
C GLN B 1100 0.91 2.84 23.31
N GLN B 1101 1.69 2.90 24.40
CA GLN B 1101 1.86 4.15 25.12
C GLN B 1101 2.61 5.17 24.28
N ALA B 1102 3.55 4.70 23.46
CA ALA B 1102 4.26 5.61 22.58
C ALA B 1102 3.37 6.11 21.44
N ILE B 1103 2.57 5.21 20.84
CA ILE B 1103 1.70 5.63 19.74
C ILE B 1103 0.54 6.46 20.27
N GLY B 1104 -0.17 5.95 21.27
CA GLY B 1104 -1.33 6.63 21.79
C GLY B 1104 -2.58 6.32 20.98
N SER B 1105 -3.74 6.77 21.47
CA SER B 1105 -4.97 6.60 20.72
C SER B 1105 -5.00 7.53 19.53
N ALA B 1106 -5.35 6.99 18.37
CA ALA B 1106 -5.38 7.79 17.16
C ALA B 1106 -6.59 8.71 17.14
N LYS B 1107 -6.43 9.85 16.47
CA LYS B 1107 -7.51 10.82 16.33
C LYS B 1107 -8.45 10.38 15.21
N SER B 1108 -9.74 10.68 15.39
CA SER B 1108 -10.74 10.21 14.45
C SER B 1108 -10.70 11.01 13.15
N SER B 1109 -10.71 10.30 12.04
CA SER B 1109 -10.91 10.84 10.71
C SER B 1109 -12.40 11.03 10.46
N PRO B 1110 -12.77 11.82 9.45
CA PRO B 1110 -14.18 11.82 9.00
C PRO B 1110 -14.68 10.47 8.52
N GLN B 1111 -13.80 9.64 7.95
CA GLN B 1111 -14.17 8.26 7.66
C GLN B 1111 -14.35 7.45 8.94
N MET B 1112 -13.51 7.72 9.96
CA MET B 1112 -13.61 7.01 11.23
C MET B 1112 -14.89 7.36 11.98
N SER B 1113 -15.31 8.63 11.90
CA SER B 1113 -16.60 9.02 12.47
C SER B 1113 -17.76 8.42 11.66
N HIS B 1114 -17.55 8.24 10.36
CA HIS B 1114 -18.57 7.61 9.53
C HIS B 1114 -18.66 6.11 9.80
N ASN B 1115 -17.51 5.44 9.87
CA ASN B 1115 -17.51 3.98 9.95
C ASN B 1115 -17.95 3.48 11.31
N LEU B 1116 -17.50 4.13 12.38
CA LEU B 1116 -17.80 3.66 13.73
C LEU B 1116 -19.26 3.90 14.09
N ARG B 1117 -19.85 4.96 13.54
CA ARG B 1117 -21.28 5.22 13.73
C ARG B 1117 -22.12 4.14 13.05
N ASN B 1118 -21.72 3.75 11.83
CA ASN B 1118 -22.46 2.73 11.10
C ASN B 1118 -22.30 1.35 11.71
N TYR B 1119 -21.24 1.13 12.48
CA TYR B 1119 -21.13 -0.08 13.28
C TYR B 1119 -22.17 -0.10 14.39
N THR B 1120 -22.41 1.07 15.00
CA THR B 1120 -23.37 1.16 16.10
C THR B 1120 -24.79 1.04 15.59
N GLU B 1121 -25.08 1.64 14.43
CA GLU B 1121 -26.42 1.55 13.85
C GLU B 1121 -26.72 0.14 13.37
N TYR B 1122 -25.70 -0.56 12.87
CA TYR B 1122 -25.86 -1.98 12.58
C TYR B 1122 -26.03 -2.78 13.87
N LEU B 1123 -25.33 -2.37 14.94
CA LEU B 1123 -25.55 -2.99 16.24
C LEU B 1123 -26.90 -2.66 16.84
N LYS B 1124 -27.46 -1.49 16.51
CA LYS B 1124 -28.79 -1.13 16.97
C LYS B 1124 -29.90 -1.62 16.05
N SER B 1125 -29.55 -2.26 14.94
CA SER B 1125 -30.53 -2.77 14.00
C SER B 1125 -31.25 -3.99 14.58
N PRO B 1126 -32.52 -4.19 14.22
CA PRO B 1126 -33.20 -5.43 14.59
C PRO B 1126 -32.72 -6.61 13.75
N ILE B 1127 -33.10 -7.80 14.20
CA ILE B 1127 -32.63 -9.05 13.60
C ILE B 1127 -33.51 -9.41 12.41
N HIS B 1128 -32.89 -9.72 11.28
CA HIS B 1128 -33.63 -10.14 10.11
C HIS B 1128 -33.14 -11.49 9.63
N PRO B 1129 -34.03 -12.39 9.21
CA PRO B 1129 -33.57 -13.70 8.72
C PRO B 1129 -32.90 -13.64 7.37
N LEU B 1130 -33.09 -12.55 6.64
CA LEU B 1130 -32.47 -12.39 5.33
C LEU B 1130 -30.96 -12.31 5.42
N HIS B 1131 -30.45 -11.57 6.41
CA HIS B 1131 -29.01 -11.39 6.57
C HIS B 1131 -28.34 -12.68 7.01
N MET B 1132 -29.03 -13.46 7.86
CA MET B 1132 -28.53 -14.76 8.26
C MET B 1132 -28.54 -15.75 7.10
N TYR B 1133 -29.53 -15.64 6.22
CA TYR B 1133 -29.48 -16.39 4.97
C TYR B 1133 -28.39 -15.86 4.06
N GLN B 1134 -28.15 -14.54 4.10
CA GLN B 1134 -27.05 -13.97 3.33
C GLN B 1134 -25.70 -14.33 3.94
N ALA B 1135 -25.66 -14.61 5.24
CA ALA B 1135 -24.40 -14.92 5.90
C ALA B 1135 -23.92 -16.32 5.54
N LEU B 1136 -24.84 -17.24 5.25
CA LEU B 1136 -24.47 -18.53 4.72
C LEU B 1136 -23.88 -18.40 3.32
N THR B 1137 -24.38 -17.44 2.56
CA THR B 1137 -23.74 -17.04 1.31
C THR B 1137 -22.55 -16.13 1.55
N GLY B 1138 -22.40 -15.58 2.75
CA GLY B 1138 -21.41 -14.56 2.99
C GLY B 1138 -21.71 -13.25 2.31
N GLY B 1139 -22.98 -12.97 2.03
CA GLY B 1139 -23.35 -11.84 1.21
C GLY B 1139 -23.64 -10.58 1.99
N VAL B 1140 -23.25 -10.56 3.27
CA VAL B 1140 -23.51 -9.42 4.11
C VAL B 1140 -22.31 -8.49 4.08
N HIS B 1141 -22.57 -7.21 3.85
CA HIS B 1141 -21.53 -6.18 3.84
C HIS B 1141 -21.98 -5.03 4.71
N LEU B 1142 -21.01 -4.23 5.15
CA LEU B 1142 -21.29 -3.03 5.93
C LEU B 1142 -20.84 -1.79 5.17
N ASP B 1143 -21.50 -0.67 5.46
CA ASP B 1143 -21.13 0.62 4.90
C ASP B 1143 -19.98 1.18 5.72
N ALA B 1144 -18.77 0.80 5.33
CA ALA B 1144 -17.55 1.25 6.00
C ALA B 1144 -16.43 1.24 4.96
N VAL B 1145 -15.97 2.41 4.56
CA VAL B 1145 -14.92 2.52 3.56
C VAL B 1145 -13.59 2.18 4.20
N SER B 1146 -12.72 1.51 3.45
CA SER B 1146 -11.38 1.21 3.93
C SER B 1146 -10.56 2.50 3.94
N ILE B 1147 -10.20 2.97 5.12
CA ILE B 1147 -9.52 4.24 5.25
C ILE B 1147 -8.04 4.05 4.94
N ASN B 1148 -7.52 4.87 4.04
CA ASN B 1148 -6.14 4.74 3.55
C ASN B 1148 -5.31 5.89 4.11
N THR B 1149 -4.65 5.63 5.23
CA THR B 1149 -3.82 6.60 5.92
C THR B 1149 -2.63 5.87 6.52
N PRO B 1150 -1.52 6.56 6.76
CA PRO B 1150 -0.41 5.94 7.51
C PRO B 1150 -0.74 5.53 8.93
N GLU B 1151 -1.77 6.11 9.54
CA GLU B 1151 -2.22 5.64 10.84
C GLU B 1151 -2.95 4.30 10.73
N SER B 1152 -3.43 3.94 9.54
CA SER B 1152 -4.00 2.61 9.33
C SER B 1152 -2.95 1.57 9.01
N ALA B 1153 -1.72 1.99 8.72
CA ALA B 1153 -0.62 1.05 8.57
C ALA B 1153 -0.28 0.28 9.84
N PRO B 1154 -0.55 0.78 11.07
CA PRO B 1154 -0.75 -0.16 12.18
C PRO B 1154 -1.81 -1.20 11.92
N ALA B 1155 -3.03 -0.78 11.55
CA ALA B 1155 -4.12 -1.73 11.38
C ALA B 1155 -3.96 -2.56 10.11
N LYS B 1156 -3.17 -2.07 9.15
CA LYS B 1156 -2.82 -2.88 7.99
C LYS B 1156 -1.91 -4.04 8.37
N GLN B 1157 -1.17 -3.91 9.47
CA GLN B 1157 -0.51 -5.05 10.08
C GLN B 1157 -1.34 -5.68 11.18
N GLY B 1158 -2.53 -5.16 11.45
CA GLY B 1158 -3.35 -5.64 12.55
C GLY B 1158 -2.79 -5.33 13.92
N TRP B 1159 -2.28 -4.11 14.11
CA TRP B 1159 -1.71 -3.71 15.40
C TRP B 1159 -2.79 -3.61 16.46
N PHE B 1160 -3.93 -3.02 16.11
CA PHE B 1160 -5.03 -2.91 17.07
C PHE B 1160 -5.71 -4.25 17.27
N PHE B 1161 -5.67 -5.11 16.25
CA PHE B 1161 -6.17 -6.46 16.39
C PHE B 1161 -5.32 -7.27 17.36
N LEU B 1162 -4.02 -7.00 17.40
CA LEU B 1162 -3.14 -7.65 18.35
C LEU B 1162 -3.43 -7.23 19.78
N LEU B 1163 -3.81 -5.95 19.95
CA LEU B 1163 -3.90 -5.34 21.28
C LEU B 1163 -5.02 -5.93 22.11
N GLY B 1164 -6.17 -6.17 21.49
CA GLY B 1164 -7.28 -6.82 22.20
C GLY B 1164 -6.99 -8.28 22.49
N MET B 1165 -6.20 -8.92 21.62
CA MET B 1165 -5.85 -10.32 21.79
C MET B 1165 -4.96 -10.54 23.00
N ILE B 1166 -4.15 -9.54 23.33
CA ILE B 1166 -3.43 -9.58 24.60
C ILE B 1166 -4.41 -9.38 25.75
N ALA B 1167 -5.34 -8.43 25.59
CA ALA B 1167 -6.26 -8.09 26.66
C ALA B 1167 -7.29 -9.17 26.88
N LEU B 1168 -7.69 -9.88 25.82
CA LEU B 1168 -8.59 -11.00 25.98
C LEU B 1168 -7.89 -12.20 26.59
N THR B 1169 -6.58 -12.33 26.36
CA THR B 1169 -5.82 -13.42 26.97
C THR B 1169 -5.71 -13.24 28.46
N LYS B 1170 -5.55 -11.99 28.92
CA LYS B 1170 -5.51 -11.74 30.37
C LYS B 1170 -6.87 -11.95 31.00
N PHE B 1171 -7.94 -11.68 30.26
CA PHE B 1171 -9.27 -12.01 30.74
C PHE B 1171 -9.48 -13.51 30.77
N LYS B 1172 -8.93 -14.22 29.79
CA LYS B 1172 -9.02 -15.67 29.78
C LYS B 1172 -7.93 -16.36 30.59
N GLY B 1173 -6.95 -15.60 31.09
CA GLY B 1173 -5.86 -16.21 31.84
C GLY B 1173 -6.31 -16.80 33.16
N VAL B 1174 -7.14 -16.07 33.90
CA VAL B 1174 -7.80 -16.59 35.08
C VAL B 1174 -9.13 -17.17 34.62
N ASP B 1175 -9.37 -18.44 34.94
CA ASP B 1175 -10.66 -19.05 34.70
C ASP B 1175 -11.72 -18.41 35.59
N LEU B 1176 -12.93 -18.25 35.06
CA LEU B 1176 -13.98 -17.59 35.82
C LEU B 1176 -14.54 -18.48 36.92
N ASN B 1177 -14.33 -19.79 36.82
CA ASN B 1177 -14.55 -20.68 37.96
C ASN B 1177 -13.56 -20.35 39.08
N ARG B 1178 -12.32 -20.02 38.72
CA ARG B 1178 -11.33 -19.62 39.69
C ARG B 1178 -11.26 -18.11 39.90
N ARG B 1179 -11.88 -17.32 39.02
CA ARG B 1179 -12.01 -15.89 39.26
C ARG B 1179 -13.16 -15.70 40.26
N GLN B 1180 -12.80 -15.79 41.54
CA GLN B 1180 -13.71 -15.46 42.62
C GLN B 1180 -13.72 -13.97 42.91
N THR B 1181 -12.85 -13.20 42.26
CA THR B 1181 -12.75 -11.76 42.45
C THR B 1181 -13.04 -11.08 41.12
N PRO B 1182 -14.30 -10.71 40.87
CA PRO B 1182 -14.56 -9.72 39.81
C PRO B 1182 -13.94 -8.38 40.18
N GLY B 1183 -13.43 -7.70 39.17
CA GLY B 1183 -12.62 -6.51 39.40
C GLY B 1183 -11.40 -6.54 38.52
N ALA B 1184 -10.93 -7.75 38.19
CA ALA B 1184 -9.94 -7.95 37.13
C ALA B 1184 -10.66 -8.26 35.82
N THR B 1185 -11.60 -7.37 35.48
CA THR B 1185 -12.50 -7.54 34.36
C THR B 1185 -12.41 -6.40 33.37
N ASP B 1186 -11.57 -5.40 33.63
CA ASP B 1186 -11.53 -4.21 32.79
C ASP B 1186 -10.81 -4.46 31.47
N ASP B 1187 -10.04 -5.55 31.37
CA ASP B 1187 -9.39 -5.90 30.11
C ASP B 1187 -10.41 -6.34 29.08
N LEU B 1188 -11.56 -6.85 29.54
CA LEU B 1188 -12.67 -7.15 28.66
C LEU B 1188 -13.21 -5.87 28.02
N ARG B 1189 -13.34 -4.81 28.81
CA ARG B 1189 -13.78 -3.54 28.26
C ARG B 1189 -12.65 -2.85 27.49
N ILE B 1190 -11.40 -3.13 27.85
CA ILE B 1190 -10.27 -2.57 27.11
C ILE B 1190 -10.17 -3.19 25.73
N ALA B 1191 -10.32 -4.52 25.65
CA ALA B 1191 -10.32 -5.20 24.35
C ALA B 1191 -11.57 -4.85 23.54
N ALA B 1192 -12.66 -4.52 24.24
CA ALA B 1192 -13.88 -4.09 23.56
C ALA B 1192 -13.70 -2.76 22.86
N THR B 1193 -12.89 -1.87 23.42
CA THR B 1193 -12.61 -0.62 22.75
C THR B 1193 -11.64 -0.79 21.59
N PHE B 1194 -10.78 -1.81 21.65
CA PHE B 1194 -9.69 -1.94 20.70
C PHE B 1194 -10.13 -2.53 19.37
N LEU B 1195 -11.03 -3.51 19.38
CA LEU B 1195 -11.38 -4.20 18.15
C LEU B 1195 -12.26 -3.34 17.25
N ARG B 1196 -12.97 -2.37 17.82
CA ARG B 1196 -13.69 -1.40 17.00
C ARG B 1196 -12.73 -0.50 16.23
N LEU B 1197 -11.60 -0.15 16.86
CA LEU B 1197 -10.60 0.66 16.17
C LEU B 1197 -9.91 -0.14 15.07
N GLN B 1198 -9.74 -1.44 15.27
CA GLN B 1198 -9.25 -2.31 14.21
C GLN B 1198 -10.26 -2.41 13.08
N LEU B 1199 -11.53 -2.55 13.42
CA LEU B 1199 -12.57 -2.76 12.42
C LEU B 1199 -12.92 -1.49 11.65
N GLN B 1200 -12.57 -0.31 12.17
CA GLN B 1200 -12.82 0.92 11.43
C GLN B 1200 -11.92 1.02 10.20
N TYR B 1201 -10.62 0.75 10.37
CA TYR B 1201 -9.72 0.77 9.24
C TYR B 1201 -9.90 -0.46 8.36
N THR B 1202 -10.10 -1.63 8.98
CA THR B 1202 -10.19 -2.90 8.28
C THR B 1202 -11.51 -3.57 8.65
N PRO B 1203 -12.60 -3.23 7.96
CA PRO B 1203 -13.86 -3.92 8.23
C PRO B 1203 -13.88 -5.35 7.71
N ASP B 1204 -13.06 -5.63 6.71
CA ASP B 1204 -13.08 -6.92 6.03
C ASP B 1204 -12.41 -8.03 6.82
N ARG B 1205 -11.71 -7.72 7.91
CA ARG B 1205 -11.07 -8.74 8.75
C ARG B 1205 -12.15 -9.52 9.48
N TRP B 1206 -12.31 -10.79 9.10
CA TRP B 1206 -13.31 -11.64 9.75
C TRP B 1206 -12.91 -11.98 11.18
N ASP B 1207 -11.62 -11.99 11.46
CA ASP B 1207 -11.14 -12.37 12.78
C ASP B 1207 -11.40 -11.28 13.79
N ALA B 1208 -11.38 -10.01 13.36
CA ALA B 1208 -11.65 -8.92 14.28
C ALA B 1208 -13.12 -8.83 14.65
N TRP B 1209 -14.02 -9.28 13.77
CA TRP B 1209 -15.42 -9.38 14.14
C TRP B 1209 -15.64 -10.49 15.15
N PHE B 1210 -14.93 -11.61 14.98
CA PHE B 1210 -15.18 -12.80 15.78
C PHE B 1210 -14.74 -12.61 17.23
N ARG B 1211 -13.60 -11.98 17.45
CA ARG B 1211 -13.16 -11.73 18.82
C ARG B 1211 -13.98 -10.62 19.47
N LEU B 1212 -14.61 -9.76 18.66
CA LEU B 1212 -15.51 -8.76 19.19
C LEU B 1212 -16.76 -9.39 19.76
N ALA B 1213 -17.20 -10.50 19.16
CA ALA B 1213 -18.44 -11.15 19.56
C ALA B 1213 -18.31 -11.81 20.92
N GLU B 1214 -17.15 -12.38 21.21
CA GLU B 1214 -16.96 -13.07 22.49
C GLU B 1214 -16.88 -12.09 23.64
N CYS B 1215 -16.42 -10.85 23.38
CA CYS B 1215 -16.44 -9.81 24.39
C CYS B 1215 -17.86 -9.43 24.76
N PHE B 1216 -18.74 -9.36 23.77
CA PHE B 1216 -20.16 -9.16 24.07
C PHE B 1216 -20.77 -10.41 24.67
N ASP B 1217 -20.22 -11.58 24.33
CA ASP B 1217 -20.71 -12.82 24.92
C ASP B 1217 -20.31 -12.94 26.39
N TYR B 1218 -19.06 -12.60 26.70
CA TYR B 1218 -18.59 -12.71 28.07
C TYR B 1218 -19.18 -11.62 28.95
N GLU B 1219 -19.58 -10.49 28.36
CA GLU B 1219 -20.24 -9.43 29.10
C GLU B 1219 -21.63 -9.86 29.56
N LEU B 1220 -22.29 -10.72 28.78
CA LEU B 1220 -23.57 -11.26 29.17
C LEU B 1220 -23.45 -12.22 30.35
N GLU B 1221 -22.31 -12.89 30.48
CA GLU B 1221 -22.13 -13.86 31.56
C GLU B 1221 -22.02 -13.18 32.92
N GLU B 1222 -21.19 -12.14 33.02
CA GLU B 1222 -20.79 -11.58 34.32
C GLU B 1222 -21.94 -10.83 34.98
N ALA B 1223 -22.90 -10.35 34.20
CA ALA B 1223 -24.10 -9.76 34.77
C ALA B 1223 -24.97 -10.83 35.43
N VAL B 1224 -25.04 -12.02 34.83
CA VAL B 1224 -26.01 -13.02 35.24
C VAL B 1224 -25.40 -14.20 35.98
N LEU B 1225 -24.07 -14.31 36.05
CA LEU B 1225 -23.47 -15.46 36.70
C LEU B 1225 -23.61 -15.40 38.21
N TRP B 1226 -23.38 -14.24 38.80
CA TRP B 1226 -23.47 -14.10 40.25
C TRP B 1226 -24.87 -13.69 40.68
N THR B 1227 -25.42 -12.65 40.06
CA THR B 1227 -26.70 -12.08 40.46
C THR B 1227 -27.78 -12.48 39.47
N ALA B 1228 -28.85 -13.07 39.98
CA ALA B 1228 -30.07 -13.25 39.20
C ALA B 1228 -30.98 -12.05 39.28
N ASP B 1229 -30.60 -11.03 40.06
CA ASP B 1229 -31.43 -9.83 40.21
C ASP B 1229 -31.44 -9.00 38.94
N LYS B 1230 -30.37 -9.07 38.15
CA LYS B 1230 -30.37 -8.45 36.83
C LYS B 1230 -31.33 -9.17 35.89
N MET B 1231 -31.46 -10.49 36.04
CA MET B 1231 -32.51 -11.21 35.33
C MET B 1231 -33.88 -10.89 35.92
N ASN B 1232 -33.92 -10.54 37.21
CA ASN B 1232 -35.19 -10.16 37.82
C ASN B 1232 -35.63 -8.76 37.38
N LYS B 1233 -34.71 -7.81 37.34
CA LYS B 1233 -35.07 -6.40 37.24
C LYS B 1233 -34.56 -5.71 35.99
N GLU B 1234 -33.43 -6.12 35.43
CA GLU B 1234 -32.73 -5.39 34.39
C GLU B 1234 -32.73 -6.15 33.08
N ARG B 1235 -33.91 -6.65 32.68
CA ARG B 1235 -34.01 -7.45 31.47
C ARG B 1235 -33.82 -6.65 30.19
N ALA B 1236 -33.93 -5.31 30.27
CA ALA B 1236 -33.79 -4.48 29.09
C ALA B 1236 -32.33 -4.40 28.61
N GLU B 1237 -31.38 -4.74 29.48
CA GLU B 1237 -29.96 -4.69 29.13
C GLU B 1237 -29.40 -6.06 28.78
N LEU B 1238 -29.94 -7.13 29.37
CA LEU B 1238 -29.46 -8.47 29.08
C LEU B 1238 -29.87 -8.91 27.69
N VAL B 1239 -30.99 -8.37 27.18
CA VAL B 1239 -31.38 -8.65 25.80
C VAL B 1239 -30.43 -7.95 24.83
N LYS B 1240 -29.90 -6.79 25.22
CA LYS B 1240 -29.11 -5.97 24.31
C LYS B 1240 -27.73 -6.57 24.09
N PHE B 1241 -27.23 -7.31 25.07
CA PHE B 1241 -25.91 -7.93 24.95
C PHE B 1241 -25.93 -9.05 23.92
N GLN B 1242 -26.92 -9.93 24.00
CA GLN B 1242 -27.04 -10.96 22.96
C GLN B 1242 -27.54 -10.41 21.65
N ARG B 1243 -28.25 -9.29 21.65
CA ARG B 1243 -28.63 -8.62 20.39
C ARG B 1243 -27.40 -8.12 19.67
N HIS B 1244 -26.49 -7.48 20.41
CA HIS B 1244 -25.28 -6.96 19.78
C HIS B 1244 -24.28 -8.07 19.52
N ALA B 1245 -24.42 -9.20 20.24
CA ALA B 1245 -23.61 -10.36 19.94
C ALA B 1245 -23.97 -10.97 18.61
N ILE B 1246 -25.27 -11.10 18.33
CA ILE B 1246 -25.74 -11.76 17.12
C ILE B 1246 -25.39 -10.97 15.86
N HIS B 1247 -25.47 -9.63 15.91
CA HIS B 1247 -25.03 -8.78 14.82
C HIS B 1247 -23.54 -8.93 14.54
N SER B 1248 -22.74 -8.99 15.61
CA SER B 1248 -21.30 -9.21 15.44
C SER B 1248 -20.99 -10.62 14.94
N TYR B 1249 -21.83 -11.59 15.32
CA TYR B 1249 -21.67 -12.95 14.84
C TYR B 1249 -22.00 -13.09 13.37
N ILE B 1250 -22.83 -12.21 12.81
CA ILE B 1250 -23.14 -12.26 11.39
C ILE B 1250 -21.95 -11.80 10.56
N MET B 1251 -21.38 -10.64 10.91
CA MET B 1251 -20.28 -10.08 10.12
C MET B 1251 -18.99 -10.86 10.30
N ALA B 1252 -18.88 -11.66 11.35
CA ALA B 1252 -17.80 -12.63 11.43
C ALA B 1252 -17.97 -13.71 10.37
N LEU B 1253 -19.21 -14.17 10.15
CA LEU B 1253 -19.43 -15.26 9.22
C LEU B 1253 -19.31 -14.81 7.78
N SER B 1254 -19.74 -13.58 7.46
CA SER B 1254 -19.83 -13.12 6.08
C SER B 1254 -18.46 -12.89 5.48
N HIS B 1255 -17.56 -12.26 6.22
CA HIS B 1255 -16.22 -12.07 5.72
C HIS B 1255 -15.38 -13.33 5.86
N SER B 1256 -15.82 -14.31 6.64
CA SER B 1256 -15.14 -15.59 6.68
C SER B 1256 -15.39 -16.42 5.43
N TYR B 1257 -16.48 -16.14 4.71
CA TYR B 1257 -16.88 -16.98 3.57
C TYR B 1257 -15.90 -16.85 2.42
N ALA B 1258 -15.41 -15.62 2.18
CA ALA B 1258 -14.32 -15.43 1.23
C ALA B 1258 -13.03 -16.06 1.75
N TRP B 1259 -12.82 -15.99 3.07
CA TRP B 1259 -11.60 -16.50 3.68
C TRP B 1259 -11.58 -18.02 3.71
N ALA B 1260 -12.72 -18.64 3.99
CA ALA B 1260 -12.75 -20.10 4.12
C ALA B 1260 -12.80 -20.79 2.77
N SER B 1261 -13.16 -20.07 1.72
CA SER B 1261 -13.30 -20.69 0.41
C SER B 1261 -12.11 -20.43 -0.50
N ASN B 1262 -11.27 -19.45 -0.19
CA ASN B 1262 -10.09 -19.20 -1.01
C ASN B 1262 -8.92 -19.97 -0.44
N PRO B 1263 -8.04 -20.53 -1.27
CA PRO B 1263 -6.92 -21.31 -0.72
C PRO B 1263 -5.78 -20.46 -0.20
N ALA B 1264 -5.70 -19.19 -0.61
CA ALA B 1264 -4.56 -18.35 -0.25
C ALA B 1264 -4.59 -17.99 1.23
N ALA B 1265 -5.77 -17.71 1.77
CA ALA B 1265 -5.90 -17.53 3.20
C ALA B 1265 -5.99 -18.85 3.95
N LEU B 1266 -6.17 -19.97 3.26
CA LEU B 1266 -6.36 -21.27 3.91
C LEU B 1266 -5.08 -21.84 4.48
N THR B 1267 -3.91 -21.28 4.16
CA THR B 1267 -2.64 -21.75 4.70
C THR B 1267 -2.00 -20.75 5.64
N SER B 1268 -2.21 -19.46 5.40
CA SER B 1268 -1.54 -18.41 6.19
C SER B 1268 -2.13 -18.35 7.59
N LEU B 1269 -1.27 -18.59 8.58
CA LEU B 1269 -1.63 -18.72 10.00
C LEU B 1269 -2.70 -19.80 10.19
N GLU B 1270 -2.28 -21.05 10.03
CA GLU B 1270 -3.13 -22.24 10.04
C GLU B 1270 -3.99 -22.43 11.30
N ASP B 1271 -3.60 -21.80 12.41
CA ASP B 1271 -4.46 -21.76 13.60
C ASP B 1271 -5.75 -20.99 13.34
N ASP B 1272 -5.71 -19.97 12.47
CA ASP B 1272 -6.92 -19.23 12.14
C ASP B 1272 -7.88 -20.08 11.32
N GLU B 1273 -7.34 -21.00 10.51
CA GLU B 1273 -8.16 -22.02 9.88
C GLU B 1273 -8.79 -22.94 10.91
N GLU B 1274 -8.04 -23.28 11.96
CA GLU B 1274 -8.60 -24.01 13.08
C GLU B 1274 -9.54 -23.13 13.91
N ALA B 1275 -9.29 -21.82 13.94
CA ALA B 1275 -10.15 -20.93 14.70
C ALA B 1275 -11.47 -20.68 13.98
N LEU B 1276 -11.52 -20.91 12.67
CA LEU B 1276 -12.75 -20.66 11.92
C LEU B 1276 -13.81 -21.71 12.26
N TYR B 1277 -13.40 -22.94 12.55
CA TYR B 1277 -14.36 -23.93 13.00
C TYR B 1277 -14.81 -23.70 14.44
N ASP B 1278 -14.03 -22.98 15.24
CA ASP B 1278 -14.48 -22.59 16.57
C ASP B 1278 -15.53 -21.50 16.52
N MET B 1279 -15.55 -20.70 15.45
CA MET B 1279 -16.59 -19.72 15.24
C MET B 1279 -17.95 -20.37 15.03
N TYR B 1280 -17.97 -21.50 14.34
CA TYR B 1280 -19.21 -22.23 14.10
C TYR B 1280 -19.77 -22.82 15.38
N HIS B 1281 -18.89 -23.27 16.28
CA HIS B 1281 -19.34 -23.92 17.51
C HIS B 1281 -19.97 -22.93 18.47
N GLU B 1282 -19.46 -21.71 18.53
CA GLU B 1282 -19.99 -20.74 19.46
C GLU B 1282 -21.04 -19.83 18.85
N PHE B 1283 -21.28 -19.93 17.55
CA PHE B 1283 -22.48 -19.33 17.00
C PHE B 1283 -23.70 -20.15 17.42
N GLY B 1284 -23.60 -21.47 17.31
CA GLY B 1284 -24.73 -22.32 17.64
C GLY B 1284 -25.00 -22.40 19.12
N MET B 1285 -23.94 -22.35 19.93
CA MET B 1285 -24.13 -22.26 21.37
C MET B 1285 -24.67 -20.92 21.81
N ARG B 1286 -24.52 -19.88 21.00
CA ARG B 1286 -25.16 -18.60 21.30
C ARG B 1286 -26.60 -18.57 20.80
N LEU B 1287 -26.83 -19.17 19.63
CA LEU B 1287 -28.15 -19.11 19.02
C LEU B 1287 -29.16 -19.97 19.77
N TYR B 1288 -28.77 -21.19 20.12
CA TYR B 1288 -29.64 -22.10 20.86
C TYR B 1288 -29.91 -21.63 22.28
N SER B 1289 -28.98 -20.89 22.88
CA SER B 1289 -29.17 -20.33 24.20
C SER B 1289 -30.26 -19.27 24.27
N SER B 1290 -30.34 -18.40 23.29
CA SER B 1290 -31.21 -17.24 23.39
C SER B 1290 -32.65 -17.52 22.98
N SER B 1291 -32.96 -18.75 22.55
CA SER B 1291 -34.31 -19.11 22.16
C SER B 1291 -35.01 -19.99 23.19
N ARG B 1292 -34.44 -20.12 24.38
CA ARG B 1292 -35.08 -20.85 25.45
C ARG B 1292 -34.97 -20.03 26.71
N GLU B 1293 -35.43 -20.60 27.81
CA GLU B 1293 -35.31 -19.96 29.12
C GLU B 1293 -33.84 -19.87 29.51
N PRO B 1294 -33.42 -18.77 30.14
CA PRO B 1294 -34.17 -17.62 30.64
C PRO B 1294 -34.51 -16.55 29.61
N PHE B 1295 -33.90 -16.64 28.43
CA PHE B 1295 -33.97 -15.51 27.51
C PHE B 1295 -35.27 -15.49 26.74
N ALA B 1296 -35.67 -16.66 26.22
CA ALA B 1296 -36.96 -16.93 25.57
C ALA B 1296 -37.22 -16.01 24.37
N MET B 1297 -36.33 -16.14 23.38
CA MET B 1297 -36.42 -15.53 22.05
C MET B 1297 -36.41 -14.00 22.07
N GLU B 1298 -35.94 -13.40 23.16
CA GLU B 1298 -35.99 -11.94 23.34
C GLU B 1298 -35.19 -11.10 22.34
N PRO B 1299 -33.95 -11.44 21.92
CA PRO B 1299 -33.30 -10.57 20.92
C PRO B 1299 -33.87 -10.71 19.51
N PHE B 1300 -34.71 -11.70 19.25
CA PHE B 1300 -35.21 -11.92 17.91
C PHE B 1300 -36.30 -10.94 17.52
N GLU B 1301 -37.06 -10.42 18.50
CA GLU B 1301 -38.25 -9.66 18.16
C GLU B 1301 -37.92 -8.24 17.74
N HIS B 1302 -38.91 -7.62 17.09
CA HIS B 1302 -38.81 -6.25 16.59
C HIS B 1302 -39.91 -5.40 17.22
N GLY B 1303 -40.06 -5.48 18.54
CA GLY B 1303 -41.14 -4.80 19.22
C GLY B 1303 -40.99 -3.28 19.22
N ASP B 1304 -39.75 -2.80 19.07
CA ASP B 1304 -39.54 -1.37 18.85
C ASP B 1304 -40.04 -0.94 17.48
N HIS B 1305 -40.03 -1.84 16.51
CA HIS B 1305 -40.52 -1.54 15.17
C HIS B 1305 -41.87 -2.19 14.93
N VAL B 1322 -42.40 -4.30 11.04
CA VAL B 1322 -41.76 -3.97 9.78
C VAL B 1322 -41.03 -5.19 9.25
N HIS B 1323 -40.43 -5.94 10.16
CA HIS B 1323 -39.57 -7.06 9.82
C HIS B 1323 -40.11 -8.34 10.47
N ASN B 1324 -40.03 -9.44 9.74
CA ASN B 1324 -40.50 -10.71 10.26
C ASN B 1324 -39.50 -11.33 11.22
N GLN B 1325 -40.01 -11.83 12.34
CA GLN B 1325 -39.18 -12.48 13.34
C GLN B 1325 -39.11 -13.97 13.05
N MET B 1326 -37.99 -14.58 13.43
CA MET B 1326 -37.79 -16.00 13.18
C MET B 1326 -38.54 -16.85 14.16
N THR B 1327 -38.67 -18.13 13.84
CA THR B 1327 -39.18 -19.12 14.78
C THR B 1327 -38.01 -19.83 15.42
N ASP B 1328 -38.28 -20.51 16.54
CA ASP B 1328 -37.31 -21.40 17.14
C ASP B 1328 -36.99 -22.58 16.24
N TYR B 1329 -38.00 -23.11 15.55
CA TYR B 1329 -37.80 -24.14 14.54
C TYR B 1329 -36.97 -23.62 13.38
N GLN B 1330 -37.13 -22.34 13.04
CA GLN B 1330 -36.25 -21.72 12.07
C GLN B 1330 -34.83 -21.56 12.61
N VAL B 1331 -34.66 -21.35 13.91
CA VAL B 1331 -33.33 -21.10 14.45
C VAL B 1331 -32.69 -22.39 14.97
N TRP B 1332 -33.47 -23.44 15.22
CA TRP B 1332 -32.86 -24.72 15.54
C TRP B 1332 -32.26 -25.38 14.31
N LYS B 1333 -32.93 -25.28 13.17
CA LYS B 1333 -32.40 -25.80 11.92
C LYS B 1333 -31.22 -24.97 11.45
N PHE B 1334 -31.22 -23.67 11.78
CA PHE B 1334 -30.10 -22.82 11.40
C PHE B 1334 -28.87 -23.16 12.22
N ALA B 1335 -29.04 -23.48 13.49
CA ALA B 1335 -27.90 -23.82 14.34
C ALA B 1335 -27.35 -25.19 13.97
N ALA B 1336 -28.23 -26.10 13.57
CA ALA B 1336 -27.82 -27.44 13.18
C ALA B 1336 -27.03 -27.44 11.89
N HIS B 1337 -27.22 -26.42 11.05
CA HIS B 1337 -26.38 -26.19 9.89
C HIS B 1337 -24.95 -25.89 10.31
N LEU B 1338 -24.79 -25.17 11.41
CA LEU B 1338 -23.47 -24.77 11.86
C LEU B 1338 -22.71 -25.94 12.50
N PHE B 1339 -23.42 -26.81 13.20
CA PHE B 1339 -22.78 -27.89 13.96
C PHE B 1339 -22.17 -28.94 13.05
N ARG B 1340 -22.88 -29.27 11.97
CA ARG B 1340 -22.33 -30.18 10.97
C ARG B 1340 -21.16 -29.53 10.24
N LYS B 1341 -21.26 -28.22 9.99
CA LYS B 1341 -20.14 -27.48 9.44
C LYS B 1341 -19.03 -27.33 10.46
N ALA B 1342 -19.36 -27.41 11.75
CA ALA B 1342 -18.32 -27.52 12.75
C ALA B 1342 -17.73 -28.93 12.78
N MET B 1343 -18.51 -29.95 12.42
CA MET B 1343 -18.11 -31.34 12.66
C MET B 1343 -16.98 -31.78 11.74
N VAL B 1344 -16.83 -31.15 10.57
CA VAL B 1344 -15.75 -31.54 9.67
C VAL B 1344 -14.41 -31.05 10.18
N GLY B 1345 -14.34 -29.78 10.60
CA GLY B 1345 -13.09 -29.30 11.16
C GLY B 1345 -12.86 -29.69 12.60
N LYS B 1346 -13.88 -30.23 13.26
CA LYS B 1346 -13.77 -30.77 14.61
C LYS B 1346 -14.29 -32.20 14.59
N PRO B 1347 -13.50 -33.15 14.07
CA PRO B 1347 -14.01 -34.52 13.96
C PRO B 1347 -14.01 -35.27 15.27
N LYS B 1348 -13.23 -34.85 16.25
CA LYS B 1348 -13.18 -35.50 17.54
C LYS B 1348 -13.98 -34.77 18.61
N ASP B 1349 -14.42 -33.55 18.35
CA ASP B 1349 -15.17 -32.79 19.34
C ASP B 1349 -16.60 -33.32 19.40
N TRP B 1350 -16.93 -33.95 20.54
CA TRP B 1350 -18.20 -34.63 20.70
C TRP B 1350 -19.37 -33.67 20.84
N LYS B 1351 -19.09 -32.40 21.14
CA LYS B 1351 -20.16 -31.45 21.43
C LYS B 1351 -20.90 -31.05 20.16
N ASN B 1352 -20.19 -31.01 19.03
CA ASN B 1352 -20.83 -30.64 17.77
C ASN B 1352 -21.83 -31.68 17.26
N PRO B 1353 -21.62 -33.00 17.40
CA PRO B 1353 -22.79 -33.88 17.25
C PRO B 1353 -23.75 -33.82 18.41
N TYR B 1354 -23.32 -33.38 19.60
CA TYR B 1354 -24.21 -33.37 20.74
C TYR B 1354 -25.25 -32.27 20.63
N MET B 1355 -24.81 -31.09 20.22
CA MET B 1355 -25.75 -29.98 20.08
C MET B 1355 -26.59 -30.13 18.81
N VAL B 1356 -26.07 -30.85 17.82
CA VAL B 1356 -26.89 -31.15 16.65
C VAL B 1356 -27.92 -32.23 16.99
N ALA B 1357 -27.62 -33.04 18.02
CA ALA B 1357 -28.60 -34.02 18.48
C ALA B 1357 -29.73 -33.34 19.24
N LYS B 1358 -29.40 -32.29 19.99
CA LYS B 1358 -30.41 -31.54 20.70
C LYS B 1358 -31.22 -30.66 19.78
N CYS B 1359 -30.66 -30.33 18.61
CA CYS B 1359 -31.34 -29.42 17.68
C CYS B 1359 -32.55 -30.08 17.04
N LEU B 1360 -32.37 -31.32 16.56
CA LEU B 1360 -33.46 -32.00 15.88
C LEU B 1360 -34.52 -32.49 16.85
N TRP B 1361 -34.12 -32.75 18.10
CA TRP B 1361 -35.09 -33.20 19.09
C TRP B 1361 -36.05 -32.08 19.47
N LYS B 1362 -35.54 -30.85 19.55
CA LYS B 1362 -36.42 -29.69 19.67
C LYS B 1362 -37.23 -29.49 18.40
N MET B 1363 -36.63 -29.80 17.25
CA MET B 1363 -37.36 -29.74 15.98
C MET B 1363 -38.42 -30.82 15.90
N TYR B 1364 -38.14 -32.01 16.45
CA TYR B 1364 -39.12 -33.08 16.39
C TYR B 1364 -40.22 -32.88 17.42
N GLN B 1365 -39.89 -32.37 18.60
CA GLN B 1365 -40.90 -32.15 19.63
C GLN B 1365 -41.78 -30.96 19.31
N LYS B 1366 -41.33 -30.08 18.42
CA LYS B 1366 -42.18 -29.06 17.84
C LYS B 1366 -43.26 -29.75 17.02
N PRO B 1367 -44.54 -29.52 17.31
CA PRO B 1367 -45.60 -30.21 16.58
C PRO B 1367 -45.75 -29.66 15.18
N THR B 1368 -46.31 -30.50 14.29
CA THR B 1368 -46.33 -30.22 12.86
C THR B 1368 -47.33 -29.15 12.47
N GLU B 1369 -48.28 -28.81 13.33
CA GLU B 1369 -49.38 -27.93 12.95
C GLU B 1369 -48.91 -26.48 12.83
N GLU B 1370 -48.02 -26.05 13.73
CA GLU B 1370 -47.50 -24.70 13.69
C GLU B 1370 -46.36 -24.55 12.68
N LEU B 1371 -45.88 -25.66 12.12
CA LEU B 1371 -44.86 -25.60 11.08
C LEU B 1371 -45.43 -24.98 9.81
N ASP B 1372 -44.59 -24.23 9.11
CA ASP B 1372 -44.94 -23.82 7.76
C ASP B 1372 -44.89 -25.02 6.83
N GLU B 1373 -45.62 -24.92 5.72
CA GLU B 1373 -45.79 -26.07 4.83
C GLU B 1373 -44.51 -26.40 4.07
N LYS B 1374 -43.60 -25.43 3.95
CA LYS B 1374 -42.27 -25.73 3.42
C LYS B 1374 -41.46 -26.55 4.42
N ASN B 1375 -41.45 -26.13 5.68
CA ASN B 1375 -40.70 -26.86 6.70
C ASN B 1375 -41.47 -28.06 7.22
N ARG B 1376 -42.75 -28.20 6.83
CA ARG B 1376 -43.49 -29.42 7.07
C ARG B 1376 -42.87 -30.59 6.33
N ARG B 1377 -42.42 -30.35 5.10
CA ARG B 1377 -41.66 -31.36 4.37
C ARG B 1377 -40.27 -31.54 4.95
N HIS B 1378 -39.74 -30.49 5.59
CA HIS B 1378 -38.39 -30.52 6.12
C HIS B 1378 -38.33 -31.05 7.54
N ARG B 1379 -39.43 -31.58 8.05
CA ARG B 1379 -39.46 -32.20 9.37
C ARG B 1379 -38.67 -33.50 9.34
N PRO B 1380 -37.67 -33.67 10.20
CA PRO B 1380 -36.94 -34.94 10.23
C PRO B 1380 -37.79 -36.04 10.85
N THR B 1381 -37.44 -37.27 10.50
CA THR B 1381 -38.22 -38.41 10.95
C THR B 1381 -37.93 -38.76 12.40
N VAL B 1382 -38.66 -39.77 12.88
CA VAL B 1382 -38.37 -40.35 14.19
C VAL B 1382 -37.01 -41.04 14.15
N GLN B 1383 -36.70 -41.69 13.03
CA GLN B 1383 -35.40 -42.34 12.87
C GLN B 1383 -34.28 -41.33 12.69
N MET B 1384 -34.60 -40.14 12.16
CA MET B 1384 -33.58 -39.15 11.86
C MET B 1384 -32.99 -38.48 13.11
N VAL B 1385 -33.56 -38.70 14.28
CA VAL B 1385 -32.93 -38.21 15.49
C VAL B 1385 -32.24 -39.35 16.23
N LEU B 1386 -32.60 -40.60 15.92
CA LEU B 1386 -32.03 -41.74 16.63
C LEU B 1386 -30.58 -41.97 16.24
N ASP B 1387 -30.30 -41.84 14.94
CA ASP B 1387 -28.94 -42.03 14.45
C ASP B 1387 -28.02 -40.91 14.91
N ALA B 1388 -28.54 -39.69 14.96
CA ALA B 1388 -27.73 -38.53 15.35
C ALA B 1388 -27.35 -38.59 16.82
N LEU B 1389 -28.24 -39.11 17.65
CA LEU B 1389 -27.88 -39.41 19.04
C LEU B 1389 -26.83 -40.53 19.08
N GLU B 1390 -27.00 -41.53 18.23
CA GLU B 1390 -26.00 -42.59 18.12
C GLU B 1390 -24.73 -42.08 17.44
N LYS B 1391 -24.85 -41.04 16.62
CA LYS B 1391 -23.66 -40.39 16.06
C LYS B 1391 -22.83 -39.74 17.15
N THR B 1392 -23.49 -39.08 18.11
CA THR B 1392 -22.78 -38.48 19.23
C THR B 1392 -22.15 -39.54 20.12
N ILE B 1393 -22.89 -40.63 20.37
CA ILE B 1393 -22.40 -41.70 21.20
C ILE B 1393 -21.30 -42.49 20.50
N GLU B 1394 -21.24 -42.40 19.17
CA GLU B 1394 -20.10 -42.90 18.42
C GLU B 1394 -18.86 -42.07 18.68
N VAL B 1395 -19.00 -40.74 18.68
CA VAL B 1395 -17.86 -39.84 18.87
C VAL B 1395 -17.41 -39.87 20.33
N VAL B 1396 -18.37 -40.03 21.25
CA VAL B 1396 -18.05 -40.17 22.67
C VAL B 1396 -17.30 -41.48 22.92
N SER B 1397 -17.70 -42.54 22.21
CA SER B 1397 -16.92 -43.77 22.22
C SER B 1397 -15.58 -43.61 21.50
N ALA B 1398 -15.52 -42.70 20.51
CA ALA B 1398 -14.28 -42.42 19.81
C ALA B 1398 -13.37 -41.47 20.56
N LEU B 1399 -13.82 -40.92 21.68
CA LEU B 1399 -12.95 -40.12 22.52
C LEU B 1399 -11.90 -41.00 23.20
N PRO B 1400 -10.74 -40.44 23.54
CA PRO B 1400 -9.79 -41.16 24.39
C PRO B 1400 -10.36 -41.42 25.77
N LYS B 1401 -9.91 -42.50 26.39
CA LYS B 1401 -10.50 -42.96 27.64
C LYS B 1401 -10.11 -42.03 28.78
N PRO B 1402 -11.05 -41.68 29.67
CA PRO B 1402 -10.78 -40.64 30.67
C PRO B 1402 -9.84 -41.11 31.77
N ARG B 1403 -9.15 -40.15 32.35
CA ARG B 1403 -8.17 -40.43 33.39
C ARG B 1403 -8.87 -40.64 34.72
N HIS B 1404 -8.07 -40.98 35.74
CA HIS B 1404 -8.62 -41.18 37.07
C HIS B 1404 -9.02 -39.84 37.69
N GLY B 1405 -10.21 -39.80 38.26
CA GLY B 1405 -10.77 -38.57 38.78
C GLY B 1405 -11.58 -37.76 37.80
N GLN B 1406 -11.75 -38.23 36.57
CA GLN B 1406 -12.51 -37.54 35.54
C GLN B 1406 -13.84 -38.24 35.33
N GLU B 1407 -14.92 -37.49 35.39
CA GLU B 1407 -16.25 -38.05 35.15
C GLU B 1407 -16.43 -38.33 33.66
N PRO B 1408 -16.90 -39.52 33.28
CA PRO B 1408 -17.17 -39.79 31.87
C PRO B 1408 -18.39 -39.03 31.38
N ILE B 1409 -18.46 -38.88 30.06
CA ILE B 1409 -19.53 -38.11 29.45
C ILE B 1409 -20.72 -39.03 29.17
N LEU B 1410 -21.58 -39.18 30.16
CA LEU B 1410 -22.84 -39.89 30.01
C LEU B 1410 -23.97 -38.95 29.58
N GLU B 1411 -23.64 -37.69 29.32
CA GLU B 1411 -24.61 -36.71 28.84
C GLU B 1411 -25.28 -37.08 27.52
N PRO B 1412 -24.62 -37.74 26.54
CA PRO B 1412 -25.44 -38.39 25.50
C PRO B 1412 -26.26 -39.55 25.99
N HIS B 1413 -25.78 -40.28 27.00
CA HIS B 1413 -26.29 -41.61 27.28
C HIS B 1413 -27.66 -41.58 27.96
N TYR B 1414 -27.86 -40.66 28.91
CA TYR B 1414 -29.18 -40.56 29.49
C TYR B 1414 -30.12 -39.74 28.60
N LYS B 1415 -29.55 -38.94 27.70
CA LYS B 1415 -30.37 -38.12 26.80
C LYS B 1415 -31.13 -38.99 25.81
N ILE B 1416 -30.45 -39.98 25.23
CA ILE B 1416 -31.11 -40.90 24.31
C ILE B 1416 -32.06 -41.84 25.08
N VAL B 1417 -31.73 -42.12 26.35
CA VAL B 1417 -32.62 -42.87 27.22
C VAL B 1417 -33.90 -42.09 27.49
N SER B 1418 -33.76 -40.79 27.77
CA SER B 1418 -34.92 -39.93 28.02
C SER B 1418 -35.73 -39.73 26.74
N VAL B 1419 -35.05 -39.63 25.60
CA VAL B 1419 -35.73 -39.43 24.32
C VAL B 1419 -36.50 -40.67 23.93
N ILE B 1420 -35.90 -41.85 24.13
CA ILE B 1420 -36.59 -43.09 23.77
C ILE B 1420 -37.64 -43.44 24.82
N TRP B 1421 -37.54 -42.84 26.02
CA TRP B 1421 -38.63 -42.95 26.97
C TRP B 1421 -39.82 -42.13 26.51
N LYS B 1422 -39.56 -40.99 25.87
CA LYS B 1422 -40.63 -40.09 25.49
C LYS B 1422 -41.41 -40.63 24.30
N LEU B 1423 -40.72 -40.92 23.19
CA LEU B 1423 -41.40 -41.18 21.92
C LEU B 1423 -42.09 -42.54 21.92
N VAL B 1424 -41.59 -43.49 22.69
CA VAL B 1424 -42.31 -44.74 22.92
C VAL B 1424 -43.57 -44.46 23.73
N LYS B 1425 -43.45 -43.66 24.78
CA LYS B 1425 -44.64 -43.23 25.51
C LYS B 1425 -45.44 -42.18 24.75
N ARG B 1426 -44.81 -41.47 23.80
CA ARG B 1426 -45.58 -40.68 22.86
C ARG B 1426 -46.13 -41.53 21.72
N GLY B 1427 -45.65 -42.76 21.55
CA GLY B 1427 -46.21 -43.66 20.58
C GLY B 1427 -45.45 -43.75 19.27
N ASP B 1428 -44.29 -43.10 19.15
CA ASP B 1428 -43.55 -43.14 17.90
C ASP B 1428 -42.82 -44.46 17.69
N LEU B 1429 -42.70 -45.28 18.73
CA LEU B 1429 -42.07 -46.59 18.60
C LEU B 1429 -42.69 -47.55 19.60
N SER B 1430 -42.72 -48.82 19.22
CA SER B 1430 -43.10 -49.87 20.15
C SER B 1430 -41.99 -50.03 21.20
N PRO B 1431 -42.35 -50.46 22.43
CA PRO B 1431 -41.31 -50.69 23.45
C PRO B 1431 -40.38 -51.84 23.14
N GLN B 1432 -40.79 -52.79 22.31
CA GLN B 1432 -39.92 -53.90 21.92
C GLN B 1432 -38.79 -53.41 21.02
N GLU B 1433 -39.11 -52.50 20.10
CA GLU B 1433 -38.12 -52.02 19.15
C GLU B 1433 -37.12 -51.06 19.81
N ALA B 1434 -37.48 -50.51 20.97
CA ALA B 1434 -36.59 -49.58 21.65
C ALA B 1434 -35.40 -50.29 22.29
N THR B 1435 -35.56 -51.58 22.62
CA THR B 1435 -34.54 -52.30 23.37
C THR B 1435 -33.29 -52.56 22.53
N LYS B 1436 -33.48 -52.77 21.22
CA LYS B 1436 -32.35 -52.93 20.32
C LYS B 1436 -31.54 -51.63 20.21
N VAL B 1437 -32.25 -50.50 20.10
CA VAL B 1437 -31.59 -49.19 20.02
C VAL B 1437 -30.90 -48.84 21.34
N LEU B 1438 -31.50 -49.26 22.45
CA LEU B 1438 -30.88 -49.04 23.76
C LEU B 1438 -29.64 -49.89 23.95
N GLN B 1439 -29.64 -51.11 23.41
CA GLN B 1439 -28.50 -51.98 23.56
C GLN B 1439 -27.37 -51.68 22.58
N ARG B 1440 -27.58 -50.78 21.61
CA ARG B 1440 -26.46 -50.25 20.84
C ARG B 1440 -25.60 -49.31 21.67
N GLN B 1441 -26.17 -48.70 22.68
CA GLN B 1441 -25.51 -47.62 23.40
C GLN B 1441 -24.48 -48.20 24.37
N PRO B 1442 -23.35 -47.51 24.55
CA PRO B 1442 -22.29 -48.04 25.43
C PRO B 1442 -22.66 -48.16 26.91
N TYR B 1443 -23.66 -47.43 27.38
CA TYR B 1443 -24.10 -47.53 28.78
C TYR B 1443 -25.41 -48.30 28.89
N SER B 1444 -25.55 -49.35 28.10
CA SER B 1444 -26.66 -50.27 28.28
C SER B 1444 -26.33 -51.23 29.41
N PRO B 1445 -27.14 -51.30 30.47
CA PRO B 1445 -26.95 -52.35 31.48
C PRO B 1445 -27.29 -53.72 30.90
N ASP B 1446 -26.55 -54.73 31.37
CA ASP B 1446 -26.48 -56.07 30.77
C ASP B 1446 -26.18 -55.96 29.27
N HIS B 1447 -25.03 -55.38 28.96
CA HIS B 1447 -24.69 -55.00 27.60
C HIS B 1447 -24.40 -56.23 26.75
N GLY B 1448 -25.07 -56.30 25.60
CA GLY B 1448 -25.01 -57.48 24.75
C GLY B 1448 -25.98 -58.57 25.10
N LYS B 1449 -26.70 -58.45 26.21
CA LYS B 1449 -27.69 -59.44 26.63
C LYS B 1449 -29.07 -58.93 26.23
N GLU B 1450 -29.79 -59.74 25.46
CA GLU B 1450 -31.03 -59.28 24.85
C GLU B 1450 -32.16 -59.26 25.87
N VAL B 1451 -32.85 -58.13 25.92
CA VAL B 1451 -33.99 -57.93 26.82
C VAL B 1451 -35.23 -57.71 25.97
N SER B 1452 -36.25 -58.54 26.17
CA SER B 1452 -37.51 -58.43 25.46
C SER B 1452 -38.52 -57.69 26.32
N VAL B 1453 -39.10 -56.63 25.78
CA VAL B 1453 -40.02 -55.76 26.49
C VAL B 1453 -41.34 -55.73 25.73
N GLU B 1454 -42.43 -56.09 26.39
CA GLU B 1454 -43.73 -56.13 25.76
C GLU B 1454 -44.70 -55.10 26.29
N THR B 1455 -44.55 -54.66 27.55
CA THR B 1455 -45.43 -53.67 28.14
C THR B 1455 -44.67 -52.38 28.39
N ALA B 1456 -45.43 -51.31 28.60
CA ALA B 1456 -44.82 -50.04 29.00
C ALA B 1456 -44.28 -50.12 30.42
N GLU B 1457 -44.88 -50.95 31.27
CA GLU B 1457 -44.33 -51.18 32.60
C GLU B 1457 -43.05 -52.01 32.53
N ASP B 1458 -42.96 -52.92 31.56
CA ASP B 1458 -41.68 -53.55 31.25
C ASP B 1458 -40.71 -52.53 30.67
N PHE B 1459 -41.23 -51.58 29.89
CA PHE B 1459 -40.41 -50.48 29.42
C PHE B 1459 -40.09 -49.51 30.55
N LYS B 1460 -40.95 -49.46 31.57
CA LYS B 1460 -40.66 -48.64 32.74
C LYS B 1460 -39.51 -49.22 33.54
N ALA B 1461 -39.51 -50.55 33.74
CA ALA B 1461 -38.54 -51.18 34.63
C ALA B 1461 -37.15 -51.20 34.04
N TYR B 1462 -37.05 -51.46 32.73
CA TYR B 1462 -35.74 -51.57 32.10
C TYR B 1462 -35.07 -50.20 31.96
N ILE B 1463 -35.87 -49.17 31.69
CA ILE B 1463 -35.35 -47.80 31.64
C ILE B 1463 -34.90 -47.35 33.02
N ILE B 1464 -35.64 -47.76 34.06
CA ILE B 1464 -35.24 -47.54 35.45
C ILE B 1464 -33.93 -48.26 35.75
N ARG B 1465 -33.77 -49.47 35.21
CA ARG B 1465 -32.50 -50.18 35.29
C ARG B 1465 -31.41 -49.46 34.50
N CYS B 1466 -31.76 -48.84 33.36
CA CYS B 1466 -30.80 -47.99 32.66
C CYS B 1466 -30.50 -46.73 33.47
N LEU B 1467 -31.51 -46.15 34.11
CA LEU B 1467 -31.30 -44.95 34.93
C LEU B 1467 -30.50 -45.27 36.18
N ARG B 1468 -30.70 -46.47 36.74
CA ARG B 1468 -29.86 -46.93 37.84
C ARG B 1468 -28.42 -47.15 37.39
N TYR B 1469 -28.25 -47.69 36.19
CA TYR B 1469 -26.93 -47.95 35.63
C TYR B 1469 -26.18 -46.65 35.36
N LEU B 1470 -26.90 -45.63 34.90
CA LEU B 1470 -26.28 -44.31 34.73
C LEU B 1470 -26.03 -43.63 36.07
N ARG B 1471 -26.90 -43.89 37.06
CA ARG B 1471 -26.67 -43.35 38.40
C ARG B 1471 -25.55 -44.09 39.11
N ASP B 1472 -25.24 -45.32 38.68
CA ASP B 1472 -24.01 -45.97 39.11
C ASP B 1472 -22.79 -45.22 38.60
N LYS B 1473 -22.88 -44.65 37.41
CA LYS B 1473 -21.80 -43.83 36.87
C LYS B 1473 -21.81 -42.41 37.43
N ASP B 1474 -22.89 -42.00 38.10
CA ASP B 1474 -22.96 -40.69 38.74
C ASP B 1474 -22.40 -40.78 40.16
N LYS B 1475 -21.10 -41.06 40.22
CA LYS B 1475 -20.42 -41.20 41.51
C LYS B 1475 -20.18 -39.86 42.16
N SER B 1476 -19.95 -38.82 41.35
CA SER B 1476 -19.75 -37.48 41.88
C SER B 1476 -21.04 -36.81 42.29
N ASN B 1477 -22.20 -37.41 41.92
CA ASN B 1477 -23.55 -36.93 42.23
C ASN B 1477 -23.79 -35.54 41.64
N TRP B 1478 -23.67 -35.43 40.32
CA TRP B 1478 -23.89 -34.18 39.60
C TRP B 1478 -25.01 -34.24 38.58
N GLN B 1479 -25.38 -35.43 38.11
CA GLN B 1479 -26.30 -35.57 36.97
C GLN B 1479 -27.76 -35.53 37.43
N HIS B 1480 -28.18 -34.34 37.88
CA HIS B 1480 -29.54 -34.18 38.40
C HIS B 1480 -30.58 -34.23 37.31
N ARG B 1481 -30.19 -34.01 36.04
CA ARG B 1481 -31.11 -34.21 34.93
C ARG B 1481 -31.45 -35.69 34.75
N LEU B 1482 -30.48 -36.57 35.01
CA LEU B 1482 -30.74 -38.01 35.02
C LEU B 1482 -31.65 -38.40 36.18
N ILE B 1483 -31.46 -37.75 37.33
CA ILE B 1483 -32.15 -38.14 38.54
C ILE B 1483 -33.56 -37.58 38.55
N ILE B 1484 -33.77 -36.40 37.96
CA ILE B 1484 -35.12 -35.87 37.82
C ILE B 1484 -35.87 -36.61 36.71
N ARG B 1485 -35.14 -37.24 35.78
CA ARG B 1485 -35.78 -38.11 34.81
C ARG B 1485 -35.95 -39.51 35.36
N HIS B 1486 -35.13 -39.88 36.34
CA HIS B 1486 -35.36 -41.13 37.08
C HIS B 1486 -36.65 -41.04 37.88
N ALA B 1487 -36.95 -39.84 38.40
CA ALA B 1487 -38.26 -39.61 39.00
C ALA B 1487 -39.36 -39.54 37.95
N ARG B 1488 -39.03 -39.06 36.75
CA ARG B 1488 -40.05 -38.85 35.71
C ARG B 1488 -40.51 -40.18 35.11
N VAL B 1489 -39.58 -41.10 34.89
CA VAL B 1489 -39.94 -42.45 34.45
C VAL B 1489 -40.71 -43.17 35.55
N LEU B 1490 -40.30 -42.97 36.80
CA LEU B 1490 -41.06 -43.49 37.94
C LEU B 1490 -42.42 -42.83 38.05
N PHE B 1491 -42.48 -41.52 37.88
CA PHE B 1491 -43.76 -40.81 38.05
C PHE B 1491 -43.85 -39.67 37.05
N ASP B 1492 -44.84 -39.76 36.17
CA ASP B 1492 -45.09 -38.75 35.14
C ASP B 1492 -46.06 -37.70 35.67
N GLU B 1493 -45.79 -36.43 35.32
CA GLU B 1493 -46.64 -35.31 35.74
C GLU B 1493 -48.05 -35.42 35.15
N ASN B 1494 -48.16 -35.75 33.87
CA ASN B 1494 -49.43 -35.70 33.15
C ASN B 1494 -50.31 -36.93 33.38
N THR B 1495 -49.94 -37.82 34.30
CA THR B 1495 -50.78 -38.96 34.63
C THR B 1495 -52.01 -38.52 35.42
N ASP B 1496 -52.97 -39.43 35.52
CA ASP B 1496 -54.17 -39.19 36.32
C ASP B 1496 -53.82 -39.14 37.80
N MET B 1497 -54.43 -38.18 38.52
CA MET B 1497 -54.16 -38.02 39.94
C MET B 1497 -54.82 -39.09 40.80
N ASN B 1498 -55.78 -39.83 40.25
CA ASN B 1498 -56.54 -40.82 41.00
C ASN B 1498 -56.02 -42.24 40.80
N ARG B 1499 -54.85 -42.40 40.20
CA ARG B 1499 -54.26 -43.73 40.04
C ARG B 1499 -53.79 -44.27 41.40
N PRO B 1500 -53.98 -45.56 41.67
CA PRO B 1500 -53.64 -46.08 43.01
C PRO B 1500 -52.14 -46.23 43.24
N ASP B 1501 -51.38 -46.52 42.19
CA ASP B 1501 -49.93 -46.63 42.31
C ASP B 1501 -49.24 -45.28 42.24
N ALA B 1502 -49.97 -44.21 41.93
CA ALA B 1502 -49.37 -42.90 41.67
C ALA B 1502 -48.81 -42.29 42.95
N VAL B 1503 -49.44 -42.57 44.09
CA VAL B 1503 -48.85 -42.19 45.37
C VAL B 1503 -47.61 -43.02 45.65
N GLU B 1504 -47.67 -44.32 45.32
CA GLU B 1504 -46.51 -45.20 45.50
C GLU B 1504 -45.39 -44.88 44.53
N ALA B 1505 -45.74 -44.55 43.28
CA ALA B 1505 -44.72 -44.24 42.28
C ALA B 1505 -44.06 -42.90 42.55
N ALA B 1506 -44.78 -41.98 43.19
CA ALA B 1506 -44.16 -40.73 43.63
C ALA B 1506 -43.23 -40.96 44.81
N LYS B 1507 -43.53 -41.95 45.65
CA LYS B 1507 -42.66 -42.29 46.77
C LYS B 1507 -41.35 -42.88 46.29
N ALA B 1508 -41.41 -43.77 45.30
CA ALA B 1508 -40.20 -44.37 44.74
C ALA B 1508 -39.43 -43.35 43.91
N ALA B 1509 -40.13 -42.38 43.33
CA ALA B 1509 -39.47 -41.25 42.69
C ALA B 1509 -38.74 -40.38 43.71
N PHE B 1510 -39.36 -40.19 44.88
CA PHE B 1510 -38.76 -39.36 45.92
C PHE B 1510 -37.58 -40.06 46.58
N GLY B 1511 -37.58 -41.39 46.57
CA GLY B 1511 -36.44 -42.13 47.12
C GLY B 1511 -35.19 -41.98 46.28
N VAL B 1512 -35.35 -41.80 44.97
CA VAL B 1512 -34.20 -41.53 44.11
C VAL B 1512 -33.65 -40.13 44.36
N LEU B 1513 -34.54 -39.14 44.51
CA LEU B 1513 -34.13 -37.75 44.61
C LEU B 1513 -33.51 -37.43 45.96
N ARG B 1514 -34.09 -37.95 47.04
CA ARG B 1514 -33.58 -37.64 48.36
C ARG B 1514 -32.29 -38.41 48.67
N GLU B 1515 -32.06 -39.50 47.94
CA GLU B 1515 -30.76 -40.17 48.03
C GLU B 1515 -29.66 -39.34 47.39
N ASN B 1516 -29.97 -38.65 46.28
CA ASN B 1516 -28.94 -38.01 45.49
C ASN B 1516 -28.80 -36.51 45.79
N MET B 1517 -29.87 -35.75 45.58
CA MET B 1517 -29.76 -34.29 45.56
C MET B 1517 -30.52 -33.60 46.68
N PHE B 1518 -31.65 -34.15 47.12
CA PHE B 1518 -32.46 -33.51 48.14
C PHE B 1518 -31.99 -33.94 49.51
N THR B 1519 -31.82 -32.97 50.41
CA THR B 1519 -31.42 -33.27 51.77
C THR B 1519 -32.65 -33.66 52.60
N LYS B 1520 -32.37 -34.00 53.87
CA LYS B 1520 -33.45 -34.26 54.82
C LYS B 1520 -34.17 -32.98 55.19
N THR B 1521 -33.48 -31.83 55.13
CA THR B 1521 -34.08 -30.52 55.31
C THR B 1521 -34.58 -29.93 54.00
N MET B 1522 -34.66 -30.76 52.94
CA MET B 1522 -35.16 -30.40 51.60
C MET B 1522 -34.35 -29.28 50.97
N VAL B 1523 -33.05 -29.52 50.75
CA VAL B 1523 -32.21 -28.62 49.97
C VAL B 1523 -31.70 -29.41 48.77
N MET B 1524 -32.10 -28.98 47.57
CA MET B 1524 -31.58 -29.58 46.35
C MET B 1524 -30.26 -28.93 45.99
N ASN B 1525 -29.44 -29.65 45.24
CA ASN B 1525 -28.10 -29.18 44.88
C ASN B 1525 -27.99 -29.15 43.36
N VAL B 1526 -28.45 -28.05 42.78
CA VAL B 1526 -28.31 -27.82 41.34
C VAL B 1526 -26.97 -27.13 41.15
N TRP B 1527 -25.95 -27.92 40.78
CA TRP B 1527 -24.63 -27.39 40.51
C TRP B 1527 -24.54 -27.07 39.03
N LYS B 1528 -23.79 -26.02 38.70
CA LYS B 1528 -23.63 -25.59 37.31
C LYS B 1528 -22.75 -26.58 36.57
N CYS B 1529 -23.33 -27.29 35.60
CA CYS B 1529 -22.57 -28.21 34.78
C CYS B 1529 -21.67 -27.44 33.82
N ASP B 1530 -20.65 -28.14 33.32
CA ASP B 1530 -19.69 -27.53 32.40
C ASP B 1530 -20.33 -27.24 31.05
N ALA B 1531 -21.27 -28.08 30.63
CA ALA B 1531 -22.04 -27.82 29.42
C ALA B 1531 -23.28 -26.98 29.68
N GLU B 1532 -23.55 -26.63 30.94
CA GLU B 1532 -24.72 -25.83 31.25
C GLU B 1532 -24.46 -24.35 30.95
N ARG B 1533 -25.50 -23.67 30.49
CA ARG B 1533 -25.48 -22.29 30.03
C ARG B 1533 -25.58 -21.33 31.20
N PRO B 1534 -25.05 -20.11 31.06
CA PRO B 1534 -25.24 -19.10 32.11
C PRO B 1534 -26.69 -18.63 32.20
N GLY B 1535 -27.21 -18.57 33.42
CA GLY B 1535 -28.59 -18.25 33.66
C GLY B 1535 -29.55 -19.41 33.55
N ARG B 1536 -29.06 -20.60 33.19
CA ARG B 1536 -29.96 -21.73 32.97
C ARG B 1536 -30.24 -22.49 34.26
N HIS B 1537 -29.24 -22.61 35.13
CA HIS B 1537 -29.40 -23.42 36.35
C HIS B 1537 -30.29 -22.72 37.37
N HIS B 1538 -30.39 -21.39 37.29
CA HIS B 1538 -31.39 -20.65 38.06
C HIS B 1538 -32.79 -21.06 37.63
N VAL B 1539 -33.02 -21.16 36.32
CA VAL B 1539 -34.30 -21.62 35.80
C VAL B 1539 -34.49 -23.10 36.07
N TYR B 1540 -33.42 -23.89 35.92
CA TYR B 1540 -33.47 -25.34 36.10
C TYR B 1540 -33.72 -25.73 37.54
N THR B 1541 -33.39 -24.86 38.49
CA THR B 1541 -33.72 -25.12 39.89
C THR B 1541 -35.22 -25.03 40.12
N GLU B 1542 -35.88 -24.00 39.59
CA GLU B 1542 -37.31 -23.84 39.83
C GLU B 1542 -38.14 -24.77 38.95
N ARG B 1543 -37.55 -25.30 37.87
CA ARG B 1543 -38.23 -26.35 37.13
C ARG B 1543 -38.18 -27.66 37.91
N TYR B 1544 -37.13 -27.86 38.70
CA TYR B 1544 -37.11 -28.99 39.62
C TYR B 1544 -38.06 -28.77 40.79
N ILE B 1545 -38.35 -27.51 41.12
CA ILE B 1545 -39.24 -27.18 42.23
C ILE B 1545 -40.67 -27.59 41.91
N ARG B 1546 -41.16 -27.21 40.72
CA ARG B 1546 -42.57 -27.39 40.39
C ARG B 1546 -42.91 -28.86 40.14
N TYR B 1547 -41.92 -29.65 39.73
CA TYR B 1547 -42.12 -31.09 39.68
C TYR B 1547 -42.19 -31.67 41.09
N VAL B 1548 -41.35 -31.16 42.00
CA VAL B 1548 -41.28 -31.67 43.37
C VAL B 1548 -42.55 -31.28 44.15
N VAL B 1549 -43.06 -30.08 43.90
CA VAL B 1549 -44.27 -29.59 44.57
C VAL B 1549 -45.48 -30.45 44.16
N LYS B 1550 -45.57 -30.80 42.88
CA LYS B 1550 -46.61 -31.71 42.45
C LYS B 1550 -46.32 -33.15 42.89
N LEU B 1551 -45.04 -33.51 43.07
CA LEU B 1551 -44.70 -34.83 43.61
C LEU B 1551 -45.17 -34.97 45.05
N LEU B 1552 -44.96 -33.93 45.86
CA LEU B 1552 -45.39 -33.96 47.24
C LEU B 1552 -46.89 -33.70 47.38
N ASP B 1553 -47.53 -33.21 46.32
CA ASP B 1553 -48.98 -33.10 46.32
C ASP B 1553 -49.64 -34.46 46.26
N VAL B 1554 -49.10 -35.37 45.45
CA VAL B 1554 -49.65 -36.72 45.33
C VAL B 1554 -49.38 -37.53 46.60
N MET B 1555 -48.16 -37.41 47.14
CA MET B 1555 -47.82 -38.08 48.38
C MET B 1555 -48.42 -37.42 49.61
N ASN B 1556 -48.98 -36.21 49.46
CA ASN B 1556 -49.57 -35.40 50.53
C ASN B 1556 -48.55 -35.13 51.65
N ASP B 1557 -47.32 -34.82 51.25
CA ASP B 1557 -46.23 -34.56 52.20
C ASP B 1557 -46.32 -33.10 52.66
N ARG B 1558 -47.20 -32.88 53.64
CA ARG B 1558 -47.37 -31.56 54.22
C ARG B 1558 -46.18 -31.16 55.09
N THR B 1559 -45.51 -32.15 55.70
CA THR B 1559 -44.43 -31.87 56.64
C THR B 1559 -43.19 -31.34 55.93
N ASN B 1560 -42.78 -31.99 54.84
CA ASN B 1560 -41.58 -31.58 54.13
C ASN B 1560 -41.80 -30.33 53.28
N MET B 1561 -43.05 -29.96 53.01
CA MET B 1561 -43.33 -28.79 52.19
C MET B 1561 -43.00 -27.50 52.93
N GLY B 1562 -43.40 -27.41 54.19
CA GLY B 1562 -43.07 -26.23 55.00
C GLY B 1562 -41.59 -26.11 55.29
N ALA B 1563 -40.92 -27.24 55.46
CA ALA B 1563 -39.47 -27.25 55.60
C ALA B 1563 -38.78 -26.80 54.32
N LEU B 1564 -39.32 -27.22 53.17
CA LEU B 1564 -38.81 -26.74 51.89
C LEU B 1564 -39.16 -25.27 51.67
N LEU B 1565 -40.29 -24.81 52.23
CA LEU B 1565 -40.74 -23.44 52.03
C LEU B 1565 -39.80 -22.43 52.68
N ARG B 1566 -39.13 -22.83 53.76
CA ARG B 1566 -38.10 -21.98 54.35
C ARG B 1566 -36.88 -21.87 53.44
N ARG B 1567 -36.59 -22.93 52.69
CA ARG B 1567 -35.45 -22.89 51.77
C ARG B 1567 -35.76 -22.05 50.55
N ILE B 1568 -37.01 -22.06 50.11
CA ILE B 1568 -37.44 -21.20 49.01
C ILE B 1568 -37.41 -19.73 49.45
N ARG B 1569 -37.84 -19.47 50.69
CA ARG B 1569 -37.86 -18.11 51.21
C ARG B 1569 -36.45 -17.59 51.47
N LYS B 1570 -35.52 -18.50 51.82
CA LYS B 1570 -34.14 -18.07 52.05
C LYS B 1570 -33.40 -17.84 50.73
N LYS B 1571 -33.73 -18.58 49.69
CA LYS B 1571 -33.05 -18.50 48.41
C LYS B 1571 -33.89 -17.77 47.37
N GLY B 1572 -34.50 -16.66 47.77
CA GLY B 1572 -35.39 -15.92 46.87
C GLY B 1572 -34.66 -15.23 45.73
N ALA B 1573 -33.47 -14.68 46.00
CA ALA B 1573 -32.72 -13.99 44.97
C ALA B 1573 -32.06 -14.96 43.99
N ASP B 1574 -31.94 -16.23 44.35
CA ASP B 1574 -31.33 -17.23 43.49
C ASP B 1574 -32.31 -17.83 42.49
N PHE B 1575 -33.60 -17.55 42.63
CA PHE B 1575 -34.63 -18.15 41.79
C PHE B 1575 -35.06 -17.16 40.73
N TYR B 1576 -34.98 -17.57 39.47
CA TYR B 1576 -35.51 -16.76 38.38
C TYR B 1576 -37.03 -16.82 38.40
N HIS B 1577 -37.65 -15.62 38.33
CA HIS B 1577 -39.09 -15.40 38.53
C HIS B 1577 -39.57 -16.01 39.84
N PHE B 1578 -38.94 -15.56 40.93
CA PHE B 1578 -39.19 -16.12 42.25
C PHE B 1578 -40.59 -15.79 42.77
N ASN B 1579 -41.09 -14.59 42.43
CA ASN B 1579 -42.43 -14.19 42.85
C ASN B 1579 -43.50 -15.05 42.16
N GLU B 1580 -43.29 -15.37 40.88
CA GLU B 1580 -44.21 -16.24 40.17
C GLU B 1580 -44.12 -17.68 40.65
N LEU B 1581 -42.94 -18.09 41.11
CA LEU B 1581 -42.79 -19.42 41.71
C LEU B 1581 -43.49 -19.50 43.05
N TRP B 1582 -43.55 -18.37 43.78
CA TRP B 1582 -44.19 -18.36 45.09
C TRP B 1582 -45.71 -18.41 44.97
N GLN B 1583 -46.26 -18.07 43.80
CA GLN B 1583 -47.69 -18.22 43.59
C GLN B 1583 -48.09 -19.69 43.51
N TYR B 1584 -47.32 -20.47 42.76
CA TYR B 1584 -47.68 -21.87 42.51
C TYR B 1584 -47.48 -22.74 43.75
N CYS B 1585 -46.42 -22.47 44.51
CA CYS B 1585 -46.08 -23.31 45.64
C CYS B 1585 -47.02 -23.08 46.82
N VAL B 1586 -47.45 -21.84 47.03
CA VAL B 1586 -48.36 -21.52 48.12
C VAL B 1586 -49.76 -22.05 47.81
N HIS B 1587 -50.23 -21.87 46.57
CA HIS B 1587 -51.57 -22.30 46.18
C HIS B 1587 -51.70 -23.82 46.17
N THR B 1588 -50.61 -24.52 45.86
CA THR B 1588 -50.60 -25.97 46.00
C THR B 1588 -50.56 -26.36 47.48
N TYR B 1589 -49.88 -25.57 48.30
CA TYR B 1589 -49.86 -25.84 49.74
C TYR B 1589 -51.19 -25.48 50.39
N VAL B 1590 -51.88 -24.46 49.85
CA VAL B 1590 -53.25 -24.16 50.26
C VAL B 1590 -54.16 -25.33 49.90
N LYS B 1591 -53.96 -25.93 48.72
CA LYS B 1591 -54.60 -27.20 48.39
C LYS B 1591 -54.14 -28.32 49.32
N LEU B 1592 -52.84 -28.36 49.64
CA LEU B 1592 -52.32 -29.42 50.50
C LEU B 1592 -52.76 -29.25 51.94
N LEU B 1593 -53.02 -28.00 52.36
CA LEU B 1593 -53.65 -27.80 53.66
C LEU B 1593 -55.10 -28.22 53.63
N ARG B 1594 -55.75 -28.11 52.47
CA ARG B 1594 -57.13 -28.58 52.35
C ARG B 1594 -57.20 -30.07 52.08
N ASP B 1595 -56.17 -30.64 51.43
CA ASP B 1595 -56.17 -32.07 51.17
C ASP B 1595 -55.90 -32.87 52.45
N THR B 1596 -54.99 -32.37 53.30
CA THR B 1596 -54.62 -33.10 54.50
C THR B 1596 -55.70 -33.01 55.57
N PHE B 1597 -56.29 -31.82 55.75
CA PHE B 1597 -57.14 -31.55 56.90
C PHE B 1597 -58.62 -31.51 56.57
N ASN B 1598 -58.98 -31.62 55.28
CA ASN B 1598 -60.37 -31.66 54.77
C ASN B 1598 -61.18 -30.44 55.18
N ILE B 1599 -60.64 -29.26 54.91
CA ILE B 1599 -61.25 -28.01 55.32
C ILE B 1599 -62.43 -27.68 54.41
N PRO B 1600 -63.64 -27.50 54.95
CA PRO B 1600 -64.76 -27.05 54.12
C PRO B 1600 -64.62 -25.58 53.77
N VAL B 1601 -65.22 -25.21 52.63
CA VAL B 1601 -65.20 -23.84 52.16
C VAL B 1601 -66.46 -23.14 52.66
N SER B 1602 -66.29 -22.04 53.39
CA SER B 1602 -67.41 -21.32 54.00
C SER B 1602 -68.07 -20.47 52.93
N GLU B 1603 -69.06 -21.05 52.23
CA GLU B 1603 -69.82 -20.28 51.25
C GLU B 1603 -70.80 -19.34 51.92
N GLU B 1604 -71.37 -19.74 53.05
CA GLU B 1604 -72.33 -18.93 53.80
C GLU B 1604 -71.65 -18.38 55.05
N ASP B 1605 -71.82 -17.09 55.28
CA ASP B 1605 -71.24 -16.43 56.44
C ASP B 1605 -72.10 -16.75 57.67
N VAL B 1606 -71.57 -17.60 58.55
CA VAL B 1606 -72.28 -17.95 59.78
C VAL B 1606 -72.11 -16.85 60.83
N PHE B 1607 -71.18 -15.91 60.63
CA PHE B 1607 -70.96 -14.81 61.55
C PHE B 1607 -71.92 -13.66 61.33
N LYS B 1608 -72.83 -13.76 60.35
CA LYS B 1608 -73.87 -12.75 60.18
C LYS B 1608 -74.87 -12.78 61.32
N THR B 1609 -75.13 -13.97 61.87
CA THR B 1609 -76.04 -14.10 63.01
C THR B 1609 -75.46 -13.55 64.31
N LEU B 1610 -74.13 -13.40 64.39
CA LEU B 1610 -73.48 -12.87 65.58
C LEU B 1610 -73.39 -11.35 65.49
N THR B 1611 -73.69 -10.69 66.61
CA THR B 1611 -73.33 -9.30 66.78
C THR B 1611 -71.83 -9.20 66.99
N PRO B 1612 -71.22 -8.02 66.72
CA PRO B 1612 -69.79 -7.85 67.05
C PRO B 1612 -69.47 -7.94 68.54
N GLU B 1613 -70.43 -7.66 69.42
CA GLU B 1613 -70.23 -7.87 70.84
C GLU B 1613 -70.23 -9.35 71.19
N GLU B 1614 -71.13 -10.12 70.57
CA GLU B 1614 -71.19 -11.56 70.84
C GLU B 1614 -70.05 -12.30 70.16
N PHE B 1615 -69.56 -11.77 69.04
CA PHE B 1615 -68.46 -12.41 68.33
C PHE B 1615 -67.15 -12.31 69.11
N ASP B 1616 -66.99 -11.24 69.90
CA ASP B 1616 -65.85 -11.13 70.78
C ASP B 1616 -65.95 -12.14 71.94
N VAL B 1617 -67.17 -12.47 72.35
CA VAL B 1617 -67.36 -13.46 73.40
C VAL B 1617 -67.01 -14.86 72.88
N VAL B 1618 -67.50 -15.20 71.69
CA VAL B 1618 -67.22 -16.51 71.10
C VAL B 1618 -65.76 -16.61 70.66
N GLY B 1619 -65.22 -15.51 70.13
CA GLY B 1619 -63.83 -15.50 69.67
C GLY B 1619 -62.82 -15.63 70.80
N GLU B 1620 -63.14 -15.10 71.98
CA GLU B 1620 -62.31 -15.37 73.15
C GLU B 1620 -62.55 -16.79 73.68
N LYS B 1621 -63.79 -17.29 73.53
CA LYS B 1621 -64.08 -18.67 73.92
C LYS B 1621 -63.43 -19.67 72.97
N ILE B 1622 -63.29 -19.30 71.69
CA ILE B 1622 -62.57 -20.11 70.73
C ILE B 1622 -61.08 -20.18 71.09
N ALA B 1623 -60.52 -19.03 71.47
CA ALA B 1623 -59.12 -18.98 71.91
C ALA B 1623 -58.91 -19.73 73.22
N ASP B 1624 -59.89 -19.67 74.13
CA ASP B 1624 -59.81 -20.47 75.34
C ASP B 1624 -60.01 -21.96 75.06
N TRP B 1625 -60.80 -22.28 74.03
CA TRP B 1625 -60.89 -23.67 73.58
C TRP B 1625 -59.58 -24.12 72.93
N ALA B 1626 -58.90 -23.20 72.23
CA ALA B 1626 -57.67 -23.55 71.53
C ALA B 1626 -56.50 -23.78 72.49
N ALA B 1627 -56.59 -23.29 73.73
CA ALA B 1627 -55.58 -23.59 74.74
C ALA B 1627 -55.75 -24.97 75.36
N THR B 1628 -56.88 -25.63 75.14
CA THR B 1628 -57.07 -26.97 75.65
C THR B 1628 -56.27 -27.98 74.83
N PRO B 1629 -55.80 -29.07 75.46
CA PRO B 1629 -55.09 -30.10 74.68
C PRO B 1629 -55.97 -30.89 73.72
N ASP B 1630 -57.29 -30.85 73.88
CA ASP B 1630 -58.18 -31.52 72.93
C ASP B 1630 -58.24 -30.80 71.58
N ALA B 1631 -57.91 -29.50 71.56
CA ALA B 1631 -57.91 -28.74 70.32
C ALA B 1631 -56.67 -28.99 69.47
N GLU B 1632 -55.65 -29.67 70.01
CA GLU B 1632 -54.46 -29.98 69.23
C GLU B 1632 -54.72 -31.05 68.18
N ASN B 1633 -55.72 -31.91 68.42
CA ASN B 1633 -56.12 -32.92 67.46
C ASN B 1633 -57.13 -32.42 66.44
N HIS B 1634 -57.56 -31.16 66.54
CA HIS B 1634 -58.53 -30.58 65.62
C HIS B 1634 -57.84 -30.24 64.30
N ASP B 1635 -58.42 -30.69 63.19
CA ASP B 1635 -57.80 -30.47 61.89
C ASP B 1635 -57.99 -29.04 61.40
N ALA B 1636 -59.09 -28.40 61.81
CA ALA B 1636 -59.35 -27.04 61.36
C ALA B 1636 -58.45 -26.03 62.07
N LEU B 1637 -58.15 -26.27 63.35
CA LEU B 1637 -57.22 -25.41 64.06
C LEU B 1637 -55.79 -25.64 63.57
N GLY B 1638 -55.44 -26.89 63.29
CA GLY B 1638 -54.08 -27.19 62.83
C GLY B 1638 -53.78 -26.66 61.44
N ALA B 1639 -54.77 -26.68 60.55
CA ALA B 1639 -54.60 -26.11 59.22
C ALA B 1639 -54.56 -24.59 59.27
N MET B 1640 -55.19 -23.99 60.28
CA MET B 1640 -55.12 -22.55 60.43
C MET B 1640 -53.75 -22.11 60.94
N LYS B 1641 -53.08 -22.96 61.71
CA LYS B 1641 -51.79 -22.63 62.29
C LYS B 1641 -50.71 -22.50 61.21
N GLU B 1642 -50.69 -23.43 60.25
CA GLU B 1642 -49.74 -23.33 59.15
C GLU B 1642 -50.13 -22.21 58.18
N ALA B 1643 -51.43 -21.94 58.06
CA ALA B 1643 -51.88 -20.83 57.23
C ALA B 1643 -51.53 -19.48 57.86
N VAL B 1644 -51.46 -19.44 59.19
CA VAL B 1644 -50.94 -18.27 59.89
C VAL B 1644 -49.46 -18.08 59.59
N GLU B 1645 -48.70 -19.17 59.62
CA GLU B 1645 -47.27 -19.10 59.30
C GLU B 1645 -47.04 -18.87 57.81
N LEU B 1646 -48.00 -19.26 56.98
CA LEU B 1646 -47.90 -19.01 55.54
C LEU B 1646 -48.04 -17.53 55.23
N LYS B 1647 -48.88 -16.82 55.99
CA LYS B 1647 -48.99 -15.38 55.81
C LYS B 1647 -47.75 -14.66 56.33
N LYS B 1648 -47.12 -15.21 57.38
CA LYS B 1648 -45.85 -14.69 57.85
C LYS B 1648 -44.74 -14.95 56.84
N LEU B 1649 -44.75 -16.13 56.21
CA LEU B 1649 -43.71 -16.47 55.24
C LEU B 1649 -43.94 -15.76 53.91
N ASN B 1650 -45.18 -15.30 53.65
CA ASN B 1650 -45.46 -14.55 52.44
C ASN B 1650 -44.80 -13.17 52.49
N ALA B 1651 -44.99 -12.44 53.60
CA ALA B 1651 -44.59 -11.04 53.79
C ALA B 1651 -45.11 -10.13 52.69
N ASN B 1652 -46.37 -10.37 52.27
CA ASN B 1652 -47.07 -9.69 51.17
C ASN B 1652 -46.32 -9.74 49.85
N LEU B 1653 -45.61 -10.84 49.57
CA LEU B 1653 -45.08 -11.05 48.23
C LEU B 1653 -46.19 -11.30 47.22
N MET B 1654 -47.28 -11.94 47.65
CA MET B 1654 -48.49 -12.06 46.85
C MET B 1654 -49.62 -11.33 47.56
N LYS B 1655 -50.84 -11.48 47.06
CA LYS B 1655 -52.00 -10.94 47.74
C LYS B 1655 -52.30 -11.79 48.97
N ALA B 1656 -52.46 -11.14 50.12
CA ALA B 1656 -52.67 -11.86 51.36
C ALA B 1656 -54.14 -12.25 51.59
N GLY B 1657 -55.04 -11.85 50.68
CA GLY B 1657 -56.45 -12.18 50.85
C GLY B 1657 -56.75 -13.65 50.63
N LEU B 1658 -55.97 -14.29 49.75
CA LEU B 1658 -56.16 -15.73 49.52
C LEU B 1658 -55.66 -16.55 50.70
N ILE B 1659 -54.66 -16.04 51.41
CA ILE B 1659 -54.23 -16.66 52.67
C ILE B 1659 -55.31 -16.50 53.73
N ASP B 1660 -55.97 -15.34 53.72
CA ASP B 1660 -57.01 -15.07 54.72
C ASP B 1660 -58.31 -15.83 54.42
N ASP B 1661 -58.48 -16.28 53.18
CA ASP B 1661 -59.63 -17.12 52.85
C ASP B 1661 -59.52 -18.49 53.50
N LEU B 1662 -58.31 -19.06 53.50
CA LEU B 1662 -58.10 -20.34 54.17
C LEU B 1662 -58.14 -20.20 55.68
N ILE B 1663 -57.70 -19.04 56.19
CA ILE B 1663 -57.73 -18.79 57.63
C ILE B 1663 -59.16 -18.66 58.13
N ALA B 1664 -59.99 -17.89 57.41
CA ALA B 1664 -61.36 -17.65 57.84
C ALA B 1664 -62.23 -18.90 57.67
N ASP B 1665 -61.95 -19.72 56.65
CA ASP B 1665 -62.68 -20.97 56.49
C ASP B 1665 -62.28 -21.99 57.54
N CYS B 1666 -61.00 -21.99 57.95
CA CYS B 1666 -60.58 -22.82 59.07
C CYS B 1666 -61.13 -22.30 60.38
N TYR B 1667 -61.27 -20.98 60.51
CA TYR B 1667 -61.83 -20.40 61.72
C TYR B 1667 -63.31 -20.67 61.83
N THR B 1668 -64.02 -20.68 60.71
CA THR B 1668 -65.46 -20.95 60.72
C THR B 1668 -65.73 -22.42 61.02
N ALA B 1669 -64.85 -23.31 60.57
CA ALA B 1669 -64.98 -24.73 60.91
C ALA B 1669 -64.67 -24.97 62.38
N VAL B 1670 -63.77 -24.16 62.95
CA VAL B 1670 -63.58 -24.13 64.40
C VAL B 1670 -64.82 -23.56 65.08
N TYR B 1671 -65.37 -22.47 64.51
CA TYR B 1671 -66.55 -21.81 65.09
C TYR B 1671 -67.80 -22.69 65.00
N SER B 1672 -67.84 -23.61 64.03
CA SER B 1672 -68.91 -24.59 63.97
C SER B 1672 -68.77 -25.69 65.03
N TYR B 1673 -67.65 -25.74 65.76
CA TYR B 1673 -67.42 -26.74 66.79
C TYR B 1673 -67.46 -26.16 68.21
N VAL B 1674 -66.89 -24.97 68.42
CA VAL B 1674 -66.84 -24.39 69.76
C VAL B 1674 -68.20 -23.84 70.18
N ARG B 1675 -68.94 -23.24 69.24
CA ARG B 1675 -70.26 -22.69 69.53
C ARG B 1675 -71.31 -23.73 69.91
N PRO B 1676 -71.33 -24.98 69.37
CA PRO B 1676 -72.13 -26.02 70.05
C PRO B 1676 -71.68 -26.34 71.48
N GLU B 1677 -70.39 -26.23 71.78
CA GLU B 1677 -69.92 -26.48 73.14
C GLU B 1677 -70.29 -25.33 74.07
N ARG B 1766 -65.17 -9.25 57.81
CA ARG B 1766 -64.01 -10.11 57.55
C ARG B 1766 -62.67 -9.80 58.30
N PRO B 1767 -62.21 -8.53 58.43
CA PRO B 1767 -60.97 -8.31 59.21
C PRO B 1767 -61.10 -8.62 60.70
N ASN B 1768 -62.31 -8.53 61.25
CA ASN B 1768 -62.51 -8.95 62.63
C ASN B 1768 -62.52 -10.47 62.75
N ILE B 1769 -62.90 -11.17 61.68
CA ILE B 1769 -62.93 -12.63 61.69
C ILE B 1769 -61.51 -13.20 61.73
N ILE B 1770 -60.61 -12.61 60.95
CA ILE B 1770 -59.21 -13.02 60.96
C ILE B 1770 -58.54 -12.62 62.28
N ARG B 1771 -58.96 -11.47 62.85
CA ARG B 1771 -58.36 -10.98 64.09
C ARG B 1771 -58.71 -11.88 65.28
N LYS B 1772 -59.94 -12.38 65.32
CA LYS B 1772 -60.28 -13.38 66.33
C LYS B 1772 -59.68 -14.74 66.00
N ALA B 1773 -59.43 -15.00 64.71
CA ALA B 1773 -58.67 -16.19 64.33
C ALA B 1773 -57.20 -16.05 64.70
N GLU B 1774 -56.69 -14.80 64.67
CA GLU B 1774 -55.30 -14.56 65.08
C GLU B 1774 -55.11 -14.79 66.57
N GLN B 1775 -56.09 -14.36 67.38
CA GLN B 1775 -56.00 -14.55 68.82
C GLN B 1775 -56.27 -15.99 69.22
N ALA B 1776 -56.94 -16.76 68.35
CA ALA B 1776 -57.17 -18.18 68.61
C ALA B 1776 -55.87 -18.98 68.51
N VAL B 1777 -55.07 -18.70 67.48
CA VAL B 1777 -53.78 -19.36 67.32
C VAL B 1777 -52.79 -18.86 68.37
N GLN B 1778 -52.92 -17.58 68.77
CA GLN B 1778 -52.05 -17.00 69.79
C GLN B 1778 -52.25 -17.65 71.15
N ALA B 1779 -53.50 -17.87 71.55
CA ALA B 1779 -53.76 -18.54 72.82
C ALA B 1779 -53.45 -20.03 72.75
N ALA B 1780 -53.53 -20.60 71.54
CA ALA B 1780 -53.14 -22.00 71.37
C ALA B 1780 -51.63 -22.18 71.51
N LEU B 1781 -50.85 -21.25 70.97
CA LEU B 1781 -49.40 -21.38 71.03
C LEU B 1781 -48.86 -21.03 72.41
N ARG B 1782 -49.62 -20.25 73.19
CA ARG B 1782 -49.19 -19.95 74.57
C ARG B 1782 -49.31 -21.17 75.46
N ALA B 1783 -50.35 -21.98 75.25
CA ALA B 1783 -50.51 -23.21 76.03
C ALA B 1783 -49.52 -24.27 75.61
N ALA B 1784 -49.11 -24.26 74.34
CA ALA B 1784 -48.13 -25.22 73.85
C ALA B 1784 -46.74 -24.95 74.43
N GLU B 1785 -46.37 -23.68 74.54
CA GLU B 1785 -45.09 -23.34 75.16
C GLU B 1785 -45.13 -23.53 76.67
N GLY B 1786 -46.30 -23.36 77.28
CA GLY B 1786 -46.43 -23.60 78.70
C GLY B 1786 -46.32 -25.06 79.08
N ALA B 1787 -46.85 -25.94 78.24
CA ALA B 1787 -46.76 -27.38 78.50
C ALA B 1787 -45.34 -27.90 78.31
N ALA B 1788 -44.64 -27.36 77.32
CA ALA B 1788 -43.27 -27.80 77.05
C ALA B 1788 -42.29 -27.33 78.11
N ALA B 1789 -42.55 -26.15 78.69
CA ALA B 1789 -41.64 -25.60 79.70
C ALA B 1789 -41.73 -26.36 81.01
N ARG B 1790 -42.93 -26.83 81.36
CA ARG B 1790 -43.12 -27.56 82.62
C ARG B 1790 -42.55 -28.97 82.54
N ALA B 1791 -42.48 -29.55 81.33
CA ALA B 1791 -41.93 -30.87 81.17
C ALA B 1791 -40.42 -30.87 81.35
N GLY B 1792 -39.74 -29.84 80.88
CA GLY B 1792 -38.30 -29.74 81.04
C GLY B 1792 -37.84 -29.40 82.45
N THR B 1793 -38.72 -28.80 83.24
CA THR B 1793 -38.38 -28.43 84.62
C THR B 1793 -38.43 -29.65 85.54
#